data_9LFQ
#
_entry.id   9LFQ
#
_cell.length_a   52.888
_cell.length_b   140.715
_cell.length_c   130.775
_cell.angle_alpha   90.00
_cell.angle_beta   101.49
_cell.angle_gamma   90.00
#
_symmetry.space_group_name_H-M   'P 1 21 1'
#
loop_
_entity.id
_entity.type
_entity.pdbx_description
1 polymer AprG
2 polymer AprG
3 polymer AprG
4 non-polymer ~{N}-(2-oxidanylideneethyl)ethanamide
5 non-polymer D-Erythrose
6 non-polymer DI(HYDROXYETHYL)ETHER
7 non-polymer 2-acetamido-2-deoxy-beta-D-glucopyranose
8 non-polymer N-Acetylglucosamine
9 water water
#
loop_
_entity_poly.entity_id
_entity_poly.type
_entity_poly.pdbx_seq_one_letter_code
_entity_poly.pdbx_strand_id
1 'polypeptide(L)'
;GAGAGALSGNSPHELKNAAQRAADWLVERQRPNGALPSRTAVIESCYKGMWALHTAGHTQAASAVADYVTSLLQPDGDIP
QPREERYFLDVHYLYANGYLTIGAHVLGRFGLSRKLMSFVETMRNPATGGFRSHGPAIPGDGRCDSVSTSISGLAALYTG
RVDTARSAADFLGSLWVGQPDRKNVFHAVADASGAVLTSDDAVAVQVRKAEGDWYFIGLPAFFLTALYEATEDRAYLDLA
TDLMTYMDEDCDEDAFVDSSCGKAGVAAALLYRLTGRPRYREIAEGIGTLLCERQSPYGYWSEEETGDVADLFWGDLDMT
AEYVLWLDLIGRNLASGERVWAGKR
;
A,D,E
2 'polypeptide(L)'
;GAGAGALSGNSPHELKNAAQRAADWLVERQRPNGALPSRTAVIESCYKGMWALHTAGHTQAASAVADYVTSLLQPDGDIP
QPREERYFLDVHYLYANGYLTIGAHVLGRFGLSRKLMSFVETMRNPATGGFRSHGPAIPGDGRCDSVSTSISGLAALYTG
RVDTARSAADFLGSLWVGQPDRKNVFHAVADASGAVLTSDDAVAVQVRKAEGDWYFIGLPAFFLTALYEATEDRAYLDLA
TDLMTYMDEDCDEDAFVDSSCG(A1EJ4)AGVAAALLYRLTGRPRYREIAEGIGTLLCERQSPYGYWSEEETGDVADLFW
GDLDMTAEYVLWLDLIGRNLASGERVWAGKR
;
B,C
3 'polypeptide(L)'
;GAGAGALSGNSPHELKNAAQRAADWLVERQRPNGALPSRTAVIESCYKGMWALHTAGHTQAASAVADYVTSLLQPDGDIP
QPREERYFLDVHYLYANGYLTIGAHVLGRFGLSRKLMSFVETMRNPATGGFRSHGPAIPGDGRCDSVSTSISGLAALYTG
RVDTARSAADFLGSLWVGQPDRKNVFHAVADASGAVLTSDDAVAVQVRKAEGDWYFIGLPAFFLTALYEATEDRAYLDLA
TDLMTYMDEDCDEDAFVDSSCG(A1EJ1)AGVAAALLYRLTGRPRYREIAEGIGTLLCERQSPYGYWSEEETGDVADLFW
GDLDMTAEYVLWLDLIGRNLASGERVWAGKR
;
F
#
loop_
_chem_comp.id
_chem_comp.type
_chem_comp.name
_chem_comp.formula
A1EJ0 D-saccharide N-Acetylglucosamine 'C8 H15 N O6'
A1EJ2 D-saccharide D-Erythrose 'C4 H8 O4'
A1EJ3 non-polymer ~{N}-(2-oxidanylideneethyl)ethanamide 'C4 H7 N O2'
NAG D-saccharide, beta linking 2-acetamido-2-deoxy-beta-D-glucopyranose 'C8 H15 N O6'
PEG non-polymer DI(HYDROXYETHYL)ETHER 'C4 H10 O3'
#
# COMPACT_ATOMS: atom_id res chain seq x y z
N GLY A 9 10.17 41.85 3.10
CA GLY A 9 10.06 40.41 3.24
C GLY A 9 11.39 39.69 3.05
N ASN A 10 11.47 38.46 3.55
CA ASN A 10 12.68 37.65 3.44
C ASN A 10 12.51 36.59 2.37
N SER A 11 13.59 36.31 1.66
CA SER A 11 13.58 35.39 0.53
C SER A 11 13.70 33.94 1.00
N PRO A 12 13.34 32.99 0.13
CA PRO A 12 13.56 31.57 0.48
C PRO A 12 14.98 31.25 0.88
N HIS A 13 15.96 31.93 0.27
CA HIS A 13 17.35 31.77 0.68
C HIS A 13 17.55 32.17 2.14
N GLU A 14 16.87 33.23 2.58
CA GLU A 14 16.99 33.69 3.96
C GLU A 14 16.17 32.84 4.92
N LEU A 15 15.00 32.35 4.49
CA LEU A 15 14.26 31.40 5.32
C LEU A 15 15.07 30.13 5.52
N LYS A 16 15.80 29.69 4.50
CA LYS A 16 16.59 28.48 4.60
C LYS A 16 17.79 28.66 5.52
N ASN A 17 18.47 29.81 5.42
CA ASN A 17 19.61 30.08 6.29
C ASN A 17 19.19 30.14 7.75
N ALA A 18 18.02 30.72 8.03
CA ALA A 18 17.49 30.70 9.39
C ALA A 18 17.22 29.28 9.85
N ALA A 19 16.81 28.40 8.93
CA ALA A 19 16.58 27.00 9.29
C ALA A 19 17.89 26.29 9.58
N GLN A 20 18.93 26.53 8.76
CA GLN A 20 20.20 25.86 8.96
C GLN A 20 20.90 26.36 10.22
N ARG A 21 20.64 27.60 10.64
CA ARG A 21 21.24 28.10 11.88
C ARG A 21 20.70 27.36 13.09
N ALA A 22 19.38 27.13 13.13
CA ALA A 22 18.80 26.38 14.24
C ALA A 22 19.23 24.93 14.21
N ALA A 23 19.30 24.33 13.02
CA ALA A 23 19.75 22.96 12.90
C ALA A 23 21.19 22.79 13.34
N ASP A 24 22.03 23.80 13.05
CA ASP A 24 23.39 23.78 13.59
C ASP A 24 23.37 23.83 15.11
N TRP A 25 22.55 24.72 15.67
CA TRP A 25 22.45 24.84 17.12
C TRP A 25 22.11 23.50 17.77
N LEU A 26 21.16 22.77 17.18
CA LEU A 26 20.72 21.50 17.76
C LEU A 26 21.85 20.47 17.71
N VAL A 27 22.52 20.35 16.57
CA VAL A 27 23.57 19.36 16.41
C VAL A 27 24.74 19.65 17.35
N GLU A 28 25.02 20.92 17.62
CA GLU A 28 26.09 21.27 18.55
C GLU A 28 25.86 20.67 19.93
N ARG A 29 24.60 20.54 20.35
CA ARG A 29 24.25 20.17 21.71
C ARG A 29 23.49 18.85 21.79
N GLN A 30 23.60 18.01 20.76
CA GLN A 30 22.94 16.71 20.79
C GLN A 30 23.69 15.76 21.72
N ARG A 31 22.95 15.00 22.51
CA ARG A 31 23.55 14.07 23.44
C ARG A 31 24.12 12.87 22.69
N PRO A 32 25.12 12.19 23.27
CA PRO A 32 25.73 11.04 22.57
C PRO A 32 24.78 9.89 22.35
N ASN A 33 23.69 9.79 23.11
CA ASN A 33 22.68 8.76 22.86
C ASN A 33 21.73 9.14 21.75
N GLY A 34 21.87 10.33 21.16
CA GLY A 34 21.04 10.79 20.08
C GLY A 34 19.99 11.81 20.46
N ALA A 35 19.68 11.93 21.76
CA ALA A 35 18.65 12.86 22.20
C ALA A 35 19.07 14.30 21.95
N LEU A 36 18.08 15.13 21.62
CA LEU A 36 18.33 16.55 21.44
C LEU A 36 18.36 17.26 22.79
N PRO A 37 19.07 18.39 22.90
CA PRO A 37 19.31 19.00 24.22
C PRO A 37 18.04 19.50 24.92
N SER A 38 17.26 18.59 25.48
CA SER A 38 16.09 18.95 26.25
C SER A 38 16.41 18.93 27.74
N ARG A 39 15.81 19.85 28.47
CA ARG A 39 15.99 19.85 29.93
C ARG A 39 15.27 18.70 30.59
N THR A 40 14.25 18.14 29.95
CA THR A 40 13.55 16.96 30.42
C THR A 40 13.53 15.92 29.31
N ALA A 41 13.77 14.66 29.68
CA ALA A 41 13.80 13.56 28.71
C ALA A 41 12.38 13.11 28.44
N VAL A 42 11.77 13.68 27.41
CA VAL A 42 10.42 13.32 26.97
C VAL A 42 10.41 13.24 25.45
N ILE A 43 9.48 12.45 24.92
CA ILE A 43 9.42 12.26 23.47
C ILE A 43 8.88 13.50 22.79
N GLU A 44 8.04 14.28 23.48
CA GLU A 44 7.49 15.50 22.88
C GLU A 44 8.52 16.61 22.75
N SER A 45 9.78 16.36 23.13
CA SER A 45 10.84 17.35 22.98
C SER A 45 11.65 17.14 21.70
N CYS A 46 11.50 15.99 21.04
CA CYS A 46 12.35 15.70 19.88
C CYS A 46 11.63 14.88 18.80
N TYR A 47 10.31 14.82 18.80
CA TYR A 47 9.61 13.97 17.84
C TYR A 47 9.70 14.51 16.42
N LYS A 48 9.95 15.80 16.25
CA LYS A 48 10.21 16.37 14.93
C LYS A 48 11.69 16.33 14.57
N GLY A 49 12.53 15.71 15.41
CA GLY A 49 13.96 15.80 15.21
C GLY A 49 14.45 15.05 13.98
N MET A 50 13.95 13.83 13.77
CA MET A 50 14.37 13.04 12.60
C MET A 50 14.06 13.78 11.30
N TRP A 51 12.84 14.28 11.16
CA TRP A 51 12.46 14.96 9.93
C TRP A 51 13.21 16.28 9.79
N ALA A 52 13.23 17.10 10.84
CA ALA A 52 13.82 18.43 10.76
C ALA A 52 15.30 18.36 10.39
N LEU A 53 16.07 17.54 11.12
CA LEU A 53 17.50 17.44 10.85
C LEU A 53 17.80 16.80 9.51
N HIS A 54 16.89 15.97 8.99
CA HIS A 54 17.09 15.40 7.65
C HIS A 54 16.96 16.47 6.58
N THR A 55 15.91 17.30 6.67
CA THR A 55 15.73 18.37 5.69
C THR A 55 16.81 19.43 5.79
N ALA A 56 17.55 19.47 6.89
CA ALA A 56 18.65 20.42 7.06
C ALA A 56 19.99 19.82 6.66
N GLY A 57 20.01 18.58 6.18
CA GLY A 57 21.24 17.93 5.79
C GLY A 57 22.02 17.30 6.92
N HIS A 58 21.59 17.47 8.17
CA HIS A 58 22.26 16.84 9.30
C HIS A 58 21.73 15.42 9.44
N THR A 59 22.22 14.55 8.55
CA THR A 59 21.70 13.19 8.46
C THR A 59 22.24 12.29 9.57
N GLN A 60 23.51 12.46 9.94
CA GLN A 60 24.06 11.68 11.04
C GLN A 60 23.40 12.06 12.37
N ALA A 61 23.09 13.34 12.54
CA ALA A 61 22.34 13.75 13.74
C ALA A 61 20.91 13.25 13.67
N ALA A 62 20.30 13.28 12.48
CA ALA A 62 18.96 12.71 12.34
C ALA A 62 18.96 11.21 12.59
N SER A 63 20.00 10.51 12.11
CA SER A 63 20.10 9.08 12.36
C SER A 63 20.33 8.80 13.84
N ALA A 64 21.00 9.70 14.55
CA ALA A 64 21.18 9.53 15.99
C ALA A 64 19.85 9.61 16.72
N VAL A 65 19.01 10.58 16.36
CA VAL A 65 17.66 10.65 16.92
C VAL A 65 16.89 9.38 16.61
N ALA A 66 17.06 8.84 15.40
CA ALA A 66 16.44 7.57 15.05
C ALA A 66 16.93 6.44 15.96
N ASP A 67 18.19 6.50 16.40
CA ASP A 67 18.68 5.54 17.36
C ASP A 67 18.04 5.75 18.73
N TYR A 68 17.90 7.01 19.15
CA TYR A 68 17.25 7.30 20.42
C TYR A 68 15.79 6.91 20.40
N VAL A 69 15.11 7.13 19.27
CA VAL A 69 13.70 6.78 19.16
C VAL A 69 13.53 5.27 19.10
N THR A 70 14.44 4.57 18.40
CA THR A 70 14.33 3.12 18.27
C THR A 70 14.52 2.43 19.62
N SER A 71 15.44 2.94 20.44
CA SER A 71 15.66 2.33 21.75
C SER A 71 14.49 2.55 22.70
N LEU A 72 13.62 3.50 22.41
CA LEU A 72 12.42 3.74 23.20
C LEU A 72 11.20 3.00 22.65
N LEU A 73 11.32 2.38 21.48
CA LEU A 73 10.17 1.80 20.80
C LEU A 73 9.67 0.56 21.54
N GLN A 74 8.36 0.48 21.75
CA GLN A 74 7.70 -0.65 22.37
C GLN A 74 7.34 -1.70 21.33
N PRO A 75 7.08 -2.94 21.76
CA PRO A 75 6.78 -4.00 20.78
C PRO A 75 5.59 -3.73 19.90
N ASP A 76 4.65 -2.87 20.30
CA ASP A 76 3.49 -2.57 19.48
C ASP A 76 3.69 -1.37 18.57
N GLY A 77 4.90 -0.80 18.54
CA GLY A 77 5.20 0.31 17.65
C GLY A 77 4.94 1.69 18.23
N ASP A 78 4.56 1.79 19.49
CA ASP A 78 4.28 3.06 20.14
C ASP A 78 5.44 3.46 21.04
N ILE A 79 5.49 4.75 21.35
CA ILE A 79 6.37 5.26 22.40
C ILE A 79 5.48 5.92 23.44
N PRO A 80 4.95 5.16 24.40
CA PRO A 80 4.08 5.77 25.42
C PRO A 80 4.84 6.48 26.53
N GLN A 81 6.13 6.20 26.68
CA GLN A 81 6.99 6.85 27.65
C GLN A 81 8.34 7.12 27.02
N PRO A 82 9.01 8.20 27.41
CA PRO A 82 8.62 9.20 28.42
C PRO A 82 7.71 10.29 27.88
N ARG A 83 6.53 10.45 28.49
CA ARG A 83 5.59 11.50 28.13
C ARG A 83 5.19 12.27 29.38
N GLU A 84 5.05 13.59 29.24
CA GLU A 84 4.73 14.43 30.39
C GLU A 84 3.61 15.42 30.04
N GLU A 85 3.74 16.09 28.90
CA GLU A 85 2.81 17.16 28.54
C GLU A 85 1.40 16.61 28.33
N ARG A 86 0.42 17.34 28.85
CA ARG A 86 -0.98 16.92 28.78
C ARG A 86 -1.46 16.79 27.34
N TYR A 87 -0.97 17.63 26.43
CA TYR A 87 -1.44 17.59 25.06
C TYR A 87 -1.01 16.31 24.34
N PHE A 88 0.13 15.73 24.72
CA PHE A 88 0.59 14.48 24.15
C PHE A 88 0.07 13.28 24.93
N LEU A 89 -1.00 13.45 25.69
CA LEU A 89 -1.64 12.35 26.42
C LEU A 89 -3.08 12.14 25.96
N ASP A 90 -3.96 13.14 26.12
CA ASP A 90 -5.36 13.00 25.74
C ASP A 90 -5.87 14.09 24.81
N VAL A 91 -5.02 14.99 24.33
CA VAL A 91 -5.45 16.01 23.38
C VAL A 91 -5.15 15.53 21.97
N HIS A 92 -3.86 15.32 21.66
CA HIS A 92 -3.43 14.70 20.41
C HIS A 92 -2.24 13.80 20.73
N TYR A 93 -2.54 12.61 21.24
CA TYR A 93 -1.50 11.64 21.61
C TYR A 93 -0.63 11.25 20.42
N LEU A 94 -1.21 11.20 19.23
CA LEU A 94 -0.48 10.77 18.04
C LEU A 94 0.32 11.88 17.37
N TYR A 95 0.37 13.07 17.95
CA TYR A 95 1.16 14.14 17.36
C TYR A 95 2.64 13.76 17.32
N ALA A 96 3.16 13.19 18.41
CA ALA A 96 4.52 12.69 18.41
C ALA A 96 4.70 11.56 17.42
N ASN A 97 3.76 10.60 17.42
CA ASN A 97 3.90 9.42 16.56
C ASN A 97 3.94 9.80 15.09
N GLY A 98 3.14 10.79 14.69
CA GLY A 98 3.06 11.16 13.28
C GLY A 98 4.38 11.70 12.75
N TYR A 99 5.02 12.59 13.50
CA TYR A 99 6.30 13.14 13.06
C TYR A 99 7.41 12.09 13.12
N LEU A 100 7.35 11.20 14.12
CA LEU A 100 8.33 10.12 14.20
C LEU A 100 8.25 9.21 12.98
N THR A 101 7.03 8.93 12.51
CA THR A 101 6.86 8.07 11.35
C THR A 101 7.47 8.69 10.10
N ILE A 102 7.12 9.96 9.82
CA ILE A 102 7.63 10.63 8.64
C ILE A 102 9.16 10.72 8.70
N GLY A 103 9.68 11.17 9.84
CA GLY A 103 11.13 11.33 9.96
C GLY A 103 11.87 10.02 9.79
N ALA A 104 11.34 8.93 10.36
CA ALA A 104 11.98 7.63 10.21
C ALA A 104 11.92 7.15 8.77
N HIS A 105 10.80 7.39 8.08
CA HIS A 105 10.63 6.85 6.73
C HIS A 105 11.55 7.58 5.74
N VAL A 106 11.59 8.90 5.80
CA VAL A 106 12.44 9.66 4.88
C VAL A 106 13.91 9.33 5.10
N LEU A 107 14.26 8.94 6.33
CA LEU A 107 15.63 8.53 6.63
C LEU A 107 15.95 7.14 6.11
N GLY A 108 14.97 6.37 5.68
CA GLY A 108 15.20 4.99 5.31
C GLY A 108 15.15 4.02 6.46
N ARG A 109 14.75 4.46 7.65
CA ARG A 109 14.54 3.57 8.79
C ARG A 109 13.19 2.87 8.62
N PHE A 110 13.16 1.98 7.62
CA PHE A 110 11.89 1.36 7.21
C PHE A 110 11.29 0.51 8.32
N GLY A 111 12.12 -0.18 9.10
CA GLY A 111 11.58 -0.95 10.21
C GLY A 111 10.97 -0.06 11.27
N LEU A 112 11.59 1.09 11.54
CA LEU A 112 11.07 2.00 12.56
C LEU A 112 9.73 2.59 12.14
N SER A 113 9.67 3.15 10.93
CA SER A 113 8.44 3.81 10.48
C SER A 113 7.32 2.79 10.25
N ARG A 114 7.66 1.60 9.76
CA ARG A 114 6.63 0.58 9.55
C ARG A 114 5.96 0.19 10.87
N LYS A 115 6.76 0.10 11.95
CA LYS A 115 6.19 -0.21 13.26
C LYS A 115 5.44 0.99 13.83
N LEU A 116 5.99 2.20 13.63
CA LEU A 116 5.29 3.39 14.10
C LEU A 116 3.97 3.58 13.36
N MET A 117 3.97 3.36 12.05
CA MET A 117 2.75 3.56 11.28
C MET A 117 1.73 2.45 11.54
N SER A 118 2.19 1.23 11.82
CA SER A 118 1.28 0.16 12.18
C SER A 118 0.46 0.53 13.42
N PHE A 119 1.13 1.06 14.45
CA PHE A 119 0.42 1.45 15.67
C PHE A 119 -0.49 2.63 15.41
N VAL A 120 -0.03 3.60 14.62
CA VAL A 120 -0.85 4.77 14.31
C VAL A 120 -2.20 4.33 13.74
N GLU A 121 -2.18 3.29 12.89
CA GLU A 121 -3.42 2.81 12.30
C GLU A 121 -4.25 2.00 13.28
N THR A 122 -3.65 1.43 14.32
CA THR A 122 -4.45 0.80 15.37
C THR A 122 -5.30 1.82 16.12
N MET A 123 -4.97 3.10 15.99
CA MET A 123 -5.71 4.18 16.62
C MET A 123 -6.78 4.78 15.71
N ARG A 124 -6.90 4.30 14.46
CA ARG A 124 -7.85 4.87 13.54
C ARG A 124 -9.26 4.39 13.86
N ASN A 125 -10.22 5.33 13.78
CA ASN A 125 -11.63 5.00 13.98
C ASN A 125 -12.21 4.56 12.64
N PRO A 126 -12.51 3.28 12.44
CA PRO A 126 -13.01 2.85 11.13
C PRO A 126 -14.36 3.44 10.78
N ALA A 127 -15.18 3.80 11.77
CA ALA A 127 -16.49 4.38 11.49
C ALA A 127 -16.38 5.78 10.92
N THR A 128 -15.36 6.54 11.32
CA THR A 128 -15.26 7.95 10.96
C THR A 128 -14.06 8.29 10.10
N GLY A 129 -12.96 7.54 10.22
CA GLY A 129 -11.73 7.87 9.55
C GLY A 129 -10.77 8.73 10.37
N GLY A 130 -11.21 9.21 11.54
CA GLY A 130 -10.33 9.96 12.41
C GLY A 130 -9.49 9.05 13.28
N PHE A 131 -8.59 9.67 14.03
CA PHE A 131 -7.65 8.95 14.89
C PHE A 131 -7.87 9.36 16.33
N ARG A 132 -7.79 8.37 17.22
CA ARG A 132 -8.12 8.59 18.62
C ARG A 132 -7.21 9.62 19.25
N SER A 133 -7.79 10.51 20.06
CA SER A 133 -7.03 11.62 20.62
C SER A 133 -6.21 11.22 21.83
N HIS A 134 -6.65 10.22 22.59
CA HIS A 134 -5.97 9.82 23.82
C HIS A 134 -5.33 8.45 23.66
N GLY A 135 -4.15 8.29 24.26
CA GLY A 135 -3.38 7.07 24.15
C GLY A 135 -4.09 5.86 24.72
N PRO A 136 -3.57 4.67 24.42
CA PRO A 136 -4.24 3.44 24.85
C PRO A 136 -4.53 3.38 26.34
N ALA A 137 -3.59 3.78 27.19
CA ALA A 137 -3.79 3.77 28.63
C ALA A 137 -4.27 5.10 29.18
N ILE A 138 -4.51 6.08 28.31
CA ILE A 138 -4.94 7.41 28.75
C ILE A 138 -6.46 7.41 28.88
N PRO A 139 -7.01 7.96 29.97
CA PRO A 139 -8.47 8.05 30.08
C PRO A 139 -9.05 8.92 28.98
N GLY A 140 -10.16 8.47 28.41
CA GLY A 140 -10.80 9.20 27.33
C GLY A 140 -12.04 8.48 26.86
N ASP A 141 -12.73 9.11 25.90
CA ASP A 141 -14.01 8.61 25.41
C ASP A 141 -13.95 8.24 23.93
N GLY A 142 -12.76 8.05 23.37
CA GLY A 142 -12.63 7.68 21.97
C GLY A 142 -12.82 8.82 21.01
N ARG A 143 -12.64 10.07 21.45
CA ARG A 143 -12.78 11.22 20.58
C ARG A 143 -11.63 11.29 19.58
N CYS A 144 -11.90 11.88 18.42
CA CYS A 144 -10.91 12.03 17.36
C CYS A 144 -10.83 13.51 16.97
N ASP A 145 -9.61 14.03 16.89
CA ASP A 145 -9.39 15.45 16.62
C ASP A 145 -8.74 15.65 15.26
N SER A 146 -8.77 16.90 14.80
CA SER A 146 -8.26 17.23 13.48
C SER A 146 -6.74 17.14 13.41
N VAL A 147 -6.05 17.38 14.53
CA VAL A 147 -4.59 17.36 14.51
C VAL A 147 -4.07 15.93 14.47
N SER A 148 -4.61 15.05 15.31
CA SER A 148 -4.22 13.64 15.26
C SER A 148 -4.51 13.03 13.90
N THR A 149 -5.66 13.41 13.31
CA THR A 149 -6.07 12.82 12.04
C THR A 149 -5.26 13.35 10.87
N SER A 150 -4.90 14.64 10.89
CA SER A 150 -4.15 15.19 9.77
C SER A 150 -2.68 14.76 9.81
N ILE A 151 -2.09 14.69 11.01
CA ILE A 151 -0.70 14.27 11.09
C ILE A 151 -0.57 12.77 10.82
N SER A 152 -1.57 11.99 11.20
CA SER A 152 -1.56 10.57 10.86
C SER A 152 -1.81 10.35 9.38
N GLY A 153 -2.70 11.17 8.79
CA GLY A 153 -2.88 11.12 7.35
C GLY A 153 -1.64 11.51 6.58
N LEU A 154 -0.94 12.54 7.07
CA LEU A 154 0.33 12.92 6.44
C LEU A 154 1.36 11.82 6.58
N ALA A 155 1.46 11.22 7.77
CA ALA A 155 2.34 10.08 7.95
C ALA A 155 1.90 8.90 7.08
N ALA A 156 0.60 8.80 6.79
CA ALA A 156 0.13 7.76 5.89
C ALA A 156 0.57 8.02 4.46
N LEU A 157 0.66 9.29 4.07
CA LEU A 157 1.16 9.64 2.75
C LEU A 157 2.60 9.18 2.57
N TYR A 158 3.48 9.59 3.48
CA TYR A 158 4.91 9.30 3.33
C TYR A 158 5.19 7.80 3.33
N THR A 159 4.36 7.01 4.02
CA THR A 159 4.54 5.56 4.07
C THR A 159 3.80 4.84 2.96
N GLY A 160 3.09 5.55 2.09
CA GLY A 160 2.40 4.93 0.99
C GLY A 160 1.04 4.36 1.31
N ARG A 161 0.53 4.61 2.52
CA ARG A 161 -0.81 4.15 2.90
C ARG A 161 -1.83 5.23 2.52
N VAL A 162 -2.04 5.34 1.20
CA VAL A 162 -2.84 6.43 0.67
C VAL A 162 -4.31 6.27 1.06
N ASP A 163 -4.79 5.02 1.11
CA ASP A 163 -6.17 4.78 1.53
C ASP A 163 -6.43 5.30 2.93
N THR A 164 -5.47 5.08 3.84
CA THR A 164 -5.60 5.65 5.19
C THR A 164 -5.59 7.17 5.14
N ALA A 165 -4.75 7.76 4.29
CA ALA A 165 -4.75 9.20 4.11
C ALA A 165 -6.10 9.69 3.57
N ARG A 166 -6.65 8.98 2.58
CA ARG A 166 -7.95 9.34 2.03
C ARG A 166 -9.04 9.27 3.09
N SER A 167 -9.03 8.21 3.91
CA SER A 167 -10.03 8.08 4.98
C SER A 167 -9.87 9.18 6.01
N ALA A 168 -8.64 9.66 6.24
CA ALA A 168 -8.43 10.78 7.14
C ALA A 168 -9.01 12.07 6.58
N ALA A 169 -8.93 12.24 5.27
CA ALA A 169 -9.48 13.45 4.65
C ALA A 169 -11.01 13.44 4.68
N ASP A 170 -11.63 12.26 4.57
CA ASP A 170 -13.08 12.17 4.73
C ASP A 170 -13.50 12.66 6.11
N PHE A 171 -12.74 12.30 7.15
CA PHE A 171 -13.03 12.77 8.49
C PHE A 171 -12.96 14.28 8.57
N LEU A 172 -11.91 14.87 7.99
CA LEU A 172 -11.77 16.32 8.02
C LEU A 172 -12.86 16.99 7.19
N GLY A 173 -13.24 16.38 6.06
CA GLY A 173 -14.33 16.92 5.28
C GLY A 173 -15.65 16.88 6.02
N SER A 174 -15.95 15.76 6.66
CA SER A 174 -17.15 15.66 7.48
C SER A 174 -17.08 16.60 8.68
N LEU A 175 -15.89 16.81 9.23
CA LEU A 175 -15.73 17.72 10.37
C LEU A 175 -15.90 19.17 9.94
N TRP A 176 -15.55 19.50 8.71
CA TRP A 176 -15.68 20.88 8.24
C TRP A 176 -17.13 21.23 7.96
N VAL A 177 -17.83 20.36 7.21
CA VAL A 177 -19.23 20.63 6.88
C VAL A 177 -20.16 20.46 8.06
N GLY A 178 -19.69 19.88 9.15
CA GLY A 178 -20.49 19.72 10.35
C GLY A 178 -20.35 20.83 11.36
N GLN A 179 -19.59 21.88 11.04
CA GLN A 179 -19.39 22.99 11.96
C GLN A 179 -20.70 23.72 12.19
N PRO A 180 -21.23 23.74 13.42
CA PRO A 180 -22.52 24.41 13.66
C PRO A 180 -22.41 25.93 13.72
N ASP A 181 -21.23 26.46 14.02
CA ASP A 181 -21.04 27.88 14.27
C ASP A 181 -19.61 28.25 13.86
N ARG A 182 -19.30 28.11 12.57
CA ARG A 182 -17.92 28.17 12.12
C ARG A 182 -17.35 29.59 12.15
N LYS A 183 -18.20 30.62 12.11
CA LYS A 183 -17.67 31.98 12.11
C LYS A 183 -17.13 32.39 13.47
N ASN A 184 -17.64 31.79 14.55
CA ASN A 184 -17.20 32.13 15.90
C ASN A 184 -16.32 31.07 16.54
N VAL A 185 -16.49 29.80 16.21
CA VAL A 185 -15.76 28.72 16.86
C VAL A 185 -15.50 27.62 15.83
N PHE A 186 -14.35 26.97 15.95
CA PHE A 186 -14.02 25.79 15.16
C PHE A 186 -13.87 24.62 16.12
N HIS A 187 -14.82 23.70 16.08
CA HIS A 187 -14.75 22.48 16.88
C HIS A 187 -13.86 21.48 16.15
N ALA A 188 -12.66 21.25 16.68
CA ALA A 188 -11.66 20.43 16.02
C ALA A 188 -11.72 18.97 16.45
N VAL A 189 -12.78 18.56 17.14
CA VAL A 189 -12.89 17.20 17.68
C VAL A 189 -14.26 16.64 17.34
N ALA A 190 -14.30 15.34 17.04
CA ALA A 190 -15.54 14.59 16.90
C ALA A 190 -15.51 13.40 17.85
N ASP A 191 -16.71 12.95 18.25
CA ASP A 191 -16.77 11.80 19.14
C ASP A 191 -16.48 10.52 18.36
N ALA A 192 -16.58 9.38 19.05
CA ALA A 192 -16.23 8.10 18.45
C ALA A 192 -17.25 7.63 17.41
N SER A 193 -18.33 8.37 17.17
CA SER A 193 -19.35 7.95 16.22
C SER A 193 -19.43 8.83 14.97
N GLY A 194 -18.72 9.95 14.93
CA GLY A 194 -18.68 10.81 13.76
C GLY A 194 -19.34 12.14 13.92
N ALA A 195 -20.07 12.38 15.01
CA ALA A 195 -20.72 13.66 15.23
C ALA A 195 -19.71 14.67 15.76
N VAL A 196 -19.86 15.92 15.33
CA VAL A 196 -18.98 17.00 15.76
C VAL A 196 -19.14 17.21 17.27
N LEU A 197 -18.08 16.94 18.02
CA LEU A 197 -18.13 16.98 19.48
C LEU A 197 -18.07 18.43 19.95
N THR A 198 -19.24 18.99 20.25
CA THR A 198 -19.36 20.36 20.74
C THR A 198 -19.28 20.47 22.25
N SER A 199 -18.75 19.45 22.92
CA SER A 199 -18.71 19.44 24.38
C SER A 199 -17.72 20.49 24.90
N ASP A 200 -17.90 20.85 26.17
CA ASP A 200 -17.07 21.90 26.76
C ASP A 200 -15.61 21.48 26.85
N ASP A 201 -15.35 20.21 27.16
CA ASP A 201 -13.99 19.73 27.35
C ASP A 201 -13.28 19.41 26.04
N ALA A 202 -13.94 19.57 24.89
CA ALA A 202 -13.32 19.30 23.61
C ALA A 202 -12.59 20.53 23.08
N VAL A 203 -11.50 20.28 22.36
CA VAL A 203 -10.74 21.38 21.79
C VAL A 203 -11.59 22.15 20.81
N ALA A 204 -11.69 23.46 21.03
CA ALA A 204 -12.45 24.34 20.15
C ALA A 204 -11.68 25.66 20.03
N VAL A 205 -11.42 26.08 18.79
CA VAL A 205 -10.64 27.27 18.53
C VAL A 205 -11.58 28.48 18.47
N GLN A 206 -11.36 29.44 19.35
CA GLN A 206 -12.10 30.71 19.30
C GLN A 206 -11.56 31.52 18.13
N VAL A 207 -12.31 31.53 17.03
CA VAL A 207 -11.80 32.04 15.76
C VAL A 207 -11.62 33.56 15.82
N ARG A 208 -12.62 34.27 16.32
CA ARG A 208 -12.56 35.73 16.33
C ARG A 208 -11.62 36.27 17.41
N LYS A 209 -11.15 35.43 18.33
CA LYS A 209 -10.22 35.86 19.37
C LYS A 209 -8.79 35.49 18.97
N ALA A 210 -7.84 35.86 19.83
CA ALA A 210 -6.44 35.55 19.60
C ALA A 210 -5.93 34.56 20.64
N GLU A 211 -6.52 33.36 20.66
CA GLU A 211 -6.19 32.40 21.70
C GLU A 211 -5.63 31.09 21.14
N GLY A 212 -4.63 31.21 20.26
CA GLY A 212 -3.83 30.12 19.74
C GLY A 212 -4.66 28.99 19.16
N ASP A 213 -4.08 27.79 19.19
CA ASP A 213 -4.69 26.56 18.70
C ASP A 213 -5.05 26.62 17.22
N TRP A 214 -4.41 27.53 16.48
CA TRP A 214 -4.74 27.70 15.06
C TRP A 214 -4.31 26.49 14.24
N TYR A 215 -3.29 25.75 14.71
CA TYR A 215 -2.79 24.61 13.95
C TYR A 215 -3.80 23.48 13.88
N PHE A 216 -4.85 23.50 14.71
CA PHE A 216 -5.96 22.57 14.52
C PHE A 216 -6.70 22.83 13.22
N ILE A 217 -6.47 23.98 12.58
CA ILE A 217 -7.01 24.27 11.27
C ILE A 217 -5.91 24.29 10.21
N GLY A 218 -4.71 24.77 10.57
CA GLY A 218 -3.65 24.90 9.59
C GLY A 218 -3.05 23.56 9.18
N LEU A 219 -2.93 22.63 10.11
CA LEU A 219 -2.37 21.32 9.81
C LEU A 219 -3.30 20.52 8.90
N PRO A 220 -4.63 20.53 9.11
CA PRO A 220 -5.51 19.93 8.10
C PRO A 220 -5.36 20.56 6.72
N ALA A 221 -5.21 21.88 6.66
CA ALA A 221 -5.00 22.54 5.38
C ALA A 221 -3.70 22.07 4.73
N PHE A 222 -2.65 21.87 5.53
CA PHE A 222 -1.40 21.32 5.02
C PHE A 222 -1.61 19.89 4.53
N PHE A 223 -2.19 19.03 5.36
CA PHE A 223 -2.39 17.64 4.98
C PHE A 223 -3.25 17.52 3.73
N LEU A 224 -4.35 18.28 3.67
CA LEU A 224 -5.26 18.18 2.54
C LEU A 224 -4.61 18.64 1.24
N THR A 225 -3.74 19.65 1.32
CA THR A 225 -3.02 20.09 0.12
C THR A 225 -2.05 19.03 -0.35
N ALA A 226 -1.36 18.37 0.58
CA ALA A 226 -0.43 17.31 0.20
C ALA A 226 -1.17 16.11 -0.40
N LEU A 227 -2.31 15.73 0.19
CA LEU A 227 -3.09 14.64 -0.38
C LEU A 227 -3.64 14.99 -1.75
N TYR A 228 -3.97 16.27 -1.98
CA TYR A 228 -4.38 16.69 -3.31
C TYR A 228 -3.24 16.50 -4.31
N GLU A 229 -2.03 16.91 -3.94
CA GLU A 229 -0.88 16.66 -4.81
C GLU A 229 -0.69 15.17 -5.06
N ALA A 230 -0.90 14.36 -4.03
CA ALA A 230 -0.76 12.91 -4.18
C ALA A 230 -1.81 12.33 -5.12
N THR A 231 -3.02 12.91 -5.14
CA THR A 231 -4.14 12.32 -5.84
C THR A 231 -4.71 13.17 -6.97
N GLU A 232 -4.49 14.48 -6.95
CA GLU A 232 -5.13 15.42 -7.89
C GLU A 232 -6.65 15.36 -7.82
N ASP A 233 -7.18 14.86 -6.71
CA ASP A 233 -8.63 14.88 -6.46
C ASP A 233 -9.00 16.28 -5.99
N ARG A 234 -9.80 16.99 -6.78
CA ARG A 234 -10.13 18.37 -6.47
C ARG A 234 -10.89 18.51 -5.16
N ALA A 235 -11.49 17.44 -4.65
CA ALA A 235 -12.19 17.52 -3.37
C ALA A 235 -11.23 17.90 -2.25
N TYR A 236 -10.00 17.38 -2.29
CA TYR A 236 -9.01 17.72 -1.28
C TYR A 236 -8.48 19.14 -1.46
N LEU A 237 -8.39 19.61 -2.71
CA LEU A 237 -7.91 20.95 -2.96
C LEU A 237 -8.95 21.99 -2.54
N ASP A 238 -10.22 21.75 -2.86
CA ASP A 238 -11.28 22.70 -2.50
C ASP A 238 -11.43 22.81 -0.99
N LEU A 239 -11.32 21.69 -0.27
CA LEU A 239 -11.43 21.72 1.18
C LEU A 239 -10.25 22.46 1.81
N ALA A 240 -9.05 22.22 1.29
CA ALA A 240 -7.89 22.97 1.76
C ALA A 240 -8.01 24.45 1.41
N THR A 241 -8.54 24.75 0.23
CA THR A 241 -8.77 26.13 -0.15
C THR A 241 -9.76 26.82 0.78
N ASP A 242 -10.81 26.09 1.18
CA ASP A 242 -11.77 26.64 2.14
C ASP A 242 -11.08 26.96 3.46
N LEU A 243 -10.29 26.02 3.98
CA LEU A 243 -9.63 26.24 5.27
C LEU A 243 -8.69 27.43 5.21
N MET A 244 -8.03 27.65 4.08
CA MET A 244 -7.14 28.79 3.95
C MET A 244 -7.94 30.10 3.87
N THR A 245 -8.97 30.13 3.02
CA THR A 245 -9.85 31.28 2.98
C THR A 245 -10.50 31.53 4.34
N TYR A 246 -10.85 30.45 5.04
CA TYR A 246 -11.40 30.56 6.38
C TYR A 246 -10.43 31.25 7.33
N MET A 247 -9.17 30.81 7.32
CA MET A 247 -8.16 31.39 8.20
C MET A 247 -7.74 32.79 7.76
N ASP A 248 -8.04 33.18 6.52
CA ASP A 248 -7.65 34.50 6.04
C ASP A 248 -8.73 35.55 6.31
N GLU A 249 -9.96 35.28 5.89
CA GLU A 249 -11.05 36.25 6.00
C GLU A 249 -11.79 36.17 7.33
N ASP A 250 -12.14 34.95 7.75
CA ASP A 250 -13.00 34.79 8.92
C ASP A 250 -12.23 34.75 10.24
N CYS A 251 -10.95 34.39 10.22
CA CYS A 251 -10.19 34.20 11.44
C CYS A 251 -9.45 35.46 11.85
N ASP A 252 -9.26 35.60 13.16
CA ASP A 252 -8.40 36.64 13.70
C ASP A 252 -6.98 36.47 13.16
N GLU A 253 -6.30 37.60 12.93
CA GLU A 253 -4.99 37.57 12.28
C GLU A 253 -3.97 36.75 13.08
N ASP A 254 -4.20 36.56 14.38
CA ASP A 254 -3.34 35.71 15.19
C ASP A 254 -3.21 34.31 14.60
N ALA A 255 -4.14 33.93 13.72
CA ALA A 255 -3.99 32.68 12.97
C ALA A 255 -2.71 32.66 12.14
N PHE A 256 -2.20 33.84 11.78
CA PHE A 256 -0.95 33.95 11.04
C PHE A 256 0.15 34.63 11.85
N VAL A 257 -0.04 34.75 13.17
CA VAL A 257 0.92 35.45 14.02
C VAL A 257 1.36 34.54 15.16
N ASP A 258 0.42 33.76 15.70
CA ASP A 258 0.71 32.88 16.82
C ASP A 258 1.78 31.86 16.44
N SER A 259 2.48 31.34 17.46
CA SER A 259 3.57 30.40 17.25
C SER A 259 3.15 29.16 16.47
N SER A 260 1.86 28.84 16.43
CA SER A 260 1.38 27.68 15.70
C SER A 260 0.91 28.03 14.29
N CYS A 261 1.30 29.19 13.77
CA CYS A 261 0.89 29.60 12.43
C CYS A 261 1.73 28.95 11.33
N GLY A 262 2.80 28.25 11.69
CA GLY A 262 3.67 27.67 10.67
C GLY A 262 2.98 26.63 9.81
N LYS A 263 1.99 25.93 10.36
CA LYS A 263 1.24 24.96 9.57
C LYS A 263 0.45 25.65 8.47
N ALA A 264 -0.19 26.78 8.81
CA ALA A 264 -0.88 27.58 7.79
C ALA A 264 0.10 28.06 6.73
N GLY A 265 1.30 28.48 7.15
CA GLY A 265 2.27 29.00 6.19
C GLY A 265 2.78 27.92 5.24
N VAL A 266 3.02 26.72 5.77
CA VAL A 266 3.44 25.61 4.90
C VAL A 266 2.34 25.28 3.90
N ALA A 267 1.08 25.29 4.35
CA ALA A 267 -0.03 25.02 3.45
C ALA A 267 -0.16 26.08 2.39
N ALA A 268 -0.01 27.36 2.76
CA ALA A 268 -0.08 28.44 1.78
C ALA A 268 1.04 28.34 0.75
N ALA A 269 2.26 28.03 1.20
CA ALA A 269 3.37 27.87 0.27
C ALA A 269 3.14 26.69 -0.66
N LEU A 270 2.63 25.58 -0.13
CA LEU A 270 2.26 24.45 -0.98
C LEU A 270 1.18 24.84 -1.98
N LEU A 271 0.12 25.50 -1.48
CA LEU A 271 -0.98 25.91 -2.36
C LEU A 271 -0.51 26.90 -3.41
N TYR A 272 0.50 27.73 -3.11
CA TYR A 272 1.00 28.66 -4.11
C TYR A 272 1.69 27.92 -5.24
N ARG A 273 2.50 26.91 -4.93
CA ARG A 273 3.17 26.14 -5.97
C ARG A 273 2.17 25.34 -6.80
N LEU A 274 1.05 24.96 -6.20
CA LEU A 274 0.05 24.15 -6.90
C LEU A 274 -0.99 24.99 -7.64
N THR A 275 -1.24 26.23 -7.22
CA THR A 275 -2.28 27.05 -7.81
C THR A 275 -1.78 28.36 -8.40
N GLY A 276 -0.68 28.91 -7.91
CA GLY A 276 -0.17 30.17 -8.40
C GLY A 276 -0.91 31.40 -7.90
N ARG A 277 -1.86 31.23 -6.98
CA ARG A 277 -2.57 32.38 -6.43
C ARG A 277 -1.61 33.23 -5.61
N PRO A 278 -1.52 34.54 -5.87
CA PRO A 278 -0.47 35.34 -5.20
C PRO A 278 -0.71 35.54 -3.71
N ARG A 279 -1.96 35.51 -3.25
CA ARG A 279 -2.22 35.67 -1.82
C ARG A 279 -1.63 34.51 -1.02
N TYR A 280 -1.50 33.33 -1.63
CA TYR A 280 -0.90 32.20 -0.94
C TYR A 280 0.58 32.45 -0.67
N ARG A 281 1.28 33.09 -1.59
CA ARG A 281 2.66 33.49 -1.32
C ARG A 281 2.70 34.58 -0.25
N GLU A 282 1.74 35.49 -0.28
CA GLU A 282 1.69 36.56 0.73
C GLU A 282 1.61 35.97 2.13
N ILE A 283 0.67 35.06 2.35
CA ILE A 283 0.53 34.42 3.65
C ILE A 283 1.77 33.60 3.98
N ALA A 284 2.35 32.94 2.96
CA ALA A 284 3.53 32.12 3.20
C ALA A 284 4.76 32.97 3.51
N GLU A 285 4.96 34.05 2.75
CA GLU A 285 6.12 34.90 2.99
C GLU A 285 6.03 35.62 4.33
N GLY A 286 4.87 36.18 4.64
CA GLY A 286 4.71 36.92 5.89
C GLY A 286 4.91 36.03 7.11
N ILE A 287 4.40 34.80 7.05
CA ILE A 287 4.58 33.87 8.16
C ILE A 287 6.04 33.45 8.28
N GLY A 288 6.66 33.09 7.17
CA GLY A 288 8.06 32.68 7.20
C GLY A 288 8.97 33.80 7.68
N THR A 289 8.73 35.03 7.21
CA THR A 289 9.49 36.17 7.69
C THR A 289 9.25 36.41 9.18
N LEU A 290 8.00 36.26 9.62
CA LEU A 290 7.67 36.47 11.02
C LEU A 290 8.44 35.53 11.93
N LEU A 291 8.58 34.26 11.52
CA LEU A 291 9.31 33.29 12.34
C LEU A 291 10.81 33.54 12.30
N CYS A 292 11.31 34.12 11.21
CA CYS A 292 12.74 34.42 11.12
C CYS A 292 13.14 35.50 12.12
N GLU A 293 12.34 36.55 12.25
CA GLU A 293 12.67 37.66 13.14
C GLU A 293 12.60 37.27 14.61
N ARG A 294 11.88 36.20 14.93
CA ARG A 294 11.79 35.73 16.31
C ARG A 294 12.95 34.84 16.72
N GLN A 295 13.82 34.46 15.79
CA GLN A 295 14.90 33.55 16.10
C GLN A 295 15.97 34.22 16.96
N SER A 296 16.42 33.53 17.99
CA SER A 296 17.55 33.99 18.77
C SER A 296 18.81 33.95 17.92
N PRO A 297 19.84 34.72 18.28
CA PRO A 297 21.06 34.75 17.45
C PRO A 297 21.83 33.45 17.49
N TYR A 298 21.68 32.65 18.55
CA TYR A 298 22.39 31.38 18.65
C TYR A 298 21.75 30.29 17.80
N GLY A 299 20.57 30.52 17.27
CA GLY A 299 19.92 29.56 16.40
C GLY A 299 18.56 29.12 16.88
N TYR A 300 18.42 28.93 18.19
CA TYR A 300 17.18 28.41 18.74
C TYR A 300 16.08 29.46 18.70
N TRP A 301 14.84 28.98 18.70
CA TRP A 301 13.67 29.77 19.04
C TRP A 301 13.29 29.49 20.48
N SER A 302 12.75 30.50 21.16
CA SER A 302 12.39 30.36 22.57
C SER A 302 11.39 31.44 22.94
N GLU A 303 10.77 31.27 24.10
CA GLU A 303 9.84 32.24 24.65
C GLU A 303 10.47 33.15 25.71
N GLU A 304 11.31 32.59 26.60
CA GLU A 304 11.92 33.37 27.66
C GLU A 304 13.45 33.41 27.60
N GLU A 305 14.09 32.47 26.92
CA GLU A 305 15.54 32.40 26.91
C GLU A 305 16.12 33.37 25.89
N THR A 306 17.21 34.03 26.26
CA THR A 306 17.90 34.95 25.36
C THR A 306 19.40 34.72 25.27
N GLY A 307 20.00 33.93 26.16
CA GLY A 307 21.43 33.78 26.25
C GLY A 307 21.96 32.52 25.58
N ASP A 308 23.28 32.41 25.60
CA ASP A 308 24.01 31.27 25.01
C ASP A 308 23.77 30.05 25.89
N VAL A 309 22.63 29.40 25.68
CA VAL A 309 22.21 28.27 26.50
C VAL A 309 22.68 26.97 25.87
N ALA A 310 22.94 25.98 26.72
CA ALA A 310 23.35 24.66 26.27
C ALA A 310 22.18 23.71 26.05
N ASP A 311 20.98 24.09 26.48
CA ASP A 311 19.80 23.25 26.32
C ASP A 311 18.57 24.14 26.40
N LEU A 312 17.40 23.52 26.28
CA LEU A 312 16.14 24.27 26.25
C LEU A 312 15.05 23.47 26.97
N PHE A 313 14.06 24.20 27.46
CA PHE A 313 12.83 23.59 27.94
C PHE A 313 12.12 22.91 26.78
N TRP A 314 11.47 21.77 27.07
CA TRP A 314 11.02 20.86 26.01
C TRP A 314 10.19 21.58 24.95
N GLY A 315 9.36 22.54 25.37
CA GLY A 315 8.54 23.26 24.41
C GLY A 315 9.34 24.09 23.44
N ASP A 316 10.47 24.63 23.88
CA ASP A 316 11.30 25.44 23.01
C ASP A 316 12.11 24.58 22.05
N LEU A 317 12.61 23.43 22.51
CA LEU A 317 13.32 22.53 21.61
C LEU A 317 12.40 22.05 20.50
N ASP A 318 11.18 21.64 20.85
CA ASP A 318 10.23 21.22 19.83
C ASP A 318 9.91 22.35 18.87
N MET A 319 9.69 23.56 19.40
CA MET A 319 9.43 24.71 18.55
C MET A 319 10.63 24.99 17.63
N THR A 320 11.84 24.84 18.16
CA THR A 320 13.04 25.08 17.35
C THR A 320 13.14 24.07 16.21
N ALA A 321 12.98 22.78 16.52
CA ALA A 321 12.99 21.77 15.46
C ALA A 321 11.80 21.92 14.54
N GLU A 322 10.66 22.39 15.05
CA GLU A 322 9.49 22.60 14.21
C GLU A 322 9.72 23.73 13.20
N TYR A 323 10.49 24.75 13.58
CA TYR A 323 10.71 25.88 12.68
C TYR A 323 11.77 25.60 11.63
N VAL A 324 12.75 24.74 11.95
CA VAL A 324 13.66 24.22 10.93
C VAL A 324 12.84 23.59 9.80
N LEU A 325 11.81 22.85 10.17
CA LEU A 325 10.98 22.15 9.19
C LEU A 325 10.10 23.12 8.42
N TRP A 326 9.39 24.00 9.14
CA TRP A 326 8.40 24.87 8.49
C TRP A 326 9.07 25.89 7.57
N LEU A 327 10.17 26.50 8.01
CA LEU A 327 10.87 27.45 7.14
C LEU A 327 11.43 26.76 5.91
N ASP A 328 11.86 25.50 6.04
CA ASP A 328 12.39 24.77 4.89
C ASP A 328 11.27 24.42 3.90
N LEU A 329 10.13 23.94 4.39
CA LEU A 329 9.04 23.60 3.50
C LEU A 329 8.49 24.84 2.79
N ILE A 330 8.31 25.94 3.54
CA ILE A 330 7.87 27.20 2.93
C ILE A 330 8.91 27.68 1.92
N GLY A 331 10.19 27.59 2.28
CA GLY A 331 11.23 28.10 1.41
C GLY A 331 11.34 27.35 0.10
N ARG A 332 11.14 26.03 0.13
CA ARG A 332 11.30 25.23 -1.07
C ARG A 332 10.05 25.24 -1.95
N ASN A 333 8.88 25.55 -1.39
CA ASN A 333 7.68 25.69 -2.20
C ASN A 333 7.48 27.10 -2.73
N LEU A 334 8.02 28.11 -2.03
CA LEU A 334 8.04 29.45 -2.59
C LEU A 334 9.04 29.55 -3.73
N ALA A 335 10.23 28.97 -3.55
CA ALA A 335 11.23 28.95 -4.62
C ALA A 335 10.70 28.22 -5.85
N SER A 336 10.16 27.01 -5.65
CA SER A 336 9.59 26.28 -6.77
C SER A 336 8.31 26.93 -7.28
N GLY A 337 7.63 27.70 -6.43
CA GLY A 337 6.43 28.39 -6.86
C GLY A 337 6.73 29.49 -7.88
N GLU A 338 7.77 30.29 -7.63
CA GLU A 338 8.16 31.33 -8.58
C GLU A 338 8.60 30.73 -9.90
N ARG A 339 9.41 29.68 -9.85
CA ARG A 339 9.89 29.04 -11.07
C ARG A 339 8.73 28.53 -11.93
N VAL A 340 7.72 27.95 -11.29
CA VAL A 340 6.62 27.33 -12.02
C VAL A 340 5.71 28.41 -12.62
N TRP A 341 5.29 29.37 -11.80
CA TRP A 341 4.28 30.34 -12.22
C TRP A 341 4.89 31.65 -12.72
N ALA A 342 5.82 32.23 -11.98
CA ALA A 342 6.46 33.47 -12.43
C ALA A 342 7.57 33.18 -13.43
N SER B 8 9.61 7.83 49.66
CA SER B 8 8.20 8.01 49.99
C SER B 8 7.39 6.79 49.57
N GLY B 9 7.50 5.72 50.35
CA GLY B 9 6.84 4.47 50.05
C GLY B 9 7.73 3.28 50.29
N ASN B 10 7.19 2.07 50.21
CA ASN B 10 7.94 0.85 50.41
C ASN B 10 8.39 0.26 49.08
N SER B 11 9.46 -0.51 49.12
CA SER B 11 10.06 -1.13 47.95
C SER B 11 9.41 -2.48 47.66
N PRO B 12 9.55 -2.99 46.45
CA PRO B 12 9.02 -4.34 46.15
C PRO B 12 9.62 -5.43 47.04
N HIS B 13 10.88 -5.27 47.46
CA HIS B 13 11.47 -6.23 48.39
C HIS B 13 10.77 -6.20 49.74
N GLU B 14 10.50 -5.01 50.27
CA GLU B 14 9.85 -4.90 51.58
C GLU B 14 8.42 -5.41 51.53
N LEU B 15 7.70 -5.12 50.43
CA LEU B 15 6.37 -5.70 50.26
C LEU B 15 6.43 -7.21 50.26
N LYS B 16 7.39 -7.78 49.53
CA LYS B 16 7.53 -9.23 49.48
C LYS B 16 7.93 -9.79 50.85
N ASN B 17 8.78 -9.07 51.59
CA ASN B 17 9.13 -9.49 52.94
C ASN B 17 7.88 -9.56 53.83
N ALA B 18 7.02 -8.55 53.73
CA ALA B 18 5.79 -8.55 54.53
C ALA B 18 4.89 -9.71 54.16
N ALA B 19 4.85 -10.08 52.87
CA ALA B 19 4.05 -11.22 52.45
C ALA B 19 4.63 -12.53 52.95
N GLN B 20 5.95 -12.64 52.95
CA GLN B 20 6.60 -13.87 53.43
C GLN B 20 6.37 -14.05 54.93
N ARG B 21 6.42 -12.95 55.69
CA ARG B 21 6.20 -13.04 57.13
C ARG B 21 4.82 -13.61 57.45
N ALA B 22 3.80 -13.11 56.76
CA ALA B 22 2.45 -13.61 56.99
C ALA B 22 2.29 -15.04 56.47
N ALA B 23 2.95 -15.36 55.35
CA ALA B 23 2.87 -16.72 54.83
C ALA B 23 3.52 -17.71 55.78
N ASP B 24 4.65 -17.34 56.38
CA ASP B 24 5.24 -18.19 57.42
C ASP B 24 4.28 -18.34 58.59
N TRP B 25 3.54 -17.28 58.93
CA TRP B 25 2.57 -17.35 60.01
C TRP B 25 1.50 -18.39 59.71
N LEU B 26 0.99 -18.41 58.48
CA LEU B 26 -0.05 -19.36 58.12
C LEU B 26 0.48 -20.78 58.11
N VAL B 27 1.68 -21.00 57.57
CA VAL B 27 2.25 -22.34 57.49
C VAL B 27 2.56 -22.87 58.88
N GLU B 28 3.11 -22.03 59.76
CA GLU B 28 3.47 -22.47 61.10
C GLU B 28 2.26 -22.99 61.86
N ARG B 29 1.09 -22.38 61.66
CA ARG B 29 -0.12 -22.75 62.37
C ARG B 29 -1.07 -23.59 61.51
N GLN B 30 -0.62 -24.07 60.35
CA GLN B 30 -1.48 -24.91 59.53
C GLN B 30 -1.67 -26.27 60.20
N ARG B 31 -2.91 -26.75 60.17
CA ARG B 31 -3.25 -28.00 60.82
C ARG B 31 -2.85 -29.19 59.94
N PRO B 32 -2.59 -30.36 60.54
CA PRO B 32 -2.05 -31.48 59.76
C PRO B 32 -2.94 -31.94 58.62
N ASN B 33 -4.23 -31.63 58.64
CA ASN B 33 -5.10 -31.97 57.52
C ASN B 33 -5.02 -30.96 56.39
N GLY B 34 -4.14 -29.96 56.50
CA GLY B 34 -3.99 -28.94 55.49
C GLY B 34 -4.86 -27.71 55.69
N ALA B 35 -5.82 -27.76 56.61
CA ALA B 35 -6.69 -26.61 56.83
C ALA B 35 -5.91 -25.48 57.48
N LEU B 36 -6.19 -24.25 57.05
CA LEU B 36 -5.59 -23.09 57.66
C LEU B 36 -6.21 -22.84 59.03
N PRO B 37 -5.48 -22.23 59.97
CA PRO B 37 -5.98 -22.11 61.35
C PRO B 37 -7.15 -21.15 61.50
N SER B 38 -8.35 -21.62 61.20
CA SER B 38 -9.56 -20.83 61.37
C SER B 38 -10.32 -21.29 62.60
N ARG B 39 -10.95 -20.33 63.28
CA ARG B 39 -11.75 -20.65 64.45
C ARG B 39 -13.07 -21.32 64.07
N THR B 40 -13.52 -21.16 62.82
CA THR B 40 -14.65 -21.90 62.28
C THR B 40 -14.21 -22.61 61.00
N ALA B 41 -14.67 -23.85 60.84
CA ALA B 41 -14.30 -24.66 59.68
C ALA B 41 -15.26 -24.30 58.54
N VAL B 42 -14.89 -23.28 57.76
CA VAL B 42 -15.66 -22.84 56.61
C VAL B 42 -14.70 -22.61 55.45
N ILE B 43 -15.21 -22.85 54.23
CA ILE B 43 -14.36 -22.72 53.06
C ILE B 43 -14.00 -21.26 52.80
N GLU B 44 -14.82 -20.33 53.27
CA GLU B 44 -14.50 -18.92 53.08
C GLU B 44 -13.36 -18.46 54.00
N SER B 45 -12.77 -19.35 54.78
CA SER B 45 -11.61 -19.02 55.60
C SER B 45 -10.30 -19.38 54.94
N CYS B 46 -10.32 -20.19 53.87
CA CYS B 46 -9.08 -20.68 53.29
C CYS B 46 -9.15 -20.84 51.77
N TYR B 47 -10.06 -20.12 51.10
CA TYR B 47 -10.18 -20.29 49.65
C TYR B 47 -9.06 -19.61 48.89
N LYS B 48 -8.37 -18.65 49.49
CA LYS B 48 -7.18 -18.05 48.88
C LYS B 48 -5.91 -18.76 49.30
N GLY B 49 -6.01 -19.86 50.05
CA GLY B 49 -4.83 -20.46 50.65
C GLY B 49 -3.89 -21.09 49.63
N MET B 50 -4.45 -21.83 48.67
CA MET B 50 -3.63 -22.52 47.68
C MET B 50 -2.80 -21.53 46.88
N TRP B 51 -3.45 -20.54 46.28
CA TRP B 51 -2.75 -19.56 45.46
C TRP B 51 -1.76 -18.77 46.29
N ALA B 52 -2.19 -18.24 47.43
CA ALA B 52 -1.34 -17.35 48.22
C ALA B 52 -0.10 -18.06 48.73
N LEU B 53 -0.26 -19.30 49.20
CA LEU B 53 0.90 -20.03 49.72
C LEU B 53 1.84 -20.47 48.61
N HIS B 54 1.32 -20.67 47.39
CA HIS B 54 2.19 -21.03 46.28
C HIS B 54 3.08 -19.87 45.86
N THR B 55 2.52 -18.66 45.81
CA THR B 55 3.34 -17.48 45.51
C THR B 55 4.39 -17.21 46.58
N ALA B 56 4.14 -17.66 47.81
CA ALA B 56 5.12 -17.53 48.88
C ALA B 56 6.19 -18.62 48.82
N GLY B 57 6.06 -19.59 47.93
CA GLY B 57 6.99 -20.69 47.84
C GLY B 57 6.66 -21.87 48.73
N HIS B 58 5.67 -21.75 49.61
CA HIS B 58 5.27 -22.85 50.48
C HIS B 58 4.40 -23.84 49.70
N THR B 59 5.06 -24.59 48.82
CA THR B 59 4.34 -25.50 47.93
C THR B 59 3.75 -26.69 48.67
N GLN B 60 4.45 -27.20 49.69
CA GLN B 60 3.90 -28.32 50.44
C GLN B 60 2.69 -27.89 51.28
N ALA B 61 2.74 -26.67 51.83
CA ALA B 61 1.58 -26.15 52.54
C ALA B 61 0.43 -25.87 51.58
N ALA B 62 0.74 -25.36 50.39
CA ALA B 62 -0.30 -25.09 49.41
C ALA B 62 -0.93 -26.38 48.91
N SER B 63 -0.14 -27.43 48.75
CA SER B 63 -0.70 -28.74 48.40
C SER B 63 -1.51 -29.31 49.56
N ALA B 64 -1.17 -28.95 50.79
CA ALA B 64 -1.96 -29.39 51.94
C ALA B 64 -3.35 -28.77 51.92
N VAL B 65 -3.45 -27.50 51.52
CA VAL B 65 -4.76 -26.90 51.31
C VAL B 65 -5.47 -27.57 50.15
N ALA B 66 -4.71 -27.98 49.12
CA ALA B 66 -5.31 -28.70 48.00
C ALA B 66 -5.90 -30.03 48.46
N ASP B 67 -5.21 -30.72 49.38
CA ASP B 67 -5.73 -31.97 49.91
C ASP B 67 -7.02 -31.75 50.69
N TYR B 68 -7.02 -30.73 51.56
CA TYR B 68 -8.21 -30.41 52.34
C TYR B 68 -9.36 -30.01 51.44
N VAL B 69 -9.09 -29.23 50.40
CA VAL B 69 -10.14 -28.76 49.50
C VAL B 69 -10.67 -29.91 48.65
N THR B 70 -9.78 -30.78 48.18
CA THR B 70 -10.22 -31.93 47.38
C THR B 70 -11.15 -32.83 48.18
N SER B 71 -10.85 -33.04 49.46
CA SER B 71 -11.72 -33.86 50.31
C SER B 71 -13.10 -33.22 50.47
N LEU B 72 -13.22 -31.93 50.24
CA LEU B 72 -14.50 -31.24 50.29
C LEU B 72 -15.24 -31.22 48.96
N LEU B 73 -14.58 -31.63 47.88
CA LEU B 73 -15.14 -31.47 46.53
C LEU B 73 -16.30 -32.43 46.31
N GLN B 74 -17.43 -31.89 45.87
CA GLN B 74 -18.63 -32.65 45.58
C GLN B 74 -18.63 -33.08 44.11
N PRO B 75 -19.49 -34.05 43.75
CA PRO B 75 -19.44 -34.59 42.37
C PRO B 75 -19.70 -33.54 41.29
N ASP B 76 -20.44 -32.48 41.58
CA ASP B 76 -20.72 -31.48 40.56
C ASP B 76 -19.58 -30.46 40.40
N GLY B 77 -18.51 -30.58 41.17
CA GLY B 77 -17.40 -29.65 41.11
C GLY B 77 -17.50 -28.49 42.06
N ASP B 78 -18.53 -28.43 42.89
CA ASP B 78 -18.74 -27.34 43.83
C ASP B 78 -18.31 -27.75 45.23
N ILE B 79 -18.12 -26.74 46.08
CA ILE B 79 -17.99 -26.94 47.52
C ILE B 79 -19.11 -26.15 48.18
N PRO B 80 -20.32 -26.69 48.26
CA PRO B 80 -21.43 -25.94 48.87
C PRO B 80 -21.34 -25.88 50.39
N GLN B 81 -20.61 -26.79 51.02
CA GLN B 81 -20.43 -26.81 52.45
C GLN B 81 -18.99 -27.17 52.75
N PRO B 82 -18.41 -26.62 53.82
CA PRO B 82 -19.04 -25.73 54.82
C PRO B 82 -19.00 -24.25 54.43
N ARG B 83 -20.17 -23.60 54.43
CA ARG B 83 -20.29 -22.17 54.20
C ARG B 83 -21.23 -21.59 55.24
N GLU B 84 -20.82 -20.48 55.86
CA GLU B 84 -21.64 -19.81 56.85
C GLU B 84 -21.90 -18.34 56.53
N GLU B 85 -20.91 -17.64 55.97
CA GLU B 85 -21.07 -16.23 55.69
C GLU B 85 -22.08 -16.01 54.56
N ARG B 86 -23.00 -15.07 54.78
CA ARG B 86 -24.06 -14.81 53.81
C ARG B 86 -23.49 -14.39 52.46
N TYR B 87 -22.40 -13.60 52.46
CA TYR B 87 -21.85 -13.10 51.21
C TYR B 87 -21.38 -14.23 50.30
N PHE B 88 -20.96 -15.35 50.88
CA PHE B 88 -20.58 -16.53 50.10
C PHE B 88 -21.74 -17.49 49.90
N LEU B 89 -22.97 -17.02 50.06
CA LEU B 89 -24.16 -17.82 49.80
C LEU B 89 -25.03 -17.22 48.71
N ASP B 90 -25.38 -15.93 48.81
CA ASP B 90 -26.23 -15.31 47.80
C ASP B 90 -25.75 -13.94 47.34
N VAL B 91 -24.57 -13.48 47.75
CA VAL B 91 -24.06 -12.20 47.29
C VAL B 91 -23.03 -12.45 46.18
N HIS B 92 -22.00 -13.25 46.48
CA HIS B 92 -21.07 -13.71 45.46
C HIS B 92 -20.62 -15.12 45.88
N TYR B 93 -21.49 -16.09 45.59
CA TYR B 93 -21.25 -17.47 46.00
C TYR B 93 -19.97 -18.03 45.38
N LEU B 94 -19.69 -17.67 44.13
CA LEU B 94 -18.54 -18.19 43.41
C LEU B 94 -17.24 -17.48 43.73
N TYR B 95 -17.25 -16.55 44.71
CA TYR B 95 -16.01 -15.88 45.08
C TYR B 95 -15.01 -16.86 45.68
N ALA B 96 -15.50 -17.84 46.43
CA ALA B 96 -14.61 -18.89 46.93
C ALA B 96 -14.23 -19.85 45.82
N ASN B 97 -15.16 -20.13 44.90
CA ASN B 97 -14.87 -21.04 43.79
C ASN B 97 -13.80 -20.50 42.85
N GLY B 98 -13.75 -19.17 42.68
CA GLY B 98 -12.78 -18.60 41.76
C GLY B 98 -11.35 -18.75 42.24
N TYR B 99 -11.09 -18.35 43.50
CA TYR B 99 -9.74 -18.44 44.04
C TYR B 99 -9.27 -19.89 44.14
N LEU B 100 -10.18 -20.80 44.49
CA LEU B 100 -9.83 -22.21 44.56
C LEU B 100 -9.41 -22.74 43.20
N THR B 101 -10.09 -22.30 42.13
CA THR B 101 -9.74 -22.75 40.79
C THR B 101 -8.35 -22.29 40.40
N ILE B 102 -8.05 -21.01 40.61
CA ILE B 102 -6.74 -20.46 40.27
C ILE B 102 -5.65 -21.17 41.06
N GLY B 103 -5.82 -21.24 42.38
CA GLY B 103 -4.79 -21.83 43.22
C GLY B 103 -4.54 -23.30 42.91
N ALA B 104 -5.60 -24.05 42.60
CA ALA B 104 -5.42 -25.45 42.25
C ALA B 104 -4.72 -25.59 40.90
N HIS B 105 -5.04 -24.72 39.95
CA HIS B 105 -4.46 -24.83 38.62
C HIS B 105 -2.97 -24.51 38.62
N VAL B 106 -2.57 -23.46 39.35
CA VAL B 106 -1.15 -23.09 39.38
C VAL B 106 -0.33 -24.14 40.13
N LEU B 107 -0.96 -24.97 40.95
CA LEU B 107 -0.28 -26.06 41.62
C LEU B 107 -0.24 -27.33 40.79
N GLY B 108 -0.80 -27.33 39.58
CA GLY B 108 -0.84 -28.53 38.79
C GLY B 108 -1.88 -29.53 39.21
N ARG B 109 -2.78 -29.16 40.12
CA ARG B 109 -3.91 -30.02 40.50
C ARG B 109 -5.01 -29.87 39.44
N PHE B 110 -4.71 -30.39 38.26
CA PHE B 110 -5.55 -30.12 37.09
C PHE B 110 -6.91 -30.80 37.21
N GLY B 111 -6.98 -31.95 37.88
CA GLY B 111 -8.28 -32.55 38.14
C GLY B 111 -9.15 -31.68 39.02
N LEU B 112 -8.55 -31.09 40.06
CA LEU B 112 -9.29 -30.18 40.93
C LEU B 112 -9.71 -28.92 40.18
N SER B 113 -8.79 -28.35 39.41
CA SER B 113 -9.10 -27.11 38.69
C SER B 113 -10.13 -27.34 37.60
N ARG B 114 -10.05 -28.47 36.90
CA ARG B 114 -11.02 -28.78 35.86
C ARG B 114 -12.43 -28.84 36.43
N LYS B 115 -12.61 -29.60 37.52
CA LYS B 115 -13.93 -29.77 38.10
C LYS B 115 -14.46 -28.47 38.68
N LEU B 116 -13.59 -27.71 39.36
CA LEU B 116 -14.01 -26.41 39.90
C LEU B 116 -14.40 -25.46 38.78
N MET B 117 -13.60 -25.41 37.72
CA MET B 117 -13.89 -24.48 36.64
C MET B 117 -15.13 -24.90 35.85
N SER B 118 -15.32 -26.21 35.67
CA SER B 118 -16.52 -26.69 34.98
C SER B 118 -17.78 -26.28 35.72
N PHE B 119 -17.79 -26.42 37.05
CA PHE B 119 -18.97 -26.01 37.81
C PHE B 119 -19.16 -24.51 37.76
N VAL B 120 -18.08 -23.74 37.85
CA VAL B 120 -18.17 -22.28 37.77
C VAL B 120 -18.89 -21.87 36.50
N GLU B 121 -18.64 -22.58 35.40
CA GLU B 121 -19.28 -22.25 34.13
C GLU B 121 -20.74 -22.70 34.07
N THR B 122 -21.15 -23.65 34.92
CA THR B 122 -22.56 -24.03 34.94
C THR B 122 -23.44 -22.92 35.51
N MET B 123 -22.86 -21.97 36.25
CA MET B 123 -23.60 -20.84 36.79
C MET B 123 -23.46 -19.58 35.95
N ARG B 124 -22.98 -19.71 34.71
CA ARG B 124 -22.83 -18.57 33.83
C ARG B 124 -24.14 -18.33 33.07
N ASN B 125 -24.59 -17.08 33.07
CA ASN B 125 -25.74 -16.67 32.28
C ASN B 125 -25.30 -16.49 30.83
N PRO B 126 -25.71 -17.39 29.92
CA PRO B 126 -25.21 -17.30 28.54
C PRO B 126 -25.66 -16.05 27.81
N ALA B 127 -26.80 -15.46 28.20
CA ALA B 127 -27.27 -14.26 27.52
C ALA B 127 -26.50 -13.03 27.94
N THR B 128 -26.20 -12.89 29.23
CA THR B 128 -25.52 -11.71 29.74
C THR B 128 -24.02 -11.90 29.88
N GLY B 129 -23.54 -13.14 29.96
CA GLY B 129 -22.14 -13.41 30.23
C GLY B 129 -21.75 -13.33 31.68
N GLY B 130 -22.65 -12.94 32.57
CA GLY B 130 -22.34 -12.86 33.99
C GLY B 130 -22.53 -14.19 34.69
N PHE B 131 -22.13 -14.20 35.97
CA PHE B 131 -22.19 -15.40 36.79
C PHE B 131 -23.11 -15.15 37.97
N ARG B 132 -23.94 -16.14 38.30
CA ARG B 132 -24.99 -15.98 39.28
C ARG B 132 -24.41 -15.76 40.68
N SER B 133 -25.11 -14.94 41.47
CA SER B 133 -24.62 -14.54 42.78
C SER B 133 -24.92 -15.56 43.87
N HIS B 134 -25.89 -16.45 43.66
CA HIS B 134 -26.36 -17.36 44.70
C HIS B 134 -26.22 -18.80 44.22
N GLY B 135 -25.65 -19.66 45.06
CA GLY B 135 -25.31 -21.00 44.68
C GLY B 135 -26.53 -21.85 44.37
N PRO B 136 -26.27 -23.09 43.92
CA PRO B 136 -27.37 -23.95 43.46
C PRO B 136 -28.37 -24.33 44.54
N ALA B 137 -27.97 -24.31 45.81
CA ALA B 137 -28.86 -24.65 46.91
C ALA B 137 -29.44 -23.42 47.61
N ILE B 138 -29.08 -22.22 47.18
CA ILE B 138 -29.53 -20.98 47.79
C ILE B 138 -30.52 -20.32 46.84
N PRO B 139 -31.80 -20.20 47.21
CA PRO B 139 -32.77 -19.59 46.30
C PRO B 139 -32.46 -18.12 46.05
N GLY B 140 -32.69 -17.70 44.81
CA GLY B 140 -32.49 -16.30 44.43
C GLY B 140 -33.16 -16.04 43.10
N ASP B 141 -32.92 -14.84 42.58
CA ASP B 141 -33.58 -14.39 41.36
C ASP B 141 -32.68 -14.49 40.12
N GLY B 142 -31.56 -15.20 40.22
CA GLY B 142 -30.65 -15.33 39.09
C GLY B 142 -29.82 -14.11 38.80
N ARG B 143 -29.70 -13.18 39.74
CA ARG B 143 -28.91 -11.97 39.52
C ARG B 143 -27.43 -12.31 39.40
N CYS B 144 -26.70 -11.45 38.69
CA CYS B 144 -25.27 -11.63 38.49
C CYS B 144 -24.55 -10.36 38.95
N ASP B 145 -23.41 -10.55 39.62
CA ASP B 145 -22.68 -9.43 40.19
C ASP B 145 -21.27 -9.35 39.61
N SER B 146 -20.65 -8.17 39.77
CA SER B 146 -19.34 -7.91 39.19
C SER B 146 -18.25 -8.77 39.82
N VAL B 147 -18.37 -9.06 41.12
CA VAL B 147 -17.32 -9.82 41.80
C VAL B 147 -17.35 -11.28 41.36
N SER B 148 -18.54 -11.90 41.37
CA SER B 148 -18.66 -13.27 40.88
C SER B 148 -18.21 -13.37 39.42
N THR B 149 -18.53 -12.35 38.61
CA THR B 149 -18.17 -12.39 37.20
C THR B 149 -16.67 -12.23 37.01
N SER B 150 -16.06 -11.28 37.71
CA SER B 150 -14.64 -11.00 37.52
C SER B 150 -13.76 -12.12 38.06
N ILE B 151 -14.13 -12.71 39.19
CA ILE B 151 -13.32 -13.78 39.75
C ILE B 151 -13.44 -15.04 38.91
N SER B 152 -14.63 -15.27 38.34
CA SER B 152 -14.79 -16.41 37.44
C SER B 152 -14.05 -16.18 36.13
N GLY B 153 -14.07 -14.95 35.63
CA GLY B 153 -13.27 -14.63 34.46
C GLY B 153 -11.78 -14.78 34.72
N LEU B 154 -11.33 -14.38 35.89
CA LEU B 154 -9.93 -14.56 36.26
C LEU B 154 -9.59 -16.05 36.35
N ALA B 155 -10.48 -16.84 36.95
CA ALA B 155 -10.29 -18.29 36.97
C ALA B 155 -10.32 -18.86 35.56
N ALA B 156 -11.20 -18.34 34.71
CA ALA B 156 -11.22 -18.76 33.31
C ALA B 156 -9.91 -18.39 32.62
N LEU B 157 -9.36 -17.22 32.95
CA LEU B 157 -8.09 -16.81 32.36
C LEU B 157 -6.97 -17.78 32.72
N TYR B 158 -6.88 -18.15 34.00
CA TYR B 158 -5.81 -19.05 34.44
C TYR B 158 -5.99 -20.46 33.90
N THR B 159 -7.23 -20.87 33.62
CA THR B 159 -7.50 -22.21 33.11
C THR B 159 -7.63 -22.26 31.60
N GLY B 160 -7.31 -21.18 30.91
CA GLY B 160 -7.34 -21.18 29.45
C GLY B 160 -8.72 -21.16 28.83
N ARG B 161 -9.75 -20.80 29.60
CA ARG B 161 -11.11 -20.66 29.07
C ARG B 161 -11.33 -19.21 28.65
N VAL B 162 -10.57 -18.80 27.62
CA VAL B 162 -10.49 -17.39 27.25
C VAL B 162 -11.84 -16.88 26.76
N ASP B 163 -12.62 -17.71 26.07
CA ASP B 163 -13.94 -17.27 25.63
C ASP B 163 -14.84 -16.98 26.82
N THR B 164 -14.78 -17.82 27.86
CA THR B 164 -15.51 -17.54 29.09
C THR B 164 -15.03 -16.23 29.73
N ALA B 165 -13.73 -15.98 29.69
CA ALA B 165 -13.19 -14.72 30.22
C ALA B 165 -13.68 -13.53 29.40
N ARG B 166 -13.67 -13.66 28.07
CA ARG B 166 -14.13 -12.57 27.22
C ARG B 166 -15.61 -12.27 27.46
N SER B 167 -16.43 -13.32 27.55
CA SER B 167 -17.85 -13.13 27.81
C SER B 167 -18.09 -12.48 29.17
N ALA B 168 -17.26 -12.83 30.16
CA ALA B 168 -17.37 -12.20 31.46
C ALA B 168 -17.04 -10.71 31.39
N ALA B 169 -16.06 -10.35 30.57
CA ALA B 169 -15.74 -8.94 30.39
C ALA B 169 -16.83 -8.21 29.64
N ASP B 170 -17.53 -8.90 28.74
CA ASP B 170 -18.67 -8.30 28.06
C ASP B 170 -19.76 -7.92 29.06
N PHE B 171 -20.02 -8.80 30.04
CA PHE B 171 -20.95 -8.46 31.11
C PHE B 171 -20.46 -7.26 31.92
N LEU B 172 -19.17 -7.25 32.27
CA LEU B 172 -18.62 -6.13 33.01
C LEU B 172 -18.68 -4.85 32.19
N GLY B 173 -18.42 -4.94 30.87
CA GLY B 173 -18.51 -3.76 30.04
C GLY B 173 -19.91 -3.18 29.98
N SER B 174 -20.91 -4.05 29.85
CA SER B 174 -22.30 -3.57 29.80
C SER B 174 -22.75 -3.04 31.15
N LEU B 175 -22.38 -3.73 32.24
CA LEU B 175 -22.75 -3.26 33.57
C LEU B 175 -22.16 -1.89 33.85
N TRP B 176 -20.94 -1.63 33.38
CA TRP B 176 -20.34 -0.32 33.55
C TRP B 176 -21.04 0.73 32.69
N VAL B 177 -21.44 0.35 31.47
CA VAL B 177 -22.05 1.31 30.56
C VAL B 177 -23.47 1.65 30.99
N GLY B 178 -24.13 0.73 31.70
CA GLY B 178 -25.52 0.94 32.07
C GLY B 178 -25.71 1.46 33.48
N GLN B 179 -24.65 1.97 34.08
CA GLN B 179 -24.72 2.50 35.44
C GLN B 179 -25.66 3.71 35.47
N PRO B 180 -26.70 3.70 36.31
CA PRO B 180 -27.64 4.83 36.32
C PRO B 180 -27.03 6.12 36.87
N ASP B 181 -26.07 6.02 37.79
CA ASP B 181 -25.44 7.21 38.36
C ASP B 181 -24.11 6.83 39.01
N ARG B 182 -23.09 6.56 38.18
CA ARG B 182 -21.83 6.06 38.69
C ARG B 182 -21.15 7.06 39.61
N LYS B 183 -21.45 8.36 39.46
CA LYS B 183 -20.78 9.37 40.25
C LYS B 183 -21.17 9.33 41.72
N ASN B 184 -22.30 8.72 42.05
CA ASN B 184 -22.76 8.63 43.44
C ASN B 184 -22.84 7.19 43.96
N VAL B 185 -23.20 6.24 43.12
CA VAL B 185 -23.34 4.85 43.56
C VAL B 185 -22.90 3.94 42.42
N PHE B 186 -22.27 2.82 42.77
CA PHE B 186 -21.90 1.79 41.81
C PHE B 186 -22.76 0.56 42.09
N HIS B 187 -23.77 0.34 41.26
CA HIS B 187 -24.60 -0.85 41.36
C HIS B 187 -23.86 -2.00 40.69
N ALA B 188 -23.39 -2.94 41.49
CA ALA B 188 -22.55 -4.04 41.01
C ALA B 188 -23.33 -5.26 40.58
N VAL B 189 -24.66 -5.19 40.55
CA VAL B 189 -25.50 -6.34 40.29
C VAL B 189 -26.40 -6.05 39.09
N ALA B 190 -26.66 -7.08 38.29
CA ALA B 190 -27.63 -7.03 37.20
C ALA B 190 -28.57 -8.22 37.32
N ASP B 191 -29.78 -8.06 36.80
CA ASP B 191 -30.74 -9.15 36.82
C ASP B 191 -30.37 -10.20 35.78
N ALA B 192 -31.19 -11.25 35.69
CA ALA B 192 -30.92 -12.35 34.77
C ALA B 192 -31.05 -11.96 33.31
N SER B 193 -31.55 -10.76 33.00
CA SER B 193 -31.71 -10.32 31.61
C SER B 193 -30.72 -9.21 31.25
N GLY B 194 -29.76 -8.91 32.11
CA GLY B 194 -28.70 -7.98 31.77
C GLY B 194 -28.93 -6.55 32.18
N ALA B 195 -30.08 -6.22 32.78
CA ALA B 195 -30.36 -4.86 33.22
C ALA B 195 -29.79 -4.65 34.61
N VAL B 196 -29.23 -3.45 34.83
CA VAL B 196 -28.64 -3.14 36.13
C VAL B 196 -29.72 -3.18 37.20
N LEU B 197 -29.42 -3.87 38.30
CA LEU B 197 -30.37 -4.06 39.39
C LEU B 197 -30.11 -2.99 40.45
N THR B 198 -31.03 -2.02 40.54
CA THR B 198 -30.93 -0.96 41.52
C THR B 198 -31.77 -1.23 42.76
N SER B 199 -32.14 -2.49 42.99
CA SER B 199 -32.98 -2.84 44.12
C SER B 199 -32.23 -2.63 45.44
N ASP B 200 -33.01 -2.45 46.51
CA ASP B 200 -32.42 -2.17 47.81
C ASP B 200 -31.66 -3.37 48.38
N ASP B 201 -31.96 -4.58 47.93
CA ASP B 201 -31.25 -5.78 48.37
C ASP B 201 -30.10 -6.15 47.44
N ALA B 202 -29.79 -5.31 46.46
CA ALA B 202 -28.68 -5.56 45.54
C ALA B 202 -27.45 -4.79 46.00
N VAL B 203 -26.28 -5.40 45.84
CA VAL B 203 -25.05 -4.78 46.30
C VAL B 203 -24.79 -3.50 45.52
N ALA B 204 -24.57 -2.41 46.25
CA ALA B 204 -24.31 -1.10 45.65
C ALA B 204 -23.24 -0.39 46.45
N VAL B 205 -22.22 0.11 45.76
CA VAL B 205 -21.11 0.80 46.41
C VAL B 205 -21.45 2.28 46.51
N GLN B 206 -21.58 2.77 47.75
CA GLN B 206 -21.73 4.20 47.99
C GLN B 206 -20.40 4.89 47.73
N VAL B 207 -20.15 5.29 46.48
CA VAL B 207 -18.80 5.64 46.06
C VAL B 207 -18.34 6.96 46.68
N ARG B 208 -19.27 7.85 47.04
CA ARG B 208 -18.89 9.10 47.68
C ARG B 208 -18.84 9.00 49.19
N LYS B 209 -18.92 7.80 49.74
CA LYS B 209 -18.81 7.55 51.16
C LYS B 209 -17.64 6.61 51.43
N ALA B 210 -17.25 6.53 52.70
CA ALA B 210 -16.16 5.65 53.09
C ALA B 210 -16.71 4.40 53.77
N GLU B 211 -17.49 3.60 53.04
CA GLU B 211 -18.14 2.42 53.61
C GLU B 211 -17.71 1.14 52.89
N GLY B 212 -16.49 1.10 52.39
CA GLY B 212 -15.89 -0.10 51.84
C GLY B 212 -16.59 -0.65 50.61
N ASP B 213 -16.41 -1.96 50.43
CA ASP B 213 -16.95 -2.71 49.30
C ASP B 213 -16.38 -2.24 47.97
N TRP B 214 -15.17 -1.68 47.99
CA TRP B 214 -14.56 -1.18 46.76
C TRP B 214 -14.08 -2.30 45.85
N TYR B 215 -13.99 -3.53 46.35
CA TYR B 215 -13.55 -4.64 45.52
C TYR B 215 -14.61 -5.07 44.50
N PHE B 216 -15.82 -4.52 44.59
CA PHE B 216 -16.78 -4.69 43.51
C PHE B 216 -16.39 -3.86 42.29
N ILE B 217 -15.48 -2.91 42.45
CA ILE B 217 -14.90 -2.17 41.34
C ILE B 217 -13.45 -2.58 41.10
N GLY B 218 -12.70 -2.87 42.17
CA GLY B 218 -11.28 -3.15 42.01
C GLY B 218 -11.00 -4.50 41.39
N LEU B 219 -11.78 -5.52 41.75
CA LEU B 219 -11.59 -6.84 41.17
C LEU B 219 -11.91 -6.83 39.67
N PRO B 220 -13.00 -6.19 39.22
CA PRO B 220 -13.16 -6.03 37.76
C PRO B 220 -11.98 -5.32 37.11
N ALA B 221 -11.45 -4.27 37.74
CA ALA B 221 -10.28 -3.58 37.20
C ALA B 221 -9.10 -4.53 37.06
N PHE B 222 -8.82 -5.31 38.11
CA PHE B 222 -7.76 -6.30 38.06
C PHE B 222 -8.00 -7.31 36.94
N PHE B 223 -9.19 -7.92 36.92
CA PHE B 223 -9.49 -8.93 35.91
C PHE B 223 -9.35 -8.37 34.51
N LEU B 224 -9.96 -7.21 34.25
CA LEU B 224 -9.92 -6.63 32.91
C LEU B 224 -8.49 -6.29 32.48
N THR B 225 -7.65 -5.87 33.43
CA THR B 225 -6.25 -5.62 33.10
C THR B 225 -5.54 -6.91 32.75
N ALA B 226 -5.82 -7.99 33.48
CA ALA B 226 -5.24 -9.28 33.16
C ALA B 226 -5.75 -9.80 31.82
N LEU B 227 -7.00 -9.51 31.48
CA LEU B 227 -7.53 -9.95 30.19
C LEU B 227 -6.91 -9.16 29.05
N TYR B 228 -6.64 -7.87 29.26
CA TYR B 228 -5.94 -7.10 28.23
C TYR B 228 -4.51 -7.59 28.05
N GLU B 229 -3.86 -8.03 29.12
CA GLU B 229 -2.56 -8.65 28.96
C GLU B 229 -2.65 -9.93 28.15
N ALA B 230 -3.73 -10.70 28.34
CA ALA B 230 -3.90 -11.97 27.65
C ALA B 230 -4.26 -11.78 26.18
N THR B 231 -5.21 -10.89 25.90
CA THR B 231 -5.74 -10.75 24.55
C THR B 231 -5.15 -9.58 23.77
N GLU B 232 -4.62 -8.56 24.46
CA GLU B 232 -4.18 -7.31 23.85
C GLU B 232 -5.29 -6.62 23.08
N ASP B 233 -6.54 -6.94 23.41
CA ASP B 233 -7.70 -6.23 22.88
C ASP B 233 -7.84 -4.93 23.64
N ARG B 234 -7.62 -3.80 22.95
CA ARG B 234 -7.57 -2.51 23.64
C ARG B 234 -8.89 -2.14 24.27
N ALA B 235 -9.99 -2.79 23.88
CA ALA B 235 -11.28 -2.54 24.53
C ALA B 235 -11.24 -2.89 26.01
N TYR B 236 -10.38 -3.84 26.40
CA TYR B 236 -10.28 -4.24 27.80
C TYR B 236 -9.39 -3.29 28.58
N LEU B 237 -8.31 -2.81 27.95
CA LEU B 237 -7.48 -1.78 28.59
C LEU B 237 -8.28 -0.49 28.78
N ASP B 238 -9.11 -0.14 27.79
CA ASP B 238 -9.97 1.04 27.92
C ASP B 238 -10.89 0.89 29.13
N LEU B 239 -11.56 -0.26 29.25
CA LEU B 239 -12.47 -0.46 30.36
C LEU B 239 -11.74 -0.49 31.70
N ALA B 240 -10.54 -1.09 31.72
CA ALA B 240 -9.74 -1.09 32.93
C ALA B 240 -9.28 0.32 33.28
N THR B 241 -8.98 1.13 32.26
CA THR B 241 -8.55 2.50 32.51
C THR B 241 -9.69 3.34 33.08
N ASP B 242 -10.91 3.14 32.57
CA ASP B 242 -12.06 3.86 33.11
C ASP B 242 -12.29 3.52 34.57
N LEU B 243 -12.16 2.24 34.94
CA LEU B 243 -12.43 1.82 36.30
C LEU B 243 -11.38 2.35 37.27
N MET B 244 -10.11 2.34 36.87
CA MET B 244 -9.06 2.85 37.75
C MET B 244 -9.12 4.36 37.88
N THR B 245 -9.38 5.07 36.78
CA THR B 245 -9.61 6.51 36.87
C THR B 245 -10.86 6.82 37.68
N TYR B 246 -11.87 5.95 37.57
CA TYR B 246 -13.10 6.13 38.35
C TYR B 246 -12.83 6.08 39.84
N MET B 247 -12.13 5.03 40.30
CA MET B 247 -11.79 4.93 41.72
C MET B 247 -10.83 6.04 42.15
N ASP B 248 -9.95 6.47 41.24
CA ASP B 248 -8.95 7.47 41.60
C ASP B 248 -9.57 8.85 41.74
N GLU B 249 -10.40 9.26 40.78
CA GLU B 249 -10.86 10.64 40.70
C GLU B 249 -12.30 10.84 41.17
N ASP B 250 -13.19 9.89 40.92
CA ASP B 250 -14.59 10.06 41.28
C ASP B 250 -14.97 9.40 42.60
N CYS B 251 -14.26 8.36 43.01
CA CYS B 251 -14.58 7.65 44.24
C CYS B 251 -13.91 8.31 45.44
N ASP B 252 -14.49 8.09 46.61
CA ASP B 252 -13.90 8.57 47.86
C ASP B 252 -12.52 7.97 48.05
N GLU B 253 -11.67 8.69 48.78
CA GLU B 253 -10.31 8.20 49.01
C GLU B 253 -10.28 6.88 49.76
N ASP B 254 -11.42 6.45 50.32
CA ASP B 254 -11.50 5.13 50.94
C ASP B 254 -11.28 4.00 49.94
N ALA B 255 -11.40 4.28 48.63
CA ALA B 255 -11.20 3.25 47.63
C ALA B 255 -9.77 2.72 47.66
N PHE B 256 -8.81 3.53 48.06
CA PHE B 256 -7.41 3.12 48.17
C PHE B 256 -6.96 3.01 49.62
N VAL B 257 -7.90 2.95 50.56
CA VAL B 257 -7.58 2.94 51.98
C VAL B 257 -8.30 1.78 52.69
N ASP B 258 -9.51 1.48 52.22
CA ASP B 258 -10.30 0.41 52.82
C ASP B 258 -9.57 -0.94 52.70
N SER B 259 -10.00 -1.90 53.51
CA SER B 259 -9.36 -3.21 53.53
C SER B 259 -9.50 -3.94 52.20
N SER B 260 -10.45 -3.54 51.35
CA SER B 260 -10.63 -4.18 50.04
C SER B 260 -9.89 -3.46 48.93
N CYS B 261 -9.02 -2.51 49.26
CA CYS B 261 -8.29 -1.76 48.24
C CYS B 261 -7.21 -2.58 47.56
N GLY B 262 -6.91 -3.77 48.08
CA GLY B 262 -5.83 -4.59 47.54
C GLY B 262 -5.98 -4.99 46.09
N A1EJ4 B 263 -7.22 -5.17 45.64
CA A1EJ4 B 263 -7.49 -5.59 44.23
C A1EJ4 B 263 -7.19 -4.42 43.29
CB A1EJ4 B 263 -8.93 -6.07 44.06
O A1EJ4 B 263 -6.47 -4.67 42.29
C10 A1EJ4 B 263 -10.70 -7.62 52.20
C11 A1EJ4 B 263 -9.48 -7.84 53.04
C12 A1EJ4 B 263 -11.66 -8.62 48.86
CG A1EJ4 B 263 -9.32 -7.30 44.87
CD A1EJ4 B 263 -9.78 -6.97 46.29
CE A1EJ4 B 263 -10.42 -8.15 47.00
C9 A1EJ4 B 263 -12.03 -8.39 50.29
NZ A1EJ4 B 263 -11.10 -7.71 48.22
N8 A1EJ4 B 263 -10.89 -8.49 51.19
O7 A1EJ4 B 263 -11.49 -6.71 52.41
N ALA B 264 -7.63 -3.22 43.66
CA ALA B 264 -7.33 -2.03 42.88
C ALA B 264 -5.82 -1.79 42.87
N GLY B 265 -5.18 -2.11 43.99
CA GLY B 265 -3.74 -1.97 44.07
C GLY B 265 -3.00 -2.92 43.14
N VAL B 266 -3.45 -4.18 43.09
CA VAL B 266 -2.87 -5.13 42.15
C VAL B 266 -3.16 -4.71 40.72
N ALA B 267 -4.37 -4.21 40.47
CA ALA B 267 -4.71 -3.70 39.13
C ALA B 267 -3.81 -2.54 38.74
N ALA B 268 -3.54 -1.63 39.68
CA ALA B 268 -2.66 -0.51 39.39
C ALA B 268 -1.23 -0.96 39.13
N ALA B 269 -0.75 -1.95 39.90
CA ALA B 269 0.59 -2.48 39.69
C ALA B 269 0.71 -3.16 38.33
N LEU B 270 -0.27 -4.00 37.99
CA LEU B 270 -0.28 -4.63 36.68
C LEU B 270 -0.41 -3.60 35.58
N LEU B 271 -1.25 -2.57 35.79
CA LEU B 271 -1.40 -1.51 34.81
C LEU B 271 -0.11 -0.74 34.61
N TYR B 272 0.72 -0.64 35.64
CA TYR B 272 1.97 0.11 35.52
C TYR B 272 2.96 -0.61 34.62
N ARG B 273 3.22 -1.89 34.90
CA ARG B 273 4.16 -2.64 34.07
C ARG B 273 3.71 -2.68 32.61
N LEU B 274 2.39 -2.78 32.38
CA LEU B 274 1.88 -2.88 31.02
C LEU B 274 1.89 -1.53 30.30
N THR B 275 1.73 -0.43 31.03
CA THR B 275 1.53 0.87 30.41
C THR B 275 2.57 1.92 30.78
N GLY B 276 3.23 1.79 31.93
CA GLY B 276 4.23 2.77 32.35
C GLY B 276 3.66 4.06 32.90
N ARG B 277 2.35 4.18 33.02
CA ARG B 277 1.74 5.38 33.55
C ARG B 277 2.14 5.57 35.01
N PRO B 278 2.78 6.69 35.37
CA PRO B 278 3.29 6.82 36.74
C PRO B 278 2.21 6.85 37.81
N ARG B 279 1.00 7.31 37.48
CA ARG B 279 -0.08 7.32 38.47
C ARG B 279 -0.41 5.91 38.95
N TYR B 280 -0.29 4.92 38.06
CA TYR B 280 -0.55 3.54 38.45
C TYR B 280 0.51 3.03 39.42
N ARG B 281 1.77 3.42 39.22
CA ARG B 281 2.81 3.06 40.18
C ARG B 281 2.55 3.71 41.53
N GLU B 282 2.05 4.94 41.52
CA GLU B 282 1.79 5.65 42.78
C GLU B 282 0.67 4.97 43.57
N ILE B 283 -0.43 4.64 42.89
CA ILE B 283 -1.55 3.97 43.54
C ILE B 283 -1.11 2.63 44.11
N ALA B 284 -0.43 1.82 43.29
CA ALA B 284 0.02 0.51 43.73
C ALA B 284 1.01 0.63 44.89
N GLU B 285 1.93 1.59 44.81
CA GLU B 285 2.91 1.77 45.88
C GLU B 285 2.23 2.15 47.19
N GLY B 286 1.33 3.13 47.14
CA GLY B 286 0.67 3.59 48.36
C GLY B 286 -0.17 2.52 49.01
N ILE B 287 -0.86 1.71 48.19
CA ILE B 287 -1.71 0.65 48.73
C ILE B 287 -0.86 -0.44 49.36
N GLY B 288 0.19 -0.88 48.65
CA GLY B 288 1.08 -1.88 49.21
C GLY B 288 1.76 -1.41 50.48
N THR B 289 2.22 -0.15 50.49
CA THR B 289 2.77 0.43 51.71
C THR B 289 1.72 0.45 52.82
N LEU B 290 0.47 0.71 52.47
CA LEU B 290 -0.60 0.74 53.47
C LEU B 290 -0.80 -0.62 54.11
N LEU B 291 -0.83 -1.68 53.29
CA LEU B 291 -1.02 -3.02 53.83
C LEU B 291 0.16 -3.45 54.69
N CYS B 292 1.36 -2.96 54.40
CA CYS B 292 2.52 -3.26 55.24
C CYS B 292 2.38 -2.60 56.61
N GLU B 293 1.78 -1.40 56.66
CA GLU B 293 1.64 -0.71 57.94
C GLU B 293 0.72 -1.47 58.88
N ARG B 294 -0.37 -2.03 58.36
CA ARG B 294 -1.39 -2.64 59.19
C ARG B 294 -1.02 -4.05 59.65
N GLN B 295 0.02 -4.65 59.08
CA GLN B 295 0.40 -6.01 59.47
C GLN B 295 0.81 -6.07 60.93
N SER B 296 0.26 -7.04 61.65
CA SER B 296 0.62 -7.22 63.05
C SER B 296 2.09 -7.63 63.17
N PRO B 297 2.76 -7.25 64.26
CA PRO B 297 4.14 -7.70 64.47
C PRO B 297 4.25 -9.21 64.55
N TYR B 298 3.16 -9.92 64.80
CA TYR B 298 3.18 -11.38 64.81
C TYR B 298 3.05 -11.97 63.41
N GLY B 299 2.57 -11.20 62.44
CA GLY B 299 2.53 -11.66 61.06
C GLY B 299 1.18 -11.55 60.39
N TYR B 300 0.11 -11.76 61.14
CA TYR B 300 -1.22 -11.78 60.57
C TYR B 300 -1.76 -10.37 60.38
N TRP B 301 -2.94 -10.29 59.77
CA TRP B 301 -3.74 -9.07 59.71
C TRP B 301 -5.04 -9.29 60.49
N SER B 302 -5.46 -8.27 61.21
CA SER B 302 -6.70 -8.37 61.97
C SER B 302 -7.17 -6.99 62.38
N GLU B 303 -8.49 -6.84 62.49
CA GLU B 303 -9.06 -5.60 62.98
C GLU B 303 -8.86 -5.46 64.49
N GLU B 304 -8.98 -6.56 65.22
CA GLU B 304 -9.02 -6.53 66.68
C GLU B 304 -7.91 -7.32 67.36
N GLU B 305 -7.57 -8.50 66.84
CA GLU B 305 -6.64 -9.40 67.52
C GLU B 305 -5.29 -8.71 67.74
N THR B 306 -4.73 -8.92 68.93
CA THR B 306 -3.51 -8.23 69.33
C THR B 306 -2.41 -9.14 69.86
N GLY B 307 -2.71 -10.39 70.21
CA GLY B 307 -1.73 -11.29 70.78
C GLY B 307 -1.16 -12.26 69.77
N ASP B 308 -0.40 -13.23 70.29
CA ASP B 308 0.20 -14.28 69.46
C ASP B 308 -0.77 -15.46 69.34
N VAL B 309 -1.93 -15.17 68.74
CA VAL B 309 -3.02 -16.13 68.67
C VAL B 309 -2.63 -17.30 67.78
N ALA B 310 -3.10 -18.49 68.15
CA ALA B 310 -2.88 -19.69 67.37
C ALA B 310 -3.83 -19.81 66.19
N ASP B 311 -4.92 -19.04 66.17
CA ASP B 311 -5.88 -19.09 65.08
C ASP B 311 -6.57 -17.73 64.97
N LEU B 312 -7.37 -17.59 63.92
CA LEU B 312 -8.06 -16.33 63.65
C LEU B 312 -9.51 -16.61 63.28
N PHE B 313 -10.35 -15.62 63.52
CA PHE B 313 -11.70 -15.63 62.99
C PHE B 313 -11.64 -15.60 61.46
N TRP B 314 -12.60 -16.27 60.81
CA TRP B 314 -12.47 -16.59 59.39
C TRP B 314 -12.13 -15.38 58.54
N GLY B 315 -12.68 -14.21 58.89
CA GLY B 315 -12.44 -13.03 58.10
C GLY B 315 -11.00 -12.55 58.16
N ASP B 316 -10.37 -12.66 59.32
CA ASP B 316 -8.96 -12.26 59.43
C ASP B 316 -8.04 -13.28 58.76
N LEU B 317 -8.39 -14.56 58.84
CA LEU B 317 -7.59 -15.58 58.17
C LEU B 317 -7.62 -15.40 56.65
N ASP B 318 -8.81 -15.12 56.10
CA ASP B 318 -8.92 -14.88 54.67
C ASP B 318 -8.18 -13.60 54.28
N MET B 319 -8.30 -12.55 55.10
CA MET B 319 -7.61 -11.30 54.81
C MET B 319 -6.10 -11.47 54.84
N THR B 320 -5.60 -12.28 55.78
CA THR B 320 -4.17 -12.51 55.88
C THR B 320 -3.63 -13.22 54.64
N ALA B 321 -4.31 -14.28 54.20
CA ALA B 321 -3.90 -14.96 52.99
C ALA B 321 -4.12 -14.09 51.76
N GLU B 322 -5.15 -13.24 51.78
CA GLU B 322 -5.37 -12.34 50.67
C GLU B 322 -4.23 -11.33 50.53
N TYR B 323 -3.74 -10.81 51.65
CA TYR B 323 -2.69 -9.79 51.60
C TYR B 323 -1.34 -10.39 51.25
N VAL B 324 -1.10 -11.65 51.61
CA VAL B 324 0.07 -12.37 51.09
C VAL B 324 0.04 -12.34 49.57
N LEU B 325 -1.14 -12.60 49.00
CA LEU B 325 -1.27 -12.65 47.54
C LEU B 325 -1.11 -11.28 46.92
N TRP B 326 -1.84 -10.27 47.43
CA TRP B 326 -1.80 -8.96 46.82
C TRP B 326 -0.42 -8.31 46.97
N LEU B 327 0.18 -8.42 48.15
CA LEU B 327 1.51 -7.83 48.36
C LEU B 327 2.55 -8.47 47.45
N ASP B 328 2.37 -9.74 47.10
CA ASP B 328 3.28 -10.38 46.15
C ASP B 328 3.00 -9.91 44.73
N LEU B 329 1.72 -9.84 44.35
CA LEU B 329 1.37 -9.39 43.00
C LEU B 329 1.77 -7.95 42.76
N ILE B 330 1.51 -7.08 43.75
CA ILE B 330 1.94 -5.68 43.63
C ILE B 330 3.45 -5.60 43.56
N GLY B 331 4.16 -6.40 44.37
CA GLY B 331 5.61 -6.33 44.40
C GLY B 331 6.25 -6.78 43.11
N ARG B 332 5.78 -7.91 42.56
CA ARG B 332 6.38 -8.44 41.34
C ARG B 332 6.10 -7.55 40.13
N ASN B 333 4.98 -6.84 40.14
CA ASN B 333 4.62 -5.98 39.01
C ASN B 333 5.25 -4.59 39.12
N LEU B 334 5.38 -4.06 40.34
CA LEU B 334 6.12 -2.82 40.51
C LEU B 334 7.59 -3.00 40.14
N ALA B 335 8.20 -4.10 40.58
CA ALA B 335 9.60 -4.35 40.29
C ALA B 335 9.84 -4.53 38.79
N SER B 336 8.98 -5.30 38.13
CA SER B 336 9.12 -5.50 36.69
C SER B 336 8.82 -4.23 35.91
N GLY B 337 7.85 -3.42 36.38
CA GLY B 337 7.59 -2.15 35.73
C GLY B 337 8.74 -1.18 35.87
N GLU B 338 9.43 -1.21 37.01
CA GLU B 338 10.64 -0.42 37.20
C GLU B 338 11.70 -0.79 36.16
N ARG B 339 11.97 -2.09 36.03
CA ARG B 339 12.97 -2.55 35.07
C ARG B 339 12.60 -2.17 33.64
N VAL B 340 11.30 -2.16 33.33
CA VAL B 340 10.87 -1.94 31.95
C VAL B 340 10.83 -0.46 31.60
N TRP B 341 10.36 0.38 32.53
CA TRP B 341 10.02 1.76 32.21
C TRP B 341 11.01 2.80 32.71
N ALA B 342 11.92 2.45 33.62
CA ALA B 342 12.87 3.43 34.15
C ALA B 342 13.80 3.94 33.06
N ALA C 6 25.38 12.97 -42.00
CA ALA C 6 23.95 12.86 -41.81
C ALA C 6 23.22 13.89 -42.67
N LEU C 7 22.62 13.44 -43.77
CA LEU C 7 21.89 14.33 -44.66
C LEU C 7 20.54 14.68 -44.06
N SER C 8 20.12 15.93 -44.27
CA SER C 8 18.84 16.43 -43.76
C SER C 8 17.77 16.21 -44.81
N GLY C 9 16.72 15.50 -44.44
CA GLY C 9 15.62 15.22 -45.35
C GLY C 9 14.69 16.41 -45.50
N ASN C 10 13.47 16.11 -45.94
CA ASN C 10 12.46 17.14 -46.09
C ASN C 10 11.76 17.39 -44.75
N SER C 11 11.15 18.57 -44.65
CA SER C 11 10.37 18.94 -43.48
C SER C 11 8.94 18.42 -43.60
N PRO C 12 8.21 18.32 -42.49
CA PRO C 12 6.80 17.92 -42.59
C PRO C 12 5.97 18.82 -43.49
N HIS C 13 6.27 20.13 -43.49
CA HIS C 13 5.58 21.05 -44.40
C HIS C 13 5.88 20.70 -45.86
N GLU C 14 7.11 20.25 -46.14
CA GLU C 14 7.46 19.87 -47.50
C GLU C 14 6.82 18.55 -47.91
N LEU C 15 6.66 17.61 -46.96
CA LEU C 15 5.98 16.37 -47.27
C LEU C 15 4.52 16.62 -47.60
N LYS C 16 3.87 17.53 -46.86
CA LYS C 16 2.48 17.86 -47.14
C LYS C 16 2.33 18.57 -48.48
N ASN C 17 3.29 19.42 -48.83
CA ASN C 17 3.26 20.11 -50.11
C ASN C 17 3.24 19.13 -51.27
N ALA C 18 4.12 18.12 -51.24
CA ALA C 18 4.16 17.14 -52.30
C ALA C 18 2.89 16.32 -52.37
N ALA C 19 2.25 16.07 -51.23
CA ALA C 19 1.00 15.31 -51.23
C ALA C 19 -0.14 16.13 -51.83
N GLN C 20 -0.21 17.42 -51.51
CA GLN C 20 -1.25 18.28 -52.06
C GLN C 20 -1.12 18.40 -53.57
N ARG C 21 0.11 18.53 -54.06
CA ARG C 21 0.34 18.58 -55.50
C ARG C 21 -0.20 17.36 -56.20
N ALA C 22 0.02 16.17 -55.64
CA ALA C 22 -0.52 14.95 -56.23
C ALA C 22 -2.02 14.88 -56.07
N ALA C 23 -2.54 15.33 -54.93
CA ALA C 23 -3.99 15.38 -54.75
C ALA C 23 -4.63 16.33 -55.74
N ASP C 24 -4.01 17.49 -55.97
CA ASP C 24 -4.49 18.40 -57.01
C ASP C 24 -4.44 17.74 -58.38
N TRP C 25 -3.43 16.90 -58.62
CA TRP C 25 -3.33 16.20 -59.89
C TRP C 25 -4.50 15.23 -60.08
N LEU C 26 -4.89 14.54 -59.01
CA LEU C 26 -5.97 13.55 -59.12
C LEU C 26 -7.32 14.23 -59.29
N VAL C 27 -7.55 15.32 -58.56
CA VAL C 27 -8.84 16.02 -58.67
C VAL C 27 -8.99 16.67 -60.03
N GLU C 28 -7.89 17.21 -60.57
CA GLU C 28 -7.93 17.86 -61.88
C GLU C 28 -8.37 16.90 -62.98
N ARG C 29 -8.02 15.63 -62.85
CA ARG C 29 -8.32 14.63 -63.88
C ARG C 29 -9.39 13.63 -63.44
N GLN C 30 -10.08 13.90 -62.33
CA GLN C 30 -11.15 13.02 -61.89
C GLN C 30 -12.35 13.14 -62.82
N ARG C 31 -12.95 12.00 -63.16
CA ARG C 31 -14.08 11.98 -64.06
C ARG C 31 -15.36 12.46 -63.36
N PRO C 32 -16.32 13.00 -64.10
CA PRO C 32 -17.52 13.56 -63.46
C PRO C 32 -18.34 12.54 -62.69
N ASN C 33 -18.23 11.25 -62.99
CA ASN C 33 -18.90 10.23 -62.21
C ASN C 33 -18.20 9.94 -60.89
N GLY C 34 -17.04 10.56 -60.64
CA GLY C 34 -16.29 10.34 -59.43
C GLY C 34 -15.12 9.40 -59.57
N ALA C 35 -14.92 8.80 -60.74
CA ALA C 35 -13.83 7.86 -60.95
C ALA C 35 -12.51 8.61 -61.16
N LEU C 36 -11.44 8.04 -60.61
CA LEU C 36 -10.11 8.62 -60.78
C LEU C 36 -9.58 8.28 -62.17
N PRO C 37 -8.63 9.08 -62.68
CA PRO C 37 -8.19 8.90 -64.08
C PRO C 37 -7.39 7.64 -64.32
N SER C 38 -8.05 6.48 -64.35
CA SER C 38 -7.40 5.21 -64.62
C SER C 38 -7.59 4.82 -66.08
N ARG C 39 -6.59 4.11 -66.62
CA ARG C 39 -6.70 3.60 -67.98
C ARG C 39 -7.55 2.34 -68.06
N THR C 40 -7.69 1.61 -66.97
CA THR C 40 -8.64 0.51 -66.87
C THR C 40 -9.61 0.78 -65.72
N ALA C 41 -10.89 0.53 -65.95
CA ALA C 41 -11.92 0.75 -64.95
C ALA C 41 -11.94 -0.44 -63.99
N VAL C 42 -11.08 -0.35 -62.97
CA VAL C 42 -10.95 -1.40 -61.97
C VAL C 42 -10.94 -0.75 -60.59
N ILE C 43 -11.44 -1.50 -59.60
CA ILE C 43 -11.52 -0.98 -58.25
C ILE C 43 -10.13 -0.83 -57.64
N GLU C 44 -9.17 -1.64 -58.07
CA GLU C 44 -7.82 -1.53 -57.52
C GLU C 44 -7.07 -0.29 -58.00
N SER C 45 -7.69 0.53 -58.85
CA SER C 45 -7.08 1.78 -59.28
C SER C 45 -7.46 2.96 -58.40
N CYS C 46 -8.51 2.82 -57.59
CA CYS C 46 -9.02 3.96 -56.83
C CYS C 46 -9.56 3.59 -55.45
N TYR C 47 -9.14 2.46 -54.88
CA TYR C 47 -9.65 2.07 -53.58
C TYR C 47 -9.11 2.94 -52.46
N LYS C 48 -7.97 3.61 -52.65
CA LYS C 48 -7.44 4.56 -51.69
C LYS C 48 -7.91 5.98 -51.93
N GLY C 49 -8.71 6.21 -52.97
CA GLY C 49 -9.02 7.57 -53.37
C GLY C 49 -9.83 8.33 -52.33
N MET C 50 -10.85 7.68 -51.77
CA MET C 50 -11.68 8.34 -50.76
C MET C 50 -10.85 8.86 -49.60
N TRP C 51 -10.01 7.99 -49.03
CA TRP C 51 -9.21 8.36 -47.87
C TRP C 51 -8.17 9.41 -48.25
N ALA C 52 -7.43 9.17 -49.33
CA ALA C 52 -6.33 10.06 -49.70
C ALA C 52 -6.83 11.48 -49.99
N LEU C 53 -7.92 11.59 -50.77
CA LEU C 53 -8.43 12.90 -51.13
C LEU C 53 -9.06 13.61 -49.94
N HIS C 54 -9.57 12.85 -48.97
CA HIS C 54 -10.14 13.47 -47.77
C HIS C 54 -9.06 14.15 -46.94
N THR C 55 -7.92 13.48 -46.75
CA THR C 55 -6.82 14.07 -45.98
C THR C 55 -6.25 15.31 -46.64
N ALA C 56 -6.39 15.42 -47.96
CA ALA C 56 -5.92 16.60 -48.69
C ALA C 56 -6.96 17.71 -48.74
N GLY C 57 -8.08 17.55 -48.03
CA GLY C 57 -9.13 18.55 -48.02
C GLY C 57 -10.01 18.56 -49.25
N HIS C 58 -9.72 17.74 -50.25
CA HIS C 58 -10.58 17.63 -51.44
C HIS C 58 -11.77 16.73 -51.10
N THR C 59 -12.63 17.25 -50.23
CA THR C 59 -13.74 16.46 -49.70
C THR C 59 -14.84 16.24 -50.74
N GLN C 60 -15.09 17.21 -51.61
CA GLN C 60 -16.06 17.00 -52.68
C GLN C 60 -15.56 15.97 -53.69
N ALA C 61 -14.24 15.93 -53.92
CA ALA C 61 -13.68 14.90 -54.78
C ALA C 61 -13.73 13.54 -54.12
N ALA C 62 -13.46 13.48 -52.81
CA ALA C 62 -13.52 12.21 -52.09
C ALA C 62 -14.95 11.70 -52.03
N SER C 63 -15.92 12.60 -51.88
CA SER C 63 -17.32 12.20 -51.91
C SER C 63 -17.73 11.71 -53.30
N ALA C 64 -17.11 12.27 -54.34
CA ALA C 64 -17.36 11.78 -55.69
C ALA C 64 -16.89 10.34 -55.85
N VAL C 65 -15.70 10.03 -55.30
CA VAL C 65 -15.25 8.64 -55.28
C VAL C 65 -16.21 7.78 -54.48
N ALA C 66 -16.80 8.35 -53.41
CA ALA C 66 -17.79 7.60 -52.63
C ALA C 66 -19.01 7.28 -53.47
N ASP C 67 -19.47 8.23 -54.29
CA ASP C 67 -20.60 7.97 -55.17
C ASP C 67 -20.27 6.86 -56.16
N TYR C 68 -19.07 6.92 -56.76
CA TYR C 68 -18.65 5.90 -57.71
C TYR C 68 -18.57 4.54 -57.03
N VAL C 69 -17.93 4.47 -55.86
CA VAL C 69 -17.79 3.22 -55.13
C VAL C 69 -19.15 2.68 -54.72
N THR C 70 -20.04 3.56 -54.25
CA THR C 70 -21.37 3.13 -53.82
C THR C 70 -22.14 2.51 -54.98
N SER C 71 -21.97 3.06 -56.18
CA SER C 71 -22.67 2.50 -57.34
C SER C 71 -22.19 1.10 -57.68
N LEU C 72 -20.98 0.72 -57.27
CA LEU C 72 -20.47 -0.62 -57.48
C LEU C 72 -20.81 -1.58 -56.34
N LEU C 73 -21.42 -1.08 -55.27
CA LEU C 73 -21.63 -1.89 -54.07
C LEU C 73 -22.71 -2.94 -54.31
N GLN C 74 -22.42 -4.18 -53.94
CA GLN C 74 -23.31 -5.32 -54.07
C GLN C 74 -24.12 -5.52 -52.81
N PRO C 75 -25.22 -6.29 -52.89
CA PRO C 75 -26.04 -6.52 -51.68
C PRO C 75 -25.26 -7.09 -50.50
N ASP C 76 -24.23 -7.90 -50.73
CA ASP C 76 -23.47 -8.48 -49.63
C ASP C 76 -22.41 -7.52 -49.08
N GLY C 77 -22.37 -6.28 -49.56
CA GLY C 77 -21.37 -5.33 -49.10
C GLY C 77 -20.03 -5.44 -49.76
N ASP C 78 -19.90 -6.23 -50.82
CA ASP C 78 -18.63 -6.46 -51.50
C ASP C 78 -18.61 -5.71 -52.83
N ILE C 79 -17.39 -5.45 -53.30
CA ILE C 79 -17.17 -4.97 -54.66
C ILE C 79 -16.35 -6.03 -55.38
N PRO C 80 -16.98 -7.12 -55.86
CA PRO C 80 -16.22 -8.21 -56.47
C PRO C 80 -15.73 -7.87 -57.87
N GLN C 81 -16.44 -6.97 -58.54
CA GLN C 81 -16.06 -6.52 -59.86
C GLN C 81 -16.23 -5.00 -59.92
N PRO C 82 -15.43 -4.31 -60.73
CA PRO C 82 -14.38 -4.83 -61.63
C PRO C 82 -13.01 -4.97 -60.97
N ARG C 83 -12.41 -6.15 -61.08
CA ARG C 83 -11.05 -6.41 -60.65
C ARG C 83 -10.33 -7.21 -61.72
N GLU C 84 -9.04 -6.95 -61.88
CA GLU C 84 -8.25 -7.72 -62.83
C GLU C 84 -6.94 -8.22 -62.25
N GLU C 85 -6.26 -7.41 -61.45
CA GLU C 85 -4.95 -7.80 -60.91
C GLU C 85 -5.08 -9.03 -60.01
N ARG C 86 -4.16 -9.99 -60.20
CA ARG C 86 -4.20 -11.23 -59.43
C ARG C 86 -4.13 -10.97 -57.93
N TYR C 87 -3.26 -10.04 -57.52
CA TYR C 87 -3.08 -9.77 -56.10
C TYR C 87 -4.38 -9.32 -55.43
N PHE C 88 -5.26 -8.68 -56.18
CA PHE C 88 -6.56 -8.26 -55.66
C PHE C 88 -7.63 -9.31 -55.88
N LEU C 89 -7.25 -10.55 -56.18
CA LEU C 89 -8.20 -11.65 -56.31
C LEU C 89 -7.90 -12.78 -55.34
N ASP C 90 -6.68 -13.33 -55.34
CA ASP C 90 -6.36 -14.47 -54.49
C ASP C 90 -5.20 -14.24 -53.53
N VAL C 91 -4.48 -13.12 -53.63
CA VAL C 91 -3.35 -12.87 -52.75
C VAL C 91 -3.82 -12.10 -51.51
N HIS C 92 -4.37 -10.89 -51.73
CA HIS C 92 -5.03 -10.14 -50.66
C HIS C 92 -6.25 -9.45 -51.28
N TYR C 93 -7.35 -10.21 -51.36
CA TYR C 93 -8.57 -9.73 -52.00
C TYR C 93 -9.15 -8.54 -51.25
N LEU C 94 -9.07 -8.55 -49.91
CA LEU C 94 -9.68 -7.51 -49.10
C LEU C 94 -8.82 -6.26 -48.97
N TYR C 95 -7.66 -6.21 -49.63
CA TYR C 95 -6.85 -5.00 -49.59
C TYR C 95 -7.62 -3.80 -50.15
N ALA C 96 -8.42 -4.03 -51.18
CA ALA C 96 -9.27 -2.98 -51.71
C ALA C 96 -10.38 -2.63 -50.73
N ASN C 97 -11.03 -3.65 -50.15
CA ASN C 97 -12.14 -3.40 -49.23
C ASN C 97 -11.68 -2.64 -47.99
N GLY C 98 -10.46 -2.91 -47.52
CA GLY C 98 -9.92 -2.26 -46.35
C GLY C 98 -9.89 -0.75 -46.45
N TYR C 99 -9.20 -0.23 -47.47
CA TYR C 99 -9.12 1.22 -47.65
C TYR C 99 -10.50 1.81 -47.93
N LEU C 100 -11.34 1.09 -48.69
CA LEU C 100 -12.68 1.57 -48.97
C LEU C 100 -13.47 1.79 -47.69
N THR C 101 -13.35 0.88 -46.73
CA THR C 101 -14.07 1.02 -45.47
C THR C 101 -13.60 2.26 -44.71
N ILE C 102 -12.28 2.43 -44.62
CA ILE C 102 -11.73 3.57 -43.88
C ILE C 102 -12.13 4.88 -44.54
N GLY C 103 -11.91 4.97 -45.86
CA GLY C 103 -12.22 6.21 -46.56
C GLY C 103 -13.70 6.58 -46.46
N ALA C 104 -14.58 5.59 -46.61
CA ALA C 104 -16.01 5.87 -46.49
C ALA C 104 -16.36 6.33 -45.08
N HIS C 105 -15.70 5.77 -44.06
CA HIS C 105 -16.07 6.07 -42.69
C HIS C 105 -15.57 7.44 -42.25
N VAL C 106 -14.33 7.80 -42.62
CA VAL C 106 -13.83 9.13 -42.26
C VAL C 106 -14.62 10.21 -42.99
N LEU C 107 -15.22 9.86 -44.14
CA LEU C 107 -16.07 10.80 -44.85
C LEU C 107 -17.44 10.96 -44.19
N GLY C 108 -17.87 9.99 -43.38
CA GLY C 108 -19.20 10.01 -42.83
C GLY C 108 -20.23 9.24 -43.62
N ARG C 109 -19.82 8.53 -44.68
CA ARG C 109 -20.70 7.64 -45.41
C ARG C 109 -20.91 6.35 -44.59
N PHE C 110 -21.70 6.50 -43.53
CA PHE C 110 -21.80 5.43 -42.54
C PHE C 110 -22.52 4.20 -43.08
N GLY C 111 -23.43 4.37 -44.03
CA GLY C 111 -24.07 3.21 -44.64
C GLY C 111 -23.12 2.43 -45.53
N LEU C 112 -22.26 3.13 -46.28
CA LEU C 112 -21.27 2.46 -47.11
C LEU C 112 -20.24 1.74 -46.25
N SER C 113 -19.73 2.42 -45.22
CA SER C 113 -18.68 1.84 -44.39
C SER C 113 -19.19 0.65 -43.59
N ARG C 114 -20.42 0.73 -43.07
CA ARG C 114 -21.00 -0.40 -42.34
C ARG C 114 -21.08 -1.64 -43.22
N LYS C 115 -21.62 -1.48 -44.44
CA LYS C 115 -21.74 -2.63 -45.33
C LYS C 115 -20.38 -3.12 -45.78
N LEU C 116 -19.43 -2.21 -46.02
CA LEU C 116 -18.08 -2.63 -46.36
C LEU C 116 -17.43 -3.38 -45.21
N MET C 117 -17.59 -2.88 -43.98
CA MET C 117 -16.98 -3.53 -42.83
C MET C 117 -17.69 -4.83 -42.49
N SER C 118 -19.01 -4.87 -42.66
CA SER C 118 -19.74 -6.11 -42.39
C SER C 118 -19.29 -7.24 -43.30
N PHE C 119 -19.06 -6.94 -44.58
CA PHE C 119 -18.56 -7.98 -45.48
C PHE C 119 -17.14 -8.39 -45.12
N VAL C 120 -16.31 -7.42 -44.73
CA VAL C 120 -14.93 -7.73 -44.33
C VAL C 120 -14.93 -8.75 -43.20
N GLU C 121 -15.85 -8.59 -42.24
CA GLU C 121 -15.91 -9.51 -41.10
C GLU C 121 -16.43 -10.89 -41.49
N THR C 122 -17.22 -10.99 -42.56
CA THR C 122 -17.64 -12.31 -43.04
C THR C 122 -16.49 -13.11 -43.62
N MET C 123 -15.37 -12.46 -43.92
CA MET C 123 -14.17 -13.15 -44.40
C MET C 123 -13.21 -13.50 -43.27
N ARG C 124 -13.51 -13.10 -42.04
CA ARG C 124 -12.64 -13.39 -40.92
C ARG C 124 -12.70 -14.87 -40.55
N ASN C 125 -11.55 -15.50 -40.46
CA ASN C 125 -11.43 -16.85 -39.94
C ASN C 125 -11.61 -16.80 -38.43
N PRO C 126 -12.71 -17.31 -37.87
CA PRO C 126 -12.97 -17.12 -36.43
C PRO C 126 -11.98 -17.84 -35.54
N ALA C 127 -11.31 -18.89 -36.04
CA ALA C 127 -10.39 -19.67 -35.21
C ALA C 127 -9.00 -19.07 -35.12
N THR C 128 -8.60 -18.25 -36.08
CA THR C 128 -7.24 -17.70 -36.12
C THR C 128 -7.17 -16.19 -36.07
N GLY C 129 -8.27 -15.49 -36.37
CA GLY C 129 -8.26 -14.04 -36.44
C GLY C 129 -7.89 -13.47 -37.80
N GLY C 130 -7.29 -14.28 -38.67
CA GLY C 130 -6.90 -13.80 -39.97
C GLY C 130 -8.06 -13.75 -40.96
N PHE C 131 -7.84 -13.02 -42.04
CA PHE C 131 -8.85 -12.78 -43.05
C PHE C 131 -8.47 -13.47 -44.34
N ARG C 132 -9.47 -14.07 -45.00
CA ARG C 132 -9.21 -14.94 -46.14
C ARG C 132 -8.58 -14.15 -47.29
N SER C 133 -7.60 -14.78 -47.95
CA SER C 133 -6.85 -14.12 -49.01
C SER C 133 -7.62 -14.01 -50.31
N HIS C 134 -8.58 -14.91 -50.56
CA HIS C 134 -9.30 -14.96 -51.82
C HIS C 134 -10.78 -14.64 -51.58
N GLY C 135 -11.38 -13.95 -52.55
CA GLY C 135 -12.73 -13.48 -52.42
C GLY C 135 -13.75 -14.60 -52.49
N PRO C 136 -15.03 -14.24 -52.32
CA PRO C 136 -16.08 -15.27 -52.30
C PRO C 136 -16.20 -16.06 -53.59
N ALA C 137 -16.01 -15.42 -54.74
CA ALA C 137 -16.13 -16.07 -56.03
C ALA C 137 -14.78 -16.49 -56.61
N ILE C 138 -13.72 -16.46 -55.81
CA ILE C 138 -12.38 -16.82 -56.25
C ILE C 138 -11.99 -18.13 -55.58
N PRO C 139 -11.68 -19.18 -56.33
CA PRO C 139 -11.31 -20.45 -55.71
C PRO C 139 -10.02 -20.33 -54.90
N GLY C 140 -10.00 -21.04 -53.78
CA GLY C 140 -8.83 -21.03 -52.92
C GLY C 140 -8.94 -22.10 -51.86
N ASP C 141 -8.05 -22.02 -50.86
CA ASP C 141 -7.98 -23.02 -49.81
C ASP C 141 -8.18 -22.43 -48.41
N GLY C 142 -8.73 -21.22 -48.33
CA GLY C 142 -9.00 -20.61 -47.05
C GLY C 142 -7.79 -20.00 -46.36
N ARG C 143 -6.68 -19.83 -47.06
CA ARG C 143 -5.49 -19.26 -46.47
C ARG C 143 -5.73 -17.81 -46.07
N CYS C 144 -4.95 -17.34 -45.09
CA CYS C 144 -5.05 -15.98 -44.59
C CYS C 144 -3.65 -15.37 -44.54
N ASP C 145 -3.55 -14.10 -44.95
CA ASP C 145 -2.28 -13.41 -45.07
C ASP C 145 -2.23 -12.19 -44.15
N SER C 146 -1.00 -11.67 -43.98
CA SER C 146 -0.79 -10.56 -43.05
C SER C 146 -1.33 -9.24 -43.59
N VAL C 147 -1.37 -9.08 -44.91
CA VAL C 147 -1.81 -7.81 -45.48
C VAL C 147 -3.32 -7.68 -45.41
N SER C 148 -4.06 -8.72 -45.81
CA SER C 148 -5.50 -8.72 -45.64
C SER C 148 -5.88 -8.54 -44.18
N THR C 149 -5.15 -9.20 -43.28
CA THR C 149 -5.47 -9.13 -41.86
C THR C 149 -5.19 -7.73 -41.30
N SER C 150 -4.02 -7.18 -41.60
CA SER C 150 -3.64 -5.89 -41.03
C SER C 150 -4.54 -4.76 -41.55
N ILE C 151 -4.88 -4.79 -42.84
CA ILE C 151 -5.71 -3.73 -43.39
C ILE C 151 -7.15 -3.86 -42.89
N SER C 152 -7.61 -5.09 -42.64
CA SER C 152 -8.93 -5.27 -42.06
C SER C 152 -8.94 -4.87 -40.59
N GLY C 153 -7.84 -5.14 -39.88
CA GLY C 153 -7.73 -4.67 -38.51
C GLY C 153 -7.72 -3.16 -38.43
N LEU C 154 -6.98 -2.50 -39.33
CA LEU C 154 -6.96 -1.05 -39.35
C LEU C 154 -8.34 -0.49 -39.70
N ALA C 155 -9.03 -1.14 -40.62
CA ALA C 155 -10.40 -0.73 -40.95
C ALA C 155 -11.34 -0.99 -39.76
N ALA C 156 -11.10 -2.07 -39.03
CA ALA C 156 -11.88 -2.33 -37.83
C ALA C 156 -11.65 -1.24 -36.78
N LEU C 157 -10.43 -0.71 -36.72
CA LEU C 157 -10.15 0.40 -35.80
C LEU C 157 -10.93 1.64 -36.18
N TYR C 158 -10.88 2.02 -37.45
CA TYR C 158 -11.52 3.26 -37.89
C TYR C 158 -13.04 3.21 -37.75
N THR C 159 -13.64 2.02 -37.76
CA THR C 159 -15.08 1.87 -37.58
C THR C 159 -15.45 1.44 -36.17
N GLY C 160 -14.50 1.43 -35.24
CA GLY C 160 -14.79 1.11 -33.87
C GLY C 160 -15.01 -0.35 -33.57
N ARG C 161 -14.70 -1.25 -34.50
CA ARG C 161 -14.80 -2.69 -34.27
C ARG C 161 -13.52 -3.17 -33.58
N VAL C 162 -13.37 -2.77 -32.31
CA VAL C 162 -12.13 -3.02 -31.58
C VAL C 162 -11.90 -4.50 -31.37
N ASP C 163 -12.97 -5.28 -31.19
CA ASP C 163 -12.83 -6.72 -31.02
C ASP C 163 -12.25 -7.37 -32.27
N THR C 164 -12.70 -6.93 -33.44
CA THR C 164 -12.15 -7.44 -34.70
C THR C 164 -10.69 -7.04 -34.85
N ALA C 165 -10.37 -5.79 -34.50
CA ALA C 165 -8.98 -5.33 -34.60
C ALA C 165 -8.08 -6.10 -33.64
N ARG C 166 -8.55 -6.37 -32.42
CA ARG C 166 -7.76 -7.12 -31.47
C ARG C 166 -7.48 -8.54 -31.97
N SER C 167 -8.47 -9.17 -32.60
CA SER C 167 -8.27 -10.53 -33.09
C SER C 167 -7.32 -10.57 -34.28
N ALA C 168 -7.37 -9.53 -35.13
CA ALA C 168 -6.40 -9.44 -36.22
C ALA C 168 -4.97 -9.33 -35.69
N ALA C 169 -4.79 -8.59 -34.60
CA ALA C 169 -3.46 -8.48 -33.98
C ALA C 169 -3.01 -9.81 -33.40
N ASP C 170 -3.94 -10.61 -32.87
CA ASP C 170 -3.57 -11.92 -32.35
C ASP C 170 -3.11 -12.84 -33.47
N PHE C 171 -3.74 -12.74 -34.64
CA PHE C 171 -3.26 -13.46 -35.81
C PHE C 171 -1.86 -13.01 -36.20
N LEU C 172 -1.66 -11.68 -36.28
CA LEU C 172 -0.35 -11.15 -36.65
C LEU C 172 0.70 -11.50 -35.60
N GLY C 173 0.34 -11.43 -34.32
CA GLY C 173 1.27 -11.83 -33.28
C GLY C 173 1.66 -13.29 -33.39
N SER C 174 0.69 -14.18 -33.65
CA SER C 174 0.98 -15.59 -33.78
C SER C 174 1.81 -15.88 -35.04
N LEU C 175 1.46 -15.23 -36.15
CA LEU C 175 2.24 -15.41 -37.38
C LEU C 175 3.69 -14.98 -37.19
N TRP C 176 3.92 -13.95 -36.37
CA TRP C 176 5.27 -13.49 -36.13
C TRP C 176 6.04 -14.47 -35.26
N VAL C 177 5.44 -14.89 -34.15
CA VAL C 177 6.12 -15.80 -33.22
C VAL C 177 6.42 -17.13 -33.89
N GLY C 178 5.52 -17.60 -34.75
CA GLY C 178 5.68 -18.90 -35.37
C GLY C 178 6.46 -18.91 -36.66
N GLN C 179 7.23 -17.85 -36.91
CA GLN C 179 8.06 -17.81 -38.11
C GLN C 179 9.14 -18.89 -38.04
N PRO C 180 9.25 -19.74 -39.06
CA PRO C 180 10.23 -20.84 -39.00
C PRO C 180 11.66 -20.38 -39.25
N ASP C 181 11.85 -19.34 -40.06
CA ASP C 181 13.18 -18.91 -40.48
C ASP C 181 13.14 -17.42 -40.81
N ARG C 182 12.83 -16.60 -39.80
CA ARG C 182 12.72 -15.15 -40.02
C ARG C 182 14.04 -14.51 -40.44
N LYS C 183 15.14 -15.25 -40.34
CA LYS C 183 16.45 -14.76 -40.77
C LYS C 183 16.53 -14.62 -42.28
N ASN C 184 15.72 -15.35 -43.03
CA ASN C 184 15.81 -15.35 -44.48
C ASN C 184 14.44 -15.15 -45.14
N VAL C 185 13.37 -15.62 -44.49
CA VAL C 185 12.05 -15.60 -45.09
C VAL C 185 11.03 -15.08 -44.07
N PHE C 186 10.10 -14.27 -44.54
CA PHE C 186 8.92 -13.87 -43.78
C PHE C 186 7.71 -14.50 -44.46
N HIS C 187 7.24 -15.62 -43.90
CA HIS C 187 6.06 -16.29 -44.42
C HIS C 187 4.83 -15.55 -43.94
N ALA C 188 4.17 -14.83 -44.83
CA ALA C 188 3.05 -13.98 -44.48
C ALA C 188 1.70 -14.69 -44.53
N VAL C 189 1.67 -15.97 -44.89
CA VAL C 189 0.43 -16.70 -45.09
C VAL C 189 0.35 -17.84 -44.08
N ALA C 190 -0.81 -17.99 -43.45
CA ALA C 190 -1.14 -19.15 -42.65
C ALA C 190 -2.35 -19.84 -43.27
N ASP C 191 -2.43 -21.15 -43.11
CA ASP C 191 -3.57 -21.88 -43.65
C ASP C 191 -4.80 -21.59 -42.79
N ALA C 192 -5.93 -22.19 -43.18
CA ALA C 192 -7.19 -21.94 -42.49
C ALA C 192 -7.19 -22.41 -41.05
N SER C 193 -6.22 -23.23 -40.64
CA SER C 193 -6.16 -23.76 -39.29
C SER C 193 -5.17 -23.02 -38.39
N GLY C 194 -4.45 -22.03 -38.92
CA GLY C 194 -3.53 -21.24 -38.13
C GLY C 194 -2.08 -21.61 -38.25
N ALA C 195 -1.75 -22.68 -38.98
CA ALA C 195 -0.36 -23.05 -39.18
C ALA C 195 0.26 -22.21 -40.29
N VAL C 196 1.52 -21.81 -40.07
CA VAL C 196 2.23 -21.02 -41.08
C VAL C 196 2.38 -21.84 -42.35
N LEU C 197 1.95 -21.26 -43.47
CA LEU C 197 2.03 -21.91 -44.78
C LEU C 197 3.34 -21.52 -45.45
N THR C 198 4.24 -22.49 -45.61
CA THR C 198 5.57 -22.23 -46.14
C THR C 198 5.75 -22.71 -47.58
N SER C 199 4.66 -23.07 -48.26
CA SER C 199 4.77 -23.57 -49.62
C SER C 199 5.16 -22.45 -50.57
N ASP C 200 5.60 -22.84 -51.78
CA ASP C 200 6.14 -21.88 -52.73
C ASP C 200 5.07 -20.95 -53.31
N ASP C 201 3.79 -21.34 -53.30
CA ASP C 201 2.77 -20.49 -53.89
C ASP C 201 2.17 -19.51 -52.89
N ALA C 202 2.49 -19.64 -51.61
CA ALA C 202 2.09 -18.67 -50.60
C ALA C 202 3.10 -17.53 -50.56
N VAL C 203 2.60 -16.30 -50.49
CA VAL C 203 3.49 -15.14 -50.56
C VAL C 203 4.42 -15.14 -49.36
N ALA C 204 5.72 -15.00 -49.65
CA ALA C 204 6.75 -14.90 -48.63
C ALA C 204 7.74 -13.83 -49.06
N VAL C 205 8.31 -13.14 -48.08
CA VAL C 205 9.27 -12.06 -48.32
C VAL C 205 10.66 -12.64 -48.19
N GLN C 206 11.40 -12.69 -49.30
CA GLN C 206 12.82 -13.01 -49.24
C GLN C 206 13.54 -11.87 -48.55
N VAL C 207 13.73 -12.00 -47.23
CA VAL C 207 14.10 -10.88 -46.38
C VAL C 207 15.48 -10.35 -46.71
N ARG C 208 16.40 -11.21 -47.15
CA ARG C 208 17.74 -10.78 -47.50
C ARG C 208 17.91 -10.59 -49.01
N LYS C 209 16.83 -10.23 -49.70
CA LYS C 209 16.86 -9.92 -51.12
C LYS C 209 16.04 -8.66 -51.39
N ALA C 210 16.41 -7.94 -52.44
CA ALA C 210 15.72 -6.71 -52.82
C ALA C 210 14.65 -7.03 -53.87
N GLU C 211 13.58 -7.68 -53.39
CA GLU C 211 12.51 -8.14 -54.26
C GLU C 211 11.14 -7.70 -53.76
N GLY C 212 11.09 -6.55 -53.08
CA GLY C 212 9.85 -5.91 -52.68
C GLY C 212 9.01 -6.72 -51.69
N ASP C 213 7.71 -6.41 -51.71
CA ASP C 213 6.69 -7.05 -50.88
C ASP C 213 6.90 -6.79 -49.39
N TRP C 214 7.65 -5.75 -49.05
CA TRP C 214 7.89 -5.45 -47.64
C TRP C 214 6.64 -4.97 -46.93
N TYR C 215 5.61 -4.55 -47.67
CA TYR C 215 4.36 -4.11 -47.05
C TYR C 215 3.59 -5.27 -46.42
N PHE C 216 4.00 -6.52 -46.67
CA PHE C 216 3.50 -7.62 -45.87
C PHE C 216 4.06 -7.62 -44.46
N ILE C 217 5.06 -6.78 -44.19
CA ILE C 217 5.58 -6.56 -42.85
C ILE C 217 5.28 -5.14 -42.38
N GLY C 218 5.42 -4.15 -43.26
CA GLY C 218 5.24 -2.77 -42.85
C GLY C 218 3.80 -2.44 -42.49
N LEU C 219 2.85 -3.01 -43.23
CA LEU C 219 1.44 -2.76 -42.93
C LEU C 219 1.05 -3.38 -41.59
N PRO C 220 1.50 -4.61 -41.27
CA PRO C 220 1.33 -5.07 -39.87
C PRO C 220 1.92 -4.11 -38.85
N ALA C 221 3.15 -3.63 -39.08
CA ALA C 221 3.75 -2.68 -38.15
C ALA C 221 2.90 -1.44 -37.98
N PHE C 222 2.40 -0.89 -39.09
CA PHE C 222 1.51 0.27 -39.03
C PHE C 222 0.26 -0.03 -38.20
N PHE C 223 -0.46 -1.10 -38.57
CA PHE C 223 -1.72 -1.41 -37.89
C PHE C 223 -1.49 -1.65 -36.40
N LEU C 224 -0.42 -2.36 -36.04
CA LEU C 224 -0.20 -2.70 -34.65
C LEU C 224 0.13 -1.47 -33.81
N THR C 225 0.89 -0.53 -34.38
CA THR C 225 1.14 0.73 -33.68
C THR C 225 -0.15 1.48 -33.44
N ALA C 226 -1.02 1.55 -34.46
CA ALA C 226 -2.30 2.23 -34.31
C ALA C 226 -3.18 1.53 -33.27
N LEU C 227 -3.10 0.19 -33.21
CA LEU C 227 -3.84 -0.51 -32.17
C LEU C 227 -3.26 -0.25 -30.79
N TYR C 228 -1.94 -0.08 -30.69
CA TYR C 228 -1.35 0.34 -29.42
C TYR C 228 -1.83 1.72 -29.02
N GLU C 229 -1.93 2.63 -30.00
CA GLU C 229 -2.50 3.94 -29.71
C GLU C 229 -3.94 3.81 -29.22
N ALA C 230 -4.71 2.89 -29.81
CA ALA C 230 -6.11 2.75 -29.45
C ALA C 230 -6.29 2.15 -28.07
N THR C 231 -5.49 1.12 -27.74
CA THR C 231 -5.71 0.35 -26.52
C THR C 231 -4.70 0.60 -25.42
N GLU C 232 -3.52 1.15 -25.74
CA GLU C 232 -2.42 1.29 -24.80
C GLU C 232 -1.99 -0.04 -24.19
N ASP C 233 -2.26 -1.13 -24.90
CA ASP C 233 -1.76 -2.45 -24.52
C ASP C 233 -0.33 -2.57 -25.04
N ARG C 234 0.63 -2.60 -24.11
CA ARG C 234 2.04 -2.61 -24.50
C ARG C 234 2.41 -3.85 -25.32
N ALA C 235 1.60 -4.91 -25.25
CA ALA C 235 1.86 -6.09 -26.08
C ALA C 235 1.86 -5.73 -27.56
N TYR C 236 1.05 -4.76 -27.96
CA TYR C 236 1.03 -4.33 -29.36
C TYR C 236 2.22 -3.45 -29.71
N LEU C 237 2.69 -2.64 -28.77
CA LEU C 237 3.89 -1.83 -29.01
C LEU C 237 5.12 -2.72 -29.10
N ASP C 238 5.23 -3.74 -28.24
CA ASP C 238 6.36 -4.67 -28.32
C ASP C 238 6.43 -5.33 -29.68
N LEU C 239 5.29 -5.79 -30.19
CA LEU C 239 5.25 -6.51 -31.46
C LEU C 239 5.50 -5.56 -32.63
N ALA C 240 4.99 -4.33 -32.55
CA ALA C 240 5.29 -3.33 -33.56
C ALA C 240 6.75 -2.88 -33.51
N THR C 241 7.35 -2.92 -32.31
CA THR C 241 8.76 -2.59 -32.20
C THR C 241 9.63 -3.67 -32.83
N ASP C 242 9.26 -4.93 -32.64
CA ASP C 242 10.02 -6.04 -33.24
C ASP C 242 10.01 -5.94 -34.76
N LEU C 243 8.83 -5.76 -35.36
CA LEU C 243 8.73 -5.71 -36.82
C LEU C 243 9.54 -4.55 -37.38
N MET C 244 9.50 -3.39 -36.73
CA MET C 244 10.24 -2.23 -37.22
C MET C 244 11.74 -2.44 -37.10
N THR C 245 12.20 -2.97 -35.95
CA THR C 245 13.60 -3.33 -35.81
C THR C 245 13.97 -4.46 -36.77
N TYR C 246 13.04 -5.38 -37.01
CA TYR C 246 13.27 -6.47 -37.95
C TYR C 246 13.54 -5.94 -39.35
N MET C 247 12.72 -4.99 -39.82
CA MET C 247 12.94 -4.41 -41.14
C MET C 247 14.17 -3.52 -41.16
N ASP C 248 14.57 -2.96 -40.01
CA ASP C 248 15.67 -2.01 -39.98
C ASP C 248 17.02 -2.73 -39.96
N GLU C 249 17.18 -3.72 -39.08
CA GLU C 249 18.48 -4.32 -38.84
C GLU C 249 18.65 -5.71 -39.43
N ASP C 250 17.56 -6.43 -39.70
CA ASP C 250 17.65 -7.77 -40.27
C ASP C 250 17.25 -7.84 -41.73
N CYS C 251 16.36 -6.98 -42.19
CA CYS C 251 15.91 -7.02 -43.57
C CYS C 251 16.87 -6.28 -44.49
N ASP C 252 16.73 -6.55 -45.79
CA ASP C 252 17.51 -5.85 -46.79
C ASP C 252 17.17 -4.36 -46.77
N GLU C 253 18.12 -3.54 -47.20
CA GLU C 253 17.87 -2.11 -47.29
C GLU C 253 16.70 -1.78 -48.20
N ASP C 254 16.29 -2.72 -49.05
CA ASP C 254 15.14 -2.52 -49.92
C ASP C 254 13.85 -2.32 -49.12
N ALA C 255 13.82 -2.72 -47.85
CA ALA C 255 12.62 -2.56 -47.05
C ALA C 255 12.23 -1.10 -46.88
N PHE C 256 13.20 -0.19 -46.93
CA PHE C 256 12.95 1.24 -46.78
C PHE C 256 13.22 2.01 -48.07
N VAL C 257 13.27 1.32 -49.21
CA VAL C 257 13.58 1.96 -50.49
C VAL C 257 12.57 1.53 -51.55
N ASP C 258 12.11 0.28 -51.47
CA ASP C 258 11.11 -0.23 -52.40
C ASP C 258 9.84 0.63 -52.36
N SER C 259 9.06 0.56 -53.43
CA SER C 259 7.87 1.38 -53.55
C SER C 259 6.86 1.13 -52.43
N SER C 260 6.90 -0.04 -51.80
CA SER C 260 5.97 -0.38 -50.73
C SER C 260 6.49 0.02 -49.35
N CYS C 261 7.54 0.83 -49.28
CA CYS C 261 8.13 1.20 -48.00
C CYS C 261 7.29 2.23 -47.24
N GLY C 262 6.28 2.81 -47.87
CA GLY C 262 5.46 3.82 -47.24
C GLY C 262 4.75 3.35 -45.99
N A1EJ4 C 263 4.29 2.10 -46.01
CA A1EJ4 C 263 3.58 1.50 -44.85
C A1EJ4 C 263 4.51 1.52 -43.62
CB A1EJ4 C 263 3.13 0.07 -45.15
O A1EJ4 C 263 4.05 2.06 -42.59
C10 A1EJ4 C 263 3.26 0.43 -53.43
C11 A1EJ4 C 263 3.31 1.86 -53.91
C12 A1EJ4 C 263 1.59 -1.27 -50.77
CG A1EJ4 C 263 2.03 -0.07 -46.20
CD A1EJ4 C 263 2.53 0.03 -47.64
CE A1EJ4 C 263 1.50 -0.41 -48.66
C9 A1EJ4 C 263 2.00 -1.27 -52.22
NZ A1EJ4 C 263 2.08 -0.41 -50.00
N8 A1EJ4 C 263 2.18 0.08 -52.75
O7 A1EJ4 C 263 4.17 -0.36 -53.68
N ALA C 264 5.77 1.17 -43.84
CA ALA C 264 6.76 1.17 -42.76
C ALA C 264 7.12 2.60 -42.36
N GLY C 265 7.14 3.49 -43.35
CA GLY C 265 7.42 4.88 -43.05
C GLY C 265 6.33 5.53 -42.21
N VAL C 266 5.07 5.19 -42.48
CA VAL C 266 3.97 5.69 -41.67
C VAL C 266 4.05 5.10 -40.26
N ALA C 267 4.45 3.83 -40.16
CA ALA C 267 4.60 3.21 -38.85
C ALA C 267 5.70 3.90 -38.04
N ALA C 268 6.82 4.20 -38.69
CA ALA C 268 7.92 4.88 -37.99
C ALA C 268 7.50 6.28 -37.54
N ALA C 269 6.72 6.99 -38.37
CA ALA C 269 6.27 8.31 -38.00
C ALA C 269 5.32 8.26 -36.81
N LEU C 270 4.38 7.30 -36.82
CA LEU C 270 3.46 7.17 -35.70
C LEU C 270 4.19 6.70 -34.44
N LEU C 271 5.11 5.74 -34.60
CA LEU C 271 5.90 5.29 -33.46
C LEU C 271 6.73 6.42 -32.86
N TYR C 272 7.19 7.36 -33.69
CA TYR C 272 7.97 8.48 -33.17
C TYR C 272 7.12 9.40 -32.31
N ARG C 273 5.96 9.82 -32.81
CA ARG C 273 5.08 10.67 -32.02
C ARG C 273 4.68 9.99 -30.72
N LEU C 274 4.37 8.69 -30.77
CA LEU C 274 3.91 8.00 -29.58
C LEU C 274 5.04 7.79 -28.57
N THR C 275 6.24 7.46 -29.05
CA THR C 275 7.32 7.02 -28.16
C THR C 275 8.52 7.94 -28.13
N GLY C 276 8.76 8.73 -29.17
CA GLY C 276 9.86 9.67 -29.18
C GLY C 276 11.22 9.09 -29.54
N ARG C 277 11.28 7.81 -29.89
CA ARG C 277 12.56 7.20 -30.22
C ARG C 277 13.13 7.84 -31.48
N PRO C 278 14.36 8.35 -31.45
CA PRO C 278 14.88 9.08 -32.62
C PRO C 278 15.04 8.24 -33.86
N ARG C 279 15.31 6.94 -33.71
CA ARG C 279 15.48 6.09 -34.89
C ARG C 279 14.19 6.03 -35.72
N TYR C 280 13.04 6.04 -35.04
CA TYR C 280 11.77 6.05 -35.76
C TYR C 280 11.58 7.33 -36.56
N ARG C 281 12.05 8.46 -36.03
CA ARG C 281 11.99 9.71 -36.78
C ARG C 281 12.84 9.62 -38.05
N GLU C 282 14.05 9.07 -37.91
CA GLU C 282 14.97 8.99 -39.06
C GLU C 282 14.39 8.13 -40.19
N ILE C 283 13.80 6.99 -39.83
CA ILE C 283 13.19 6.12 -40.84
C ILE C 283 12.03 6.84 -41.53
N ALA C 284 11.20 7.52 -40.74
CA ALA C 284 10.02 8.17 -41.30
C ALA C 284 10.40 9.28 -42.28
N GLU C 285 11.34 10.14 -41.89
CA GLU C 285 11.71 11.24 -42.79
C GLU C 285 12.60 10.78 -43.92
N GLY C 286 13.39 9.73 -43.72
CA GLY C 286 14.14 9.17 -44.83
C GLY C 286 13.24 8.57 -45.89
N ILE C 287 12.17 7.89 -45.46
CA ILE C 287 11.24 7.30 -46.41
C ILE C 287 10.36 8.38 -47.05
N GLY C 288 9.87 9.33 -46.26
CA GLY C 288 9.08 10.41 -46.81
C GLY C 288 9.85 11.24 -47.81
N THR C 289 11.12 11.51 -47.53
CA THR C 289 11.96 12.26 -48.47
C THR C 289 12.15 11.49 -49.76
N LEU C 290 12.39 10.19 -49.67
CA LEU C 290 12.58 9.37 -50.87
C LEU C 290 11.34 9.40 -51.76
N LEU C 291 10.15 9.33 -51.16
CA LEU C 291 8.93 9.41 -51.95
C LEU C 291 8.78 10.79 -52.60
N CYS C 292 9.25 11.84 -51.92
CA CYS C 292 9.19 13.18 -52.50
C CYS C 292 10.11 13.30 -53.71
N GLU C 293 11.35 12.79 -53.59
CA GLU C 293 12.31 12.88 -54.68
C GLU C 293 11.86 12.10 -55.91
N ARG C 294 10.96 11.13 -55.76
CA ARG C 294 10.48 10.31 -56.86
C ARG C 294 9.26 10.90 -57.56
N GLN C 295 8.63 11.90 -56.99
CA GLN C 295 7.42 12.46 -57.57
C GLN C 295 7.72 13.14 -58.90
N SER C 296 6.86 12.89 -59.88
CA SER C 296 7.00 13.54 -61.18
C SER C 296 6.78 15.04 -61.03
N PRO C 297 7.47 15.86 -61.83
CA PRO C 297 7.24 17.31 -61.79
C PRO C 297 5.80 17.70 -62.08
N TYR C 298 5.02 16.81 -62.68
CA TYR C 298 3.61 17.08 -62.94
C TYR C 298 2.72 16.74 -61.74
N GLY C 299 3.22 16.01 -60.76
CA GLY C 299 2.50 15.73 -59.53
C GLY C 299 2.22 14.27 -59.26
N TYR C 300 2.18 13.43 -60.29
CA TYR C 300 1.89 12.02 -60.08
C TYR C 300 3.16 11.24 -59.79
N TRP C 301 2.99 9.96 -59.46
CA TRP C 301 4.09 9.03 -59.28
C TRP C 301 4.00 7.95 -60.34
N SER C 302 5.10 7.70 -61.04
CA SER C 302 5.12 6.69 -62.08
C SER C 302 6.54 6.17 -62.25
N GLU C 303 6.65 4.89 -62.58
CA GLU C 303 7.94 4.29 -62.89
C GLU C 303 8.29 4.37 -64.37
N GLU C 304 7.36 4.79 -65.22
CA GLU C 304 7.61 4.88 -66.65
C GLU C 304 7.02 6.12 -67.33
N GLU C 305 5.94 6.70 -66.81
CA GLU C 305 5.36 7.87 -67.45
C GLU C 305 6.19 9.11 -67.17
N THR C 306 6.29 9.98 -68.16
CA THR C 306 7.10 11.20 -68.07
C THR C 306 6.34 12.45 -68.43
N GLY C 307 5.47 12.40 -69.44
CA GLY C 307 4.80 13.58 -69.93
C GLY C 307 3.69 14.06 -69.01
N ASP C 308 2.86 14.93 -69.57
CA ASP C 308 1.70 15.49 -68.86
C ASP C 308 0.45 14.68 -69.22
N VAL C 309 0.46 13.42 -68.78
CA VAL C 309 -0.59 12.48 -69.15
C VAL C 309 -1.89 12.85 -68.45
N ALA C 310 -3.02 12.49 -69.07
CA ALA C 310 -4.33 12.71 -68.49
C ALA C 310 -4.84 11.52 -67.68
N ASP C 311 -4.15 10.39 -67.75
CA ASP C 311 -4.53 9.21 -66.98
C ASP C 311 -3.29 8.36 -66.77
N LEU C 312 -3.44 7.31 -65.96
CA LEU C 312 -2.35 6.40 -65.64
C LEU C 312 -2.89 4.98 -65.63
N PHE C 313 -1.99 4.01 -65.81
CA PHE C 313 -2.37 2.62 -65.62
C PHE C 313 -2.64 2.38 -64.14
N TRP C 314 -3.48 1.38 -63.86
CA TRP C 314 -4.07 1.24 -62.53
C TRP C 314 -3.03 1.32 -61.42
N GLY C 315 -1.83 0.79 -61.65
CA GLY C 315 -0.84 0.74 -60.60
C GLY C 315 -0.27 2.10 -60.25
N ASP C 316 0.00 2.92 -61.27
CA ASP C 316 0.50 4.28 -61.02
C ASP C 316 -0.55 5.13 -60.32
N LEU C 317 -1.82 4.99 -60.73
CA LEU C 317 -2.87 5.76 -60.11
C LEU C 317 -3.04 5.39 -58.64
N ASP C 318 -3.01 4.10 -58.33
CA ASP C 318 -3.14 3.66 -56.94
C ASP C 318 -1.92 4.09 -56.12
N MET C 319 -0.73 4.01 -56.70
CA MET C 319 0.47 4.45 -55.98
C MET C 319 0.45 5.95 -55.73
N THR C 320 -0.08 6.72 -56.68
CA THR C 320 -0.12 8.17 -56.51
C THR C 320 -1.07 8.57 -55.38
N ALA C 321 -2.27 7.99 -55.35
CA ALA C 321 -3.18 8.23 -54.23
C ALA C 321 -2.63 7.67 -52.93
N GLU C 322 -1.86 6.58 -53.01
CA GLU C 322 -1.27 6.00 -51.82
C GLU C 322 -0.21 6.93 -51.21
N TYR C 323 0.61 7.55 -52.06
CA TYR C 323 1.65 8.44 -51.55
C TYR C 323 1.08 9.75 -51.03
N VAL C 324 -0.06 10.19 -51.58
CA VAL C 324 -0.80 11.30 -50.97
C VAL C 324 -1.10 10.97 -49.51
N LEU C 325 -1.55 9.74 -49.27
CA LEU C 325 -1.93 9.34 -47.93
C LEU C 325 -0.71 9.17 -47.03
N TRP C 326 0.30 8.42 -47.49
CA TRP C 326 1.47 8.15 -46.65
C TRP C 326 2.20 9.44 -46.30
N LEU C 327 2.44 10.30 -47.28
CA LEU C 327 3.17 11.54 -47.03
C LEU C 327 2.43 12.44 -46.05
N ASP C 328 1.10 12.46 -46.13
CA ASP C 328 0.32 13.21 -45.16
C ASP C 328 0.45 12.60 -43.77
N LEU C 329 0.31 11.28 -43.66
CA LEU C 329 0.39 10.61 -42.37
C LEU C 329 1.78 10.76 -41.76
N ILE C 330 2.82 10.61 -42.58
CA ILE C 330 4.18 10.79 -42.08
C ILE C 330 4.40 12.24 -41.67
N GLY C 331 3.86 13.19 -42.45
CA GLY C 331 4.05 14.59 -42.13
C GLY C 331 3.34 15.02 -40.85
N ARG C 332 2.10 14.55 -40.66
CA ARG C 332 1.34 14.98 -39.49
C ARG C 332 1.92 14.39 -38.21
N ASN C 333 2.41 13.15 -38.27
CA ASN C 333 2.97 12.53 -37.07
C ASN C 333 4.39 13.01 -36.79
N LEU C 334 5.16 13.36 -37.82
CA LEU C 334 6.47 13.95 -37.60
C LEU C 334 6.35 15.36 -37.03
N ALA C 335 5.42 16.15 -37.56
CA ALA C 335 5.23 17.50 -37.05
C ALA C 335 4.72 17.48 -35.61
N SER C 336 3.76 16.60 -35.32
CA SER C 336 3.29 16.46 -33.94
C SER C 336 4.33 15.77 -33.07
N GLY C 337 5.17 14.91 -33.67
CA GLY C 337 6.27 14.34 -32.93
C GLY C 337 7.29 15.38 -32.50
N GLU C 338 7.50 16.39 -33.35
CA GLU C 338 8.41 17.48 -32.99
C GLU C 338 7.85 18.28 -31.82
N ARG C 339 6.56 18.61 -31.86
CA ARG C 339 5.97 19.39 -30.77
C ARG C 339 6.11 18.68 -29.44
N VAL C 340 5.79 17.39 -29.40
CA VAL C 340 5.82 16.65 -28.14
C VAL C 340 7.26 16.45 -27.66
N TRP C 341 8.16 16.08 -28.56
CA TRP C 341 9.47 15.57 -28.15
C TRP C 341 10.60 16.57 -28.28
N ALA C 342 10.58 17.45 -29.28
CA ALA C 342 11.56 18.53 -29.31
C ALA C 342 11.29 19.48 -28.15
N GLY C 343 12.31 19.73 -27.34
CA GLY C 343 12.11 20.35 -26.05
C GLY C 343 11.84 19.37 -24.93
N LYS C 344 12.00 18.08 -25.19
CA LYS C 344 11.85 17.02 -24.20
C LYS C 344 10.45 17.01 -23.57
N ASN D 10 15.27 -38.90 51.90
CA ASN D 10 15.04 -37.74 52.76
C ASN D 10 13.55 -37.43 52.88
N SER D 11 13.21 -36.64 53.89
CA SER D 11 11.84 -36.19 54.06
C SER D 11 11.49 -35.13 53.02
N PRO D 12 10.20 -34.94 52.74
CA PRO D 12 9.80 -33.84 51.85
C PRO D 12 10.33 -32.48 52.27
N HIS D 13 10.52 -32.25 53.57
CA HIS D 13 11.05 -30.98 54.04
C HIS D 13 12.48 -30.78 53.56
N GLU D 14 13.30 -31.84 53.57
CA GLU D 14 14.69 -31.71 53.19
C GLU D 14 14.85 -31.52 51.69
N LEU D 15 14.01 -32.18 50.89
CA LEU D 15 14.02 -31.94 49.45
C LEU D 15 13.66 -30.49 49.15
N LYS D 16 12.73 -29.92 49.91
CA LYS D 16 12.36 -28.52 49.73
C LYS D 16 13.48 -27.58 50.16
N ASN D 17 14.19 -27.94 51.23
CA ASN D 17 15.35 -27.14 51.66
C ASN D 17 16.37 -27.05 50.55
N ALA D 18 16.74 -28.20 49.96
CA ALA D 18 17.73 -28.21 48.89
C ALA D 18 17.28 -27.37 47.71
N ALA D 19 16.01 -27.47 47.34
CA ALA D 19 15.50 -26.66 46.23
C ALA D 19 15.58 -25.17 46.54
N GLN D 20 15.32 -24.80 47.80
CA GLN D 20 15.32 -23.39 48.16
C GLN D 20 16.73 -22.82 48.20
N ARG D 21 17.70 -23.60 48.65
CA ARG D 21 19.08 -23.13 48.67
C ARG D 21 19.59 -22.86 47.26
N ALA D 22 19.24 -23.73 46.31
CA ALA D 22 19.61 -23.50 44.92
C ALA D 22 18.88 -22.31 44.35
N ALA D 23 17.62 -22.11 44.75
CA ALA D 23 16.88 -20.94 44.30
C ALA D 23 17.51 -19.66 44.83
N ASP D 24 17.90 -19.65 46.10
CA ASP D 24 18.63 -18.51 46.66
C ASP D 24 19.90 -18.25 45.86
N TRP D 25 20.66 -19.31 45.57
CA TRP D 25 21.90 -19.15 44.81
C TRP D 25 21.63 -18.52 43.44
N LEU D 26 20.54 -18.92 42.78
CA LEU D 26 20.19 -18.33 41.49
C LEU D 26 19.81 -16.86 41.65
N VAL D 27 18.98 -16.56 42.65
CA VAL D 27 18.49 -15.18 42.83
C VAL D 27 19.62 -14.27 43.26
N GLU D 28 20.53 -14.77 44.10
CA GLU D 28 21.65 -13.97 44.59
C GLU D 28 22.57 -13.53 43.45
N ARG D 29 22.63 -14.29 42.37
CA ARG D 29 23.51 -14.00 41.25
C ARG D 29 22.74 -13.60 39.98
N GLN D 30 21.48 -13.22 40.12
CA GLN D 30 20.70 -12.81 38.97
C GLN D 30 21.19 -11.47 38.45
N ARG D 31 21.24 -11.34 37.12
CA ARG D 31 21.68 -10.13 36.47
C ARG D 31 20.55 -9.12 36.40
N PRO D 32 20.86 -7.82 36.26
CA PRO D 32 19.80 -6.80 36.36
C PRO D 32 18.68 -6.97 35.35
N ASN D 33 19.00 -7.36 34.12
CA ASN D 33 17.99 -7.55 33.09
C ASN D 33 17.14 -8.79 33.31
N GLY D 34 17.40 -9.56 34.38
CA GLY D 34 16.63 -10.75 34.67
C GLY D 34 17.29 -12.06 34.28
N ALA D 35 18.36 -12.01 33.48
CA ALA D 35 19.01 -13.23 33.03
C ALA D 35 19.69 -13.94 34.19
N LEU D 36 19.60 -15.27 34.20
CA LEU D 36 20.27 -16.07 35.20
C LEU D 36 21.76 -16.11 34.90
N PRO D 37 22.60 -16.36 35.93
CA PRO D 37 24.06 -16.23 35.73
C PRO D 37 24.66 -17.36 34.90
N SER D 38 24.52 -17.27 33.58
CA SER D 38 25.12 -18.23 32.67
C SER D 38 26.37 -17.63 32.05
N ARG D 39 27.38 -18.47 31.81
CA ARG D 39 28.61 -18.00 31.18
C ARG D 39 28.42 -17.70 29.70
N THR D 40 27.32 -18.18 29.10
CA THR D 40 26.93 -17.81 27.75
C THR D 40 25.46 -17.41 27.76
N ALA D 41 25.11 -16.42 26.94
CA ALA D 41 23.75 -15.90 26.89
C ALA D 41 22.98 -16.68 25.84
N VAL D 42 22.35 -17.78 26.27
CA VAL D 42 21.51 -18.60 25.40
C VAL D 42 20.25 -18.98 26.16
N ILE D 43 19.17 -19.21 25.41
CA ILE D 43 17.87 -19.45 26.03
C ILE D 43 17.84 -20.80 26.76
N GLU D 44 18.69 -21.75 26.34
CA GLU D 44 18.70 -23.04 27.01
C GLU D 44 19.37 -23.00 28.37
N SER D 45 19.84 -21.83 28.81
CA SER D 45 20.42 -21.67 30.13
C SER D 45 19.42 -21.14 31.16
N CYS D 46 18.24 -20.69 30.72
CA CYS D 46 17.29 -20.11 31.67
C CYS D 46 15.84 -20.41 31.32
N TYR D 47 15.55 -21.38 30.45
CA TYR D 47 14.17 -21.61 30.04
C TYR D 47 13.31 -22.17 31.18
N LYS D 48 13.92 -22.77 32.20
CA LYS D 48 13.19 -23.25 33.36
C LYS D 48 13.17 -22.25 34.50
N GLY D 49 13.78 -21.07 34.33
CA GLY D 49 13.97 -20.17 35.45
C GLY D 49 12.68 -19.56 35.97
N MET D 50 11.76 -19.22 35.06
CA MET D 50 10.49 -18.66 35.48
C MET D 50 9.72 -19.61 36.38
N TRP D 51 9.54 -20.86 35.91
CA TRP D 51 8.82 -21.85 36.69
C TRP D 51 9.54 -22.16 37.98
N ALA D 52 10.86 -22.42 37.91
CA ALA D 52 11.62 -22.85 39.08
C ALA D 52 11.58 -21.79 40.18
N LEU D 53 11.93 -20.54 39.85
CA LEU D 53 11.97 -19.49 40.85
C LEU D 53 10.59 -19.15 41.39
N HIS D 54 9.52 -19.44 40.62
CA HIS D 54 8.18 -19.17 41.12
C HIS D 54 7.76 -20.23 42.14
N THR D 55 8.14 -21.49 41.92
CA THR D 55 7.85 -22.52 42.91
C THR D 55 8.60 -22.27 44.21
N ALA D 56 9.72 -21.57 44.14
CA ALA D 56 10.48 -21.22 45.34
C ALA D 56 9.97 -19.95 46.01
N GLY D 57 8.96 -19.29 45.44
CA GLY D 57 8.46 -18.06 45.99
C GLY D 57 9.24 -16.81 45.60
N HIS D 58 10.33 -16.96 44.86
CA HIS D 58 11.10 -15.80 44.37
C HIS D 58 10.38 -15.23 43.16
N THR D 59 9.22 -14.62 43.43
CA THR D 59 8.35 -14.17 42.34
C THR D 59 8.91 -12.96 41.62
N GLN D 60 9.58 -12.06 42.34
CA GLN D 60 10.21 -10.92 41.68
C GLN D 60 11.40 -11.36 40.82
N ALA D 61 12.12 -12.39 41.25
CA ALA D 61 13.18 -12.94 40.42
C ALA D 61 12.61 -13.63 39.19
N ALA D 62 11.55 -14.43 39.37
CA ALA D 62 10.93 -15.10 38.24
C ALA D 62 10.32 -14.09 37.27
N SER D 63 9.70 -13.03 37.80
CA SER D 63 9.16 -11.99 36.92
C SER D 63 10.28 -11.29 36.16
N ALA D 64 11.44 -11.12 36.78
CA ALA D 64 12.59 -10.54 36.09
C ALA D 64 13.03 -11.44 34.94
N VAL D 65 13.01 -12.75 35.15
CA VAL D 65 13.27 -13.68 34.05
C VAL D 65 12.22 -13.53 32.97
N ALA D 66 10.98 -13.27 33.36
CA ALA D 66 9.92 -13.07 32.39
C ALA D 66 10.15 -11.81 31.56
N ASP D 67 10.66 -10.75 32.20
CA ASP D 67 11.02 -9.54 31.46
C ASP D 67 12.14 -9.81 30.47
N TYR D 68 13.14 -10.60 30.89
CA TYR D 68 14.22 -10.99 29.98
C TYR D 68 13.71 -11.85 28.84
N VAL D 69 12.84 -12.81 29.14
CA VAL D 69 12.26 -13.66 28.10
C VAL D 69 11.37 -12.83 27.17
N THR D 70 10.61 -11.90 27.73
CA THR D 70 9.71 -11.07 26.92
C THR D 70 10.50 -10.26 25.88
N SER D 71 11.65 -9.71 26.28
CA SER D 71 12.44 -8.89 25.38
C SER D 71 13.10 -9.70 24.27
N LEU D 72 13.10 -11.02 24.36
CA LEU D 72 13.64 -11.89 23.31
C LEU D 72 12.56 -12.46 22.41
N LEU D 73 11.28 -12.22 22.72
CA LEU D 73 10.19 -12.85 22.00
C LEU D 73 10.00 -12.20 20.62
N GLN D 74 9.79 -13.04 19.62
CA GLN D 74 9.54 -12.62 18.25
C GLN D 74 8.04 -12.52 18.01
N PRO D 75 7.63 -11.76 16.98
CA PRO D 75 6.19 -11.59 16.73
C PRO D 75 5.44 -12.88 16.43
N ASP D 76 6.14 -13.99 16.17
CA ASP D 76 5.49 -15.27 15.95
C ASP D 76 5.36 -16.09 17.22
N GLY D 77 5.84 -15.57 18.35
CA GLY D 77 5.75 -16.27 19.62
C GLY D 77 6.90 -17.21 19.93
N ASP D 78 7.96 -17.20 19.11
CA ASP D 78 9.11 -18.06 19.31
C ASP D 78 10.30 -17.24 19.79
N ILE D 79 11.25 -17.93 20.41
CA ILE D 79 12.55 -17.36 20.72
C ILE D 79 13.59 -18.19 19.95
N PRO D 80 13.83 -17.89 18.67
CA PRO D 80 14.78 -18.70 17.90
C PRO D 80 16.23 -18.40 18.25
N GLN D 81 16.52 -17.23 18.79
CA GLN D 81 17.87 -16.85 19.18
C GLN D 81 17.81 -16.09 20.49
N PRO D 82 18.87 -16.19 21.32
CA PRO D 82 20.11 -16.95 21.10
C PRO D 82 19.99 -18.44 21.45
N ARG D 83 20.36 -19.30 20.50
CA ARG D 83 20.44 -20.74 20.72
C ARG D 83 21.77 -21.27 20.20
N GLU D 84 22.37 -22.19 20.94
CA GLU D 84 23.65 -22.77 20.53
C GLU D 84 23.74 -24.28 20.70
N GLU D 85 23.03 -24.87 21.68
CA GLU D 85 23.08 -26.32 21.85
C GLU D 85 22.29 -27.01 20.76
N ARG D 86 22.86 -28.08 20.21
CA ARG D 86 22.21 -28.78 19.10
C ARG D 86 20.88 -29.39 19.52
N TYR D 87 20.81 -29.90 20.75
CA TYR D 87 19.57 -30.50 21.24
C TYR D 87 18.42 -29.51 21.28
N PHE D 88 18.71 -28.21 21.35
CA PHE D 88 17.67 -27.18 21.29
C PHE D 88 17.52 -26.60 19.89
N LEU D 89 18.06 -27.26 18.88
CA LEU D 89 17.92 -26.84 17.49
C LEU D 89 17.11 -27.81 16.65
N ASP D 90 17.45 -29.10 16.66
CA ASP D 90 16.71 -30.09 15.88
C ASP D 90 16.41 -31.39 16.63
N VAL D 91 16.82 -31.52 17.89
CA VAL D 91 16.55 -32.74 18.64
C VAL D 91 15.22 -32.59 19.38
N HIS D 92 15.13 -31.59 20.27
CA HIS D 92 13.86 -31.18 20.87
C HIS D 92 13.87 -29.66 21.01
N TYR D 93 13.70 -28.99 19.87
CA TYR D 93 13.72 -27.54 19.80
C TYR D 93 12.69 -26.91 20.75
N LEU D 94 11.50 -27.50 20.83
CA LEU D 94 10.43 -26.96 21.67
C LEU D 94 10.65 -27.19 23.15
N TYR D 95 11.76 -27.81 23.55
CA TYR D 95 11.98 -28.07 24.98
C TYR D 95 12.07 -26.78 25.77
N ALA D 96 12.70 -25.76 25.19
CA ALA D 96 12.77 -24.46 25.85
C ALA D 96 11.39 -23.81 25.90
N ASN D 97 10.69 -23.79 24.75
CA ASN D 97 9.40 -23.10 24.67
C ASN D 97 8.40 -23.66 25.68
N GLY D 98 8.47 -24.97 25.93
CA GLY D 98 7.50 -25.57 26.85
C GLY D 98 7.62 -25.04 28.26
N TYR D 99 8.83 -25.11 28.83
CA TYR D 99 9.06 -24.55 30.16
C TYR D 99 8.82 -23.04 30.16
N LEU D 100 9.16 -22.36 29.07
CA LEU D 100 8.89 -20.92 28.98
C LEU D 100 7.39 -20.65 29.06
N THR D 101 6.59 -21.46 28.37
CA THR D 101 5.14 -21.27 28.39
C THR D 101 4.57 -21.51 29.78
N ILE D 102 4.99 -22.61 30.42
CA ILE D 102 4.48 -22.96 31.74
C ILE D 102 4.84 -21.89 32.76
N GLY D 103 6.13 -21.51 32.79
CA GLY D 103 6.55 -20.49 33.74
C GLY D 103 5.85 -19.16 33.52
N ALA D 104 5.59 -18.81 32.26
CA ALA D 104 4.89 -17.56 31.97
C ALA D 104 3.44 -17.61 32.46
N HIS D 105 2.78 -18.75 32.28
CA HIS D 105 1.36 -18.83 32.62
C HIS D 105 1.15 -18.83 34.13
N VAL D 106 1.97 -19.57 34.88
CA VAL D 106 1.81 -19.62 36.33
C VAL D 106 2.07 -18.25 36.94
N LEU D 107 2.95 -17.45 36.32
CA LEU D 107 3.20 -16.10 36.78
C LEU D 107 2.07 -15.14 36.45
N GLY D 108 1.09 -15.56 35.67
CA GLY D 108 0.06 -14.67 35.20
C GLY D 108 0.45 -13.81 34.02
N ARG D 109 1.59 -14.12 33.37
CA ARG D 109 1.99 -13.43 32.14
C ARG D 109 1.24 -14.05 30.96
N PHE D 110 -0.06 -13.76 30.92
CA PHE D 110 -0.95 -14.43 29.97
C PHE D 110 -0.64 -14.05 28.52
N GLY D 111 -0.13 -12.83 28.29
CA GLY D 111 0.26 -12.46 26.95
C GLY D 111 1.49 -13.21 26.48
N LEU D 112 2.49 -13.33 27.34
CA LEU D 112 3.67 -14.11 26.99
C LEU D 112 3.32 -15.58 26.86
N SER D 113 2.46 -16.09 27.74
CA SER D 113 2.11 -17.51 27.70
C SER D 113 1.28 -17.86 26.48
N ARG D 114 0.31 -17.00 26.12
CA ARG D 114 -0.48 -17.25 24.93
C ARG D 114 0.38 -17.22 23.67
N LYS D 115 1.28 -16.24 23.57
CA LYS D 115 2.13 -16.15 22.38
C LYS D 115 3.07 -17.34 22.28
N LEU D 116 3.61 -17.81 23.40
CA LEU D 116 4.48 -18.97 23.37
C LEU D 116 3.72 -20.23 23.00
N MET D 117 2.56 -20.45 23.61
CA MET D 117 1.77 -21.64 23.32
C MET D 117 1.24 -21.63 21.90
N SER D 118 0.88 -20.46 21.38
CA SER D 118 0.38 -20.38 20.00
C SER D 118 1.45 -20.83 19.01
N PHE D 119 2.69 -20.36 19.18
CA PHE D 119 3.77 -20.82 18.33
C PHE D 119 4.01 -22.32 18.51
N VAL D 120 3.94 -22.80 19.76
CA VAL D 120 4.15 -24.22 20.02
C VAL D 120 3.16 -25.06 19.23
N GLU D 121 1.89 -24.62 19.18
CA GLU D 121 0.88 -25.38 18.46
C GLU D 121 1.06 -25.30 16.95
N THR D 122 1.76 -24.30 16.43
CA THR D 122 2.07 -24.28 15.01
C THR D 122 2.97 -25.46 14.63
N MET D 123 3.72 -25.98 15.60
CA MET D 123 4.62 -27.11 15.38
C MET D 123 3.97 -28.46 15.61
N ARG D 124 2.66 -28.49 15.89
CA ARG D 124 1.97 -29.75 16.09
C ARG D 124 1.62 -30.39 14.76
N ASN D 125 1.96 -31.67 14.63
CA ASN D 125 1.56 -32.47 13.47
C ASN D 125 0.09 -32.84 13.65
N PRO D 126 -0.80 -32.30 12.81
CA PRO D 126 -2.23 -32.58 13.00
C PRO D 126 -2.61 -34.03 12.71
N ALA D 127 -1.80 -34.77 11.96
CA ALA D 127 -2.10 -36.17 11.66
C ALA D 127 -1.58 -37.13 12.73
N THR D 128 -0.58 -36.73 13.50
CA THR D 128 -0.02 -37.61 14.53
C THR D 128 -0.19 -37.08 15.95
N GLY D 129 -0.43 -35.78 16.12
CA GLY D 129 -0.45 -35.19 17.44
C GLY D 129 0.90 -34.93 18.04
N GLY D 130 1.99 -35.34 17.37
CA GLY D 130 3.31 -35.05 17.85
C GLY D 130 3.77 -33.65 17.47
N PHE D 131 4.86 -33.22 18.11
CA PHE D 131 5.41 -31.89 17.91
C PHE D 131 6.80 -32.00 17.29
N ARG D 132 7.08 -31.14 16.32
CA ARG D 132 8.26 -31.30 15.49
C ARG D 132 9.53 -31.02 16.28
N SER D 133 10.60 -31.75 15.95
CA SER D 133 11.83 -31.69 16.72
C SER D 133 12.72 -30.51 16.36
N HIS D 134 12.57 -29.94 15.16
CA HIS D 134 13.43 -28.86 14.70
C HIS D 134 12.62 -27.58 14.48
N GLY D 135 13.26 -26.45 14.76
CA GLY D 135 12.59 -25.16 14.69
C GLY D 135 12.39 -24.70 13.27
N PRO D 136 11.69 -23.56 13.14
CA PRO D 136 11.33 -23.07 11.80
C PRO D 136 12.52 -22.69 10.95
N ALA D 137 13.59 -22.18 11.55
CA ALA D 137 14.79 -21.79 10.81
C ALA D 137 15.82 -22.90 10.74
N ILE D 138 15.49 -24.09 11.22
CA ILE D 138 16.42 -25.21 11.32
C ILE D 138 15.99 -26.27 10.32
N PRO D 139 16.86 -26.70 9.41
CA PRO D 139 16.46 -27.73 8.44
C PRO D 139 16.23 -29.07 9.12
N GLY D 140 15.15 -29.74 8.71
CA GLY D 140 14.81 -31.03 9.27
C GLY D 140 13.79 -31.73 8.40
N ASP D 141 13.41 -32.94 8.82
CA ASP D 141 12.52 -33.78 8.05
C ASP D 141 11.13 -33.91 8.66
N GLY D 142 10.79 -33.06 9.63
CA GLY D 142 9.47 -33.11 10.23
C GLY D 142 9.29 -34.17 11.29
N ARG D 143 10.38 -34.72 11.82
CA ARG D 143 10.28 -35.74 12.85
C ARG D 143 9.69 -35.15 14.13
N CYS D 144 9.03 -36.02 14.91
CA CYS D 144 8.44 -35.63 16.19
C CYS D 144 8.94 -36.59 17.26
N ASP D 145 9.48 -36.02 18.33
CA ASP D 145 10.06 -36.81 19.42
C ASP D 145 9.15 -36.79 20.65
N SER D 146 9.42 -37.70 21.57
CA SER D 146 8.61 -37.85 22.77
C SER D 146 8.82 -36.71 23.76
N VAL D 147 9.96 -36.01 23.69
CA VAL D 147 10.23 -34.94 24.63
C VAL D 147 9.53 -33.65 24.20
N SER D 148 9.69 -33.27 22.93
CA SER D 148 8.97 -32.12 22.40
C SER D 148 7.46 -32.30 22.57
N THR D 149 6.98 -33.52 22.39
CA THR D 149 5.54 -33.78 22.45
C THR D 149 5.03 -33.75 23.89
N SER D 150 5.80 -34.32 24.83
CA SER D 150 5.34 -34.39 26.21
C SER D 150 5.38 -33.00 26.87
N ILE D 151 6.45 -32.24 26.63
CA ILE D 151 6.54 -30.93 27.25
C ILE D 151 5.54 -29.97 26.63
N SER D 152 5.20 -30.15 25.35
CA SER D 152 4.16 -29.33 24.73
C SER D 152 2.79 -29.70 25.28
N GLY D 153 2.54 -31.00 25.48
CA GLY D 153 1.31 -31.41 26.12
C GLY D 153 1.21 -30.93 27.55
N LEU D 154 2.33 -30.95 28.28
CA LEU D 154 2.34 -30.42 29.63
C LEU D 154 2.05 -28.93 29.63
N ALA D 155 2.65 -28.19 28.70
CA ALA D 155 2.32 -26.77 28.56
C ALA D 155 0.87 -26.58 28.10
N ALA D 156 0.39 -27.48 27.26
CA ALA D 156 -1.03 -27.44 26.88
C ALA D 156 -1.92 -27.66 28.09
N LEU D 157 -1.48 -28.49 29.04
CA LEU D 157 -2.26 -28.73 30.25
C LEU D 157 -2.33 -27.48 31.11
N TYR D 158 -1.20 -26.76 31.25
CA TYR D 158 -1.21 -25.56 32.08
C TYR D 158 -1.97 -24.42 31.41
N THR D 159 -1.95 -24.34 30.08
CA THR D 159 -2.62 -23.28 29.35
C THR D 159 -4.08 -23.59 29.04
N GLY D 160 -4.55 -24.79 29.37
CA GLY D 160 -5.94 -25.14 29.14
C GLY D 160 -6.26 -25.67 27.77
N ARG D 161 -5.26 -25.88 26.92
CA ARG D 161 -5.47 -26.48 25.60
C ARG D 161 -5.54 -28.00 25.76
N VAL D 162 -6.64 -28.44 26.37
CA VAL D 162 -6.76 -29.84 26.79
C VAL D 162 -6.76 -30.77 25.59
N ASP D 163 -7.44 -30.37 24.50
CA ASP D 163 -7.46 -31.19 23.30
C ASP D 163 -6.06 -31.37 22.72
N THR D 164 -5.24 -30.31 22.80
CA THR D 164 -3.85 -30.43 22.36
C THR D 164 -3.09 -31.45 23.21
N ALA D 165 -3.32 -31.44 24.53
CA ALA D 165 -2.65 -32.39 25.41
C ALA D 165 -3.12 -33.82 25.15
N ARG D 166 -4.45 -34.00 24.98
CA ARG D 166 -4.98 -35.33 24.70
C ARG D 166 -4.39 -35.90 23.41
N SER D 167 -4.24 -35.05 22.39
CA SER D 167 -3.66 -35.52 21.14
C SER D 167 -2.17 -35.85 21.31
N ALA D 168 -1.46 -35.06 22.10
CA ALA D 168 -0.04 -35.33 22.35
C ALA D 168 0.14 -36.69 23.03
N ALA D 169 -0.80 -37.06 23.91
CA ALA D 169 -0.73 -38.37 24.55
C ALA D 169 -1.11 -39.48 23.58
N ASP D 170 -1.97 -39.18 22.59
CA ASP D 170 -2.24 -40.15 21.54
C ASP D 170 -0.99 -40.44 20.73
N PHE D 171 -0.19 -39.41 20.45
CA PHE D 171 1.09 -39.61 19.77
C PHE D 171 2.01 -40.51 20.59
N LEU D 172 2.12 -40.23 21.90
CA LEU D 172 2.97 -41.06 22.75
C LEU D 172 2.43 -42.48 22.84
N GLY D 173 1.11 -42.64 22.88
CA GLY D 173 0.54 -43.98 22.88
C GLY D 173 0.90 -44.76 21.63
N SER D 174 0.84 -44.10 20.47
CA SER D 174 1.25 -44.75 19.22
C SER D 174 2.75 -45.03 19.23
N LEU D 175 3.54 -44.12 19.80
CA LEU D 175 4.98 -44.35 19.88
C LEU D 175 5.30 -45.54 20.77
N TRP D 176 4.55 -45.70 21.87
CA TRP D 176 4.81 -46.82 22.79
C TRP D 176 4.35 -48.14 22.19
N VAL D 177 3.16 -48.17 21.58
CA VAL D 177 2.66 -49.39 20.97
C VAL D 177 3.49 -49.78 19.75
N GLY D 178 4.02 -48.79 19.04
CA GLY D 178 4.78 -49.05 17.82
C GLY D 178 6.24 -49.38 18.00
N GLN D 179 6.72 -49.56 19.24
CA GLN D 179 8.12 -49.86 19.45
C GLN D 179 8.46 -51.22 18.85
N PRO D 180 9.50 -51.31 18.02
CA PRO D 180 9.86 -52.61 17.42
C PRO D 180 10.64 -53.52 18.36
N ASP D 181 11.30 -52.99 19.39
CA ASP D 181 12.11 -53.79 20.28
C ASP D 181 12.32 -53.03 21.60
N ARG D 182 11.26 -52.90 22.39
CA ARG D 182 11.31 -52.03 23.57
C ARG D 182 12.28 -52.55 24.63
N LYS D 183 12.46 -53.87 24.73
CA LYS D 183 13.35 -54.41 25.73
C LYS D 183 14.81 -54.04 25.48
N ASN D 184 15.15 -53.62 24.27
CA ASN D 184 16.53 -53.26 23.94
C ASN D 184 16.69 -51.80 23.55
N VAL D 185 15.73 -51.22 22.82
CA VAL D 185 15.84 -49.86 22.33
C VAL D 185 14.50 -49.16 22.51
N PHE D 186 14.52 -47.93 23.05
CA PHE D 186 13.36 -47.06 23.05
C PHE D 186 13.58 -46.00 21.98
N HIS D 187 12.90 -46.15 20.85
CA HIS D 187 12.94 -45.16 19.77
C HIS D 187 11.99 -44.03 20.14
N ALA D 188 12.55 -42.86 20.45
CA ALA D 188 11.77 -41.73 20.92
C ALA D 188 11.23 -40.85 19.79
N VAL D 189 11.50 -41.20 18.53
CA VAL D 189 11.16 -40.35 17.41
C VAL D 189 10.26 -41.09 16.44
N ALA D 190 9.38 -40.33 15.79
CA ALA D 190 8.54 -40.83 14.70
C ALA D 190 8.55 -39.81 13.58
N ASP D 191 8.36 -40.29 12.34
CA ASP D 191 8.36 -39.38 11.20
C ASP D 191 7.07 -38.57 11.17
N ALA D 192 6.94 -37.72 10.15
CA ALA D 192 5.78 -36.84 10.01
C ALA D 192 4.49 -37.62 9.74
N SER D 193 4.57 -38.91 9.44
CA SER D 193 3.39 -39.74 9.22
C SER D 193 3.01 -40.59 10.41
N GLY D 194 3.84 -40.61 11.46
CA GLY D 194 3.55 -41.40 12.64
C GLY D 194 4.27 -42.72 12.72
N ALA D 195 5.10 -43.06 11.74
CA ALA D 195 5.87 -44.29 11.79
C ALA D 195 7.09 -44.13 12.68
N VAL D 196 7.35 -45.15 13.50
CA VAL D 196 8.49 -45.09 14.42
C VAL D 196 9.77 -44.97 13.62
N LEU D 197 10.61 -44.00 14.00
CA LEU D 197 11.85 -43.69 13.29
C LEU D 197 13.00 -44.42 13.99
N THR D 198 13.51 -45.48 13.36
CA THR D 198 14.47 -46.37 13.98
C THR D 198 15.89 -46.20 13.44
N SER D 199 16.15 -45.14 12.68
CA SER D 199 17.47 -44.97 12.09
C SER D 199 18.49 -44.50 13.14
N ASP D 200 19.75 -44.45 12.72
CA ASP D 200 20.82 -44.01 13.62
C ASP D 200 20.71 -42.53 13.93
N ASP D 201 20.12 -41.74 13.03
CA ASP D 201 20.03 -40.30 13.25
C ASP D 201 18.97 -39.94 14.29
N ALA D 202 18.02 -40.82 14.54
CA ALA D 202 16.94 -40.55 15.48
C ALA D 202 17.38 -40.89 16.91
N VAL D 203 16.91 -40.09 17.87
CA VAL D 203 17.23 -40.33 19.26
C VAL D 203 16.64 -41.66 19.70
N ALA D 204 17.48 -42.52 20.26
CA ALA D 204 17.07 -43.82 20.76
C ALA D 204 17.73 -44.07 22.09
N VAL D 205 16.96 -44.51 23.07
CA VAL D 205 17.46 -44.77 24.41
C VAL D 205 17.99 -46.20 24.45
N GLN D 206 19.31 -46.34 24.53
CA GLN D 206 19.90 -47.65 24.75
C GLN D 206 19.54 -48.12 26.16
N VAL D 207 18.44 -48.87 26.27
CA VAL D 207 17.84 -49.16 27.56
C VAL D 207 18.71 -50.08 28.41
N ARG D 208 19.40 -51.03 27.78
CA ARG D 208 20.24 -51.97 28.51
C ARG D 208 21.64 -51.43 28.77
N LYS D 209 21.88 -50.14 28.53
CA LYS D 209 23.15 -49.51 28.82
C LYS D 209 22.93 -48.31 29.74
N ALA D 210 24.03 -47.72 30.20
CA ALA D 210 24.02 -46.60 31.11
C ALA D 210 24.60 -45.38 30.41
N GLU D 211 23.88 -44.87 29.41
CA GLU D 211 24.36 -43.75 28.60
C GLU D 211 23.35 -42.61 28.49
N GLY D 212 22.40 -42.53 29.42
CA GLY D 212 21.58 -41.34 29.56
C GLY D 212 20.36 -41.34 28.65
N ASP D 213 19.89 -40.11 28.39
CA ASP D 213 18.70 -39.82 27.57
C ASP D 213 17.44 -40.45 28.14
N TRP D 214 17.43 -40.75 29.44
CA TRP D 214 16.28 -41.43 30.04
C TRP D 214 15.05 -40.53 30.14
N TYR D 215 15.22 -39.22 30.03
CA TYR D 215 14.07 -38.32 30.12
C TYR D 215 13.16 -38.39 28.90
N PHE D 216 13.63 -39.01 27.81
CA PHE D 216 12.74 -39.30 26.68
C PHE D 216 11.71 -40.34 27.05
N ILE D 217 11.94 -41.09 28.13
CA ILE D 217 10.93 -41.93 28.73
C ILE D 217 10.34 -41.30 29.98
N GLY D 218 11.13 -40.55 30.76
CA GLY D 218 10.62 -40.05 32.03
C GLY D 218 9.68 -38.87 31.89
N LEU D 219 9.98 -37.97 30.95
CA LEU D 219 9.15 -36.80 30.78
C LEU D 219 7.77 -37.19 30.24
N PRO D 220 7.66 -38.11 29.26
CA PRO D 220 6.34 -38.66 28.95
C PRO D 220 5.60 -39.19 30.17
N ALA D 221 6.28 -39.96 31.01
CA ALA D 221 5.65 -40.51 32.20
C ALA D 221 5.10 -39.40 33.10
N PHE D 222 5.81 -38.28 33.18
CA PHE D 222 5.32 -37.14 33.95
C PHE D 222 4.06 -36.56 33.30
N PHE D 223 4.13 -36.21 32.01
CA PHE D 223 3.00 -35.58 31.34
C PHE D 223 1.77 -36.47 31.38
N LEU D 224 1.94 -37.76 31.07
CA LEU D 224 0.80 -38.67 31.03
C LEU D 224 0.15 -38.79 32.40
N THR D 225 0.94 -38.80 33.47
CA THR D 225 0.37 -38.81 34.81
C THR D 225 -0.38 -37.51 35.09
N ALA D 226 0.19 -36.39 34.68
CA ALA D 226 -0.51 -35.11 34.84
C ALA D 226 -1.77 -35.06 33.98
N LEU D 227 -1.72 -35.64 32.78
CA LEU D 227 -2.92 -35.71 31.96
C LEU D 227 -3.96 -36.65 32.55
N TYR D 228 -3.51 -37.72 33.22
CA TYR D 228 -4.45 -38.58 33.92
C TYR D 228 -5.14 -37.82 35.06
N GLU D 229 -4.38 -37.00 35.79
CA GLU D 229 -4.98 -36.18 36.83
C GLU D 229 -6.01 -35.22 36.23
N ALA D 230 -5.72 -34.67 35.04
CA ALA D 230 -6.60 -33.67 34.46
C ALA D 230 -7.88 -34.29 33.92
N THR D 231 -7.85 -35.55 33.50
CA THR D 231 -8.98 -36.15 32.81
C THR D 231 -9.57 -37.38 33.49
N GLU D 232 -8.81 -38.05 34.37
CA GLU D 232 -9.18 -39.33 34.96
C GLU D 232 -9.43 -40.40 33.90
N ASP D 233 -8.94 -40.19 32.68
CA ASP D 233 -8.94 -41.25 31.67
C ASP D 233 -7.88 -42.27 32.05
N ARG D 234 -8.33 -43.50 32.36
CA ARG D 234 -7.41 -44.53 32.83
C ARG D 234 -6.35 -44.88 31.78
N ALA D 235 -6.67 -44.70 30.50
CA ALA D 235 -5.71 -45.02 29.44
C ALA D 235 -4.41 -44.27 29.63
N TYR D 236 -4.48 -43.02 30.10
CA TYR D 236 -3.27 -42.25 30.34
C TYR D 236 -2.52 -42.77 31.56
N LEU D 237 -3.25 -43.19 32.60
CA LEU D 237 -2.59 -43.77 33.76
C LEU D 237 -1.90 -45.08 33.43
N ASP D 238 -2.54 -45.92 32.62
CA ASP D 238 -1.96 -47.22 32.28
C ASP D 238 -0.68 -47.06 31.47
N LEU D 239 -0.65 -46.08 30.56
CA LEU D 239 0.54 -45.85 29.76
C LEU D 239 1.67 -45.25 30.60
N ALA D 240 1.35 -44.27 31.45
CA ALA D 240 2.34 -43.74 32.37
C ALA D 240 2.80 -44.81 33.35
N THR D 241 1.92 -45.75 33.69
CA THR D 241 2.32 -46.88 34.54
C THR D 241 3.19 -47.87 33.77
N ASP D 242 2.92 -48.04 32.47
CA ASP D 242 3.77 -48.91 31.66
C ASP D 242 5.17 -48.33 31.52
N LEU D 243 5.28 -47.00 31.40
CA LEU D 243 6.60 -46.39 31.24
C LEU D 243 7.43 -46.50 32.51
N MET D 244 6.79 -46.35 33.68
CA MET D 244 7.54 -46.46 34.93
C MET D 244 7.98 -47.89 35.20
N THR D 245 7.11 -48.86 34.94
CA THR D 245 7.53 -50.26 34.99
C THR D 245 8.64 -50.52 33.98
N TYR D 246 8.55 -49.92 32.80
CA TYR D 246 9.58 -50.05 31.78
C TYR D 246 10.93 -49.54 32.30
N MET D 247 10.91 -48.38 32.97
CA MET D 247 12.16 -47.82 33.50
C MET D 247 12.64 -48.58 34.73
N ASP D 248 11.73 -49.16 35.51
CA ASP D 248 12.12 -49.83 36.75
C ASP D 248 12.70 -51.21 36.49
N GLU D 249 12.05 -51.99 35.61
CA GLU D 249 12.45 -53.37 35.36
C GLU D 249 13.33 -53.50 34.11
N ASP D 250 12.81 -53.12 32.95
CA ASP D 250 13.50 -53.39 31.70
C ASP D 250 14.71 -52.49 31.50
N CYS D 251 14.71 -51.30 32.11
CA CYS D 251 15.78 -50.34 31.91
C CYS D 251 16.91 -50.55 32.91
N ASP D 252 18.12 -50.21 32.48
CA ASP D 252 19.27 -50.23 33.37
C ASP D 252 19.03 -49.27 34.54
N GLU D 253 19.68 -49.57 35.67
CA GLU D 253 19.53 -48.73 36.86
C GLU D 253 19.95 -47.29 36.65
N ASP D 254 20.68 -47.01 35.56
CA ASP D 254 21.02 -45.63 35.23
C ASP D 254 19.79 -44.76 35.03
N ALA D 255 18.64 -45.36 34.70
CA ALA D 255 17.42 -44.60 34.51
C ALA D 255 17.00 -43.86 35.79
N PHE D 256 17.45 -44.32 36.95
CA PHE D 256 17.17 -43.66 38.22
C PHE D 256 18.43 -43.11 38.87
N VAL D 257 19.50 -42.94 38.10
CA VAL D 257 20.78 -42.49 38.63
C VAL D 257 21.32 -41.34 37.77
N ASP D 258 21.11 -41.43 36.46
CA ASP D 258 21.55 -40.39 35.53
C ASP D 258 20.94 -39.04 35.91
N SER D 259 21.56 -37.97 35.41
CA SER D 259 21.12 -36.63 35.77
C SER D 259 19.68 -36.36 35.33
N SER D 260 19.26 -36.95 34.21
CA SER D 260 17.91 -36.74 33.69
C SER D 260 16.87 -37.61 34.38
N CYS D 261 17.23 -38.29 35.47
CA CYS D 261 16.28 -39.16 36.16
C CYS D 261 15.24 -38.38 36.96
N GLY D 262 15.39 -37.06 37.10
CA GLY D 262 14.45 -36.29 37.87
C GLY D 262 13.04 -36.31 37.31
N LYS D 263 12.92 -36.38 35.98
CA LYS D 263 11.59 -36.48 35.37
C LYS D 263 10.88 -37.74 35.82
N ALA D 264 11.60 -38.87 35.84
CA ALA D 264 11.01 -40.11 36.35
C ALA D 264 10.68 -39.98 37.83
N GLY D 265 11.50 -39.25 38.58
CA GLY D 265 11.23 -39.08 40.00
C GLY D 265 10.00 -38.22 40.26
N VAL D 266 9.77 -37.22 39.41
CA VAL D 266 8.58 -36.38 39.56
C VAL D 266 7.34 -37.16 39.13
N ALA D 267 7.45 -37.98 38.09
CA ALA D 267 6.34 -38.83 37.69
C ALA D 267 5.99 -39.83 38.78
N ALA D 268 7.01 -40.38 39.44
CA ALA D 268 6.77 -41.34 40.52
C ALA D 268 6.11 -40.68 41.72
N ALA D 269 6.57 -39.48 42.09
CA ALA D 269 5.96 -38.77 43.20
C ALA D 269 4.50 -38.43 42.90
N LEU D 270 4.24 -37.95 41.69
CA LEU D 270 2.86 -37.68 41.29
C LEU D 270 2.04 -38.96 41.28
N LEU D 271 2.64 -40.07 40.84
CA LEU D 271 1.92 -41.34 40.80
C LEU D 271 1.62 -41.86 42.20
N TYR D 272 2.51 -41.62 43.17
CA TYR D 272 2.24 -42.05 44.54
C TYR D 272 1.04 -41.31 45.11
N ARG D 273 0.98 -39.99 44.91
CA ARG D 273 -0.16 -39.22 45.40
C ARG D 273 -1.46 -39.67 44.75
N LEU D 274 -1.41 -40.10 43.49
CA LEU D 274 -2.62 -40.47 42.77
C LEU D 274 -3.02 -41.92 43.00
N THR D 275 -2.04 -42.83 43.12
CA THR D 275 -2.33 -44.26 43.24
C THR D 275 -2.05 -44.83 44.61
N GLY D 276 -1.08 -44.29 45.34
CA GLY D 276 -0.74 -44.80 46.65
C GLY D 276 0.20 -45.98 46.66
N ARG D 277 0.66 -46.44 45.50
CA ARG D 277 1.58 -47.56 45.45
C ARG D 277 2.91 -47.18 46.08
N PRO D 278 3.39 -47.89 47.10
CA PRO D 278 4.61 -47.48 47.79
C PRO D 278 5.85 -47.50 46.91
N ARG D 279 5.87 -48.32 45.85
CA ARG D 279 7.04 -48.35 44.98
C ARG D 279 7.28 -47.00 44.31
N TYR D 280 6.20 -46.30 43.96
CA TYR D 280 6.34 -44.98 43.36
C TYR D 280 6.91 -43.97 44.36
N ARG D 281 6.48 -44.05 45.61
CA ARG D 281 7.09 -43.20 46.65
C ARG D 281 8.56 -43.54 46.82
N GLU D 282 8.89 -44.83 46.88
CA GLU D 282 10.28 -45.24 47.07
C GLU D 282 11.15 -44.76 45.91
N ILE D 283 10.66 -44.89 44.68
CA ILE D 283 11.39 -44.37 43.52
C ILE D 283 11.54 -42.86 43.64
N ALA D 284 10.47 -42.16 44.06
CA ALA D 284 10.53 -40.72 44.20
C ALA D 284 11.48 -40.30 45.31
N GLU D 285 11.48 -41.02 46.43
CA GLU D 285 12.38 -40.69 47.53
C GLU D 285 13.84 -40.90 47.14
N GLY D 286 14.13 -42.03 46.48
CA GLY D 286 15.50 -42.33 46.12
C GLY D 286 16.09 -41.34 45.14
N ILE D 287 15.32 -40.97 44.12
CA ILE D 287 15.79 -39.99 43.15
C ILE D 287 15.92 -38.62 43.81
N GLY D 288 14.92 -38.22 44.61
CA GLY D 288 15.01 -36.96 45.31
C GLY D 288 16.20 -36.89 46.26
N THR D 289 16.45 -37.97 47.00
CA THR D 289 17.63 -38.01 47.86
C THR D 289 18.90 -37.98 47.05
N LEU D 290 18.93 -38.69 45.93
CA LEU D 290 20.13 -38.73 45.09
C LEU D 290 20.49 -37.34 44.59
N LEU D 291 19.50 -36.57 44.12
CA LEU D 291 19.76 -35.21 43.69
C LEU D 291 20.21 -34.34 44.86
N CYS D 292 19.72 -34.61 46.06
CA CYS D 292 20.17 -33.86 47.24
C CYS D 292 21.64 -34.14 47.53
N GLU D 293 22.07 -35.39 47.37
CA GLU D 293 23.47 -35.72 47.64
C GLU D 293 24.40 -35.07 46.62
N ARG D 294 23.96 -34.99 45.36
CA ARG D 294 24.79 -34.40 44.31
C ARG D 294 24.91 -32.89 44.42
N GLN D 295 24.08 -32.25 45.26
CA GLN D 295 24.07 -30.80 45.32
C GLN D 295 25.38 -30.27 45.88
N SER D 296 25.97 -29.29 45.19
CA SER D 296 27.14 -28.61 45.70
C SER D 296 26.82 -27.93 47.03
N PRO D 297 27.78 -27.90 47.96
CA PRO D 297 27.52 -27.25 49.26
C PRO D 297 27.15 -25.78 49.15
N TYR D 298 27.39 -25.16 48.00
CA TYR D 298 27.04 -23.77 47.77
C TYR D 298 25.65 -23.59 47.17
N GLY D 299 24.93 -24.68 46.93
CA GLY D 299 23.56 -24.59 46.45
C GLY D 299 23.36 -25.01 45.01
N TYR D 300 24.31 -24.66 44.14
CA TYR D 300 24.16 -24.96 42.73
C TYR D 300 24.41 -26.45 42.47
N TRP D 301 24.20 -26.85 41.23
CA TRP D 301 24.56 -28.16 40.73
C TRP D 301 25.53 -27.99 39.57
N SER D 302 26.54 -28.87 39.51
CA SER D 302 27.50 -28.81 38.42
C SER D 302 28.15 -30.17 38.25
N GLU D 303 28.58 -30.44 37.02
CA GLU D 303 29.29 -31.68 36.73
C GLU D 303 30.67 -31.68 37.37
N GLU D 304 31.45 -30.61 37.14
CA GLU D 304 32.85 -30.58 37.51
C GLU D 304 33.24 -29.42 38.41
N GLU D 305 32.34 -28.48 38.67
CA GLU D 305 32.67 -27.30 39.48
C GLU D 305 32.45 -27.58 40.96
N THR D 306 33.38 -27.08 41.79
CA THR D 306 33.25 -27.22 43.24
C THR D 306 33.56 -25.94 44.00
N GLY D 307 33.85 -24.83 43.32
CA GLY D 307 34.16 -23.59 44.00
C GLY D 307 32.92 -22.76 44.28
N ASP D 308 33.15 -21.62 44.93
CA ASP D 308 32.09 -20.64 45.19
C ASP D 308 32.01 -19.68 44.01
N VAL D 309 31.50 -20.22 42.90
CA VAL D 309 31.59 -19.56 41.60
C VAL D 309 30.49 -18.51 41.46
N ALA D 310 30.74 -17.52 40.61
CA ALA D 310 29.77 -16.47 40.34
C ALA D 310 28.79 -16.85 39.25
N ASP D 311 29.13 -17.77 38.37
CA ASP D 311 28.27 -18.18 37.28
C ASP D 311 28.57 -19.63 36.92
N LEU D 312 27.79 -20.17 35.99
CA LEU D 312 27.92 -21.55 35.57
C LEU D 312 27.80 -21.65 34.06
N PHE D 313 28.26 -22.78 33.52
CA PHE D 313 27.96 -23.11 32.15
C PHE D 313 26.47 -23.38 31.99
N TRP D 314 25.98 -23.21 30.76
CA TRP D 314 24.54 -23.25 30.52
C TRP D 314 23.91 -24.54 31.02
N GLY D 315 24.62 -25.67 30.86
CA GLY D 315 24.06 -26.95 31.27
C GLY D 315 23.98 -27.10 32.78
N ASP D 316 25.01 -26.62 33.49
CA ASP D 316 24.96 -26.66 34.94
C ASP D 316 23.88 -25.71 35.48
N LEU D 317 23.75 -24.53 34.88
CA LEU D 317 22.72 -23.59 35.30
C LEU D 317 21.33 -24.15 35.05
N ASP D 318 21.11 -24.69 33.86
CA ASP D 318 19.83 -25.32 33.54
C ASP D 318 19.55 -26.51 34.44
N MET D 319 20.61 -27.25 34.84
CA MET D 319 20.43 -28.34 35.78
C MET D 319 20.07 -27.83 37.17
N THR D 320 20.68 -26.72 37.60
CA THR D 320 20.40 -26.17 38.91
C THR D 320 18.94 -25.73 39.02
N ALA D 321 18.46 -24.98 38.03
CA ALA D 321 17.05 -24.57 38.04
C ALA D 321 16.11 -25.75 37.86
N GLU D 322 16.54 -26.77 37.10
CA GLU D 322 15.70 -27.94 36.90
C GLU D 322 15.47 -28.69 38.21
N TYR D 323 16.52 -28.85 39.00
CA TYR D 323 16.39 -29.61 40.25
C TYR D 323 15.61 -28.82 41.30
N VAL D 324 15.63 -27.49 41.21
CA VAL D 324 14.71 -26.69 42.02
C VAL D 324 13.28 -27.09 41.73
N LEU D 325 12.95 -27.26 40.44
CA LEU D 325 11.61 -27.69 40.06
C LEU D 325 11.32 -29.11 40.53
N TRP D 326 12.19 -30.06 40.17
CA TRP D 326 11.91 -31.46 40.43
C TRP D 326 11.83 -31.75 41.93
N LEU D 327 12.79 -31.23 42.70
CA LEU D 327 12.77 -31.46 44.15
C LEU D 327 11.53 -30.86 44.79
N ASP D 328 11.07 -29.72 44.28
CA ASP D 328 9.83 -29.14 44.79
C ASP D 328 8.63 -30.01 44.43
N LEU D 329 8.54 -30.43 43.16
CA LEU D 329 7.41 -31.25 42.73
C LEU D 329 7.43 -32.61 43.41
N ILE D 330 8.60 -33.21 43.57
CA ILE D 330 8.71 -34.48 44.28
C ILE D 330 8.32 -34.30 45.73
N GLY D 331 8.85 -33.26 46.37
CA GLY D 331 8.54 -33.04 47.78
C GLY D 331 7.08 -32.75 48.05
N ARG D 332 6.46 -31.92 47.20
CA ARG D 332 5.06 -31.58 47.43
C ARG D 332 4.14 -32.77 47.16
N ASN D 333 4.49 -33.64 46.21
CA ASN D 333 3.64 -34.79 45.92
C ASN D 333 3.91 -35.95 46.88
N LEU D 334 5.11 -36.04 47.43
CA LEU D 334 5.36 -37.03 48.48
C LEU D 334 4.72 -36.63 49.80
N ALA D 335 4.61 -35.32 50.06
CA ALA D 335 3.96 -34.86 51.28
C ALA D 335 2.46 -35.08 51.22
N SER D 336 1.82 -34.65 50.13
CA SER D 336 0.38 -34.84 50.00
C SER D 336 0.03 -36.31 49.87
N GLY D 337 0.88 -37.10 49.21
CA GLY D 337 0.63 -38.53 49.12
C GLY D 337 0.57 -39.20 50.47
N GLU D 338 1.48 -38.81 51.37
CA GLU D 338 1.42 -39.30 52.74
C GLU D 338 0.06 -39.02 53.37
N ARG D 339 -0.38 -37.77 53.27
CA ARG D 339 -1.62 -37.37 53.93
C ARG D 339 -2.82 -38.12 53.36
N VAL D 340 -2.86 -38.32 52.04
CA VAL D 340 -3.98 -39.02 51.43
C VAL D 340 -3.92 -40.50 51.73
N TRP D 341 -2.72 -41.07 51.78
CA TRP D 341 -2.56 -42.48 52.09
C TRP D 341 -1.90 -42.66 53.45
N ALA D 342 -2.53 -42.13 54.50
CA ALA D 342 -1.93 -42.13 55.82
C ALA D 342 -2.01 -43.51 56.48
N GLY D 343 -3.23 -44.01 56.67
CA GLY D 343 -3.45 -45.25 57.37
C GLY D 343 -3.62 -46.45 56.45
N LYS D 344 -3.82 -47.60 57.09
CA LYS D 344 -3.87 -48.88 56.38
C LYS D 344 -5.21 -49.10 55.70
N SER E 11 36.20 8.18 8.79
CA SER E 11 35.40 8.96 9.73
C SER E 11 34.12 9.47 9.08
N PRO E 12 32.98 9.14 9.69
CA PRO E 12 31.70 9.63 9.15
C PRO E 12 31.63 11.15 9.04
N HIS E 13 32.37 11.87 9.88
CA HIS E 13 32.42 13.33 9.76
C HIS E 13 33.06 13.74 8.44
N GLU E 14 34.16 13.08 8.06
CA GLU E 14 34.88 13.44 6.85
C GLU E 14 34.10 13.07 5.60
N LEU E 15 33.44 11.91 5.62
CA LEU E 15 32.65 11.49 4.46
C LEU E 15 31.51 12.47 4.19
N LYS E 16 30.91 13.01 5.25
CA LYS E 16 29.81 13.94 5.10
C LYS E 16 30.27 15.27 4.51
N ASN E 17 31.42 15.78 4.99
CA ASN E 17 31.94 17.03 4.46
C ASN E 17 32.22 16.92 2.97
N ALA E 18 32.73 15.77 2.52
CA ALA E 18 32.95 15.56 1.09
C ALA E 18 31.64 15.60 0.33
N ALA E 19 30.57 15.05 0.93
CA ALA E 19 29.27 15.06 0.28
C ALA E 19 28.69 16.47 0.23
N GLN E 20 28.92 17.27 1.27
CA GLN E 20 28.40 18.63 1.28
C GLN E 20 29.17 19.53 0.31
N ARG E 21 30.45 19.22 0.05
CA ARG E 21 31.20 20.01 -0.91
C ARG E 21 30.76 19.71 -2.34
N ALA E 22 30.45 18.44 -2.63
CA ALA E 22 29.93 18.10 -3.95
C ALA E 22 28.53 18.65 -4.15
N ALA E 23 27.71 18.63 -3.09
CA ALA E 23 26.38 19.22 -3.18
C ALA E 23 26.46 20.73 -3.36
N ASP E 24 27.39 21.38 -2.64
CA ASP E 24 27.62 22.80 -2.86
C ASP E 24 28.03 23.09 -4.30
N TRP E 25 28.89 22.22 -4.86
CA TRP E 25 29.33 22.42 -6.24
C TRP E 25 28.17 22.34 -7.22
N LEU E 26 27.27 21.36 -7.01
CA LEU E 26 26.13 21.21 -7.91
C LEU E 26 25.19 22.40 -7.82
N VAL E 27 24.86 22.83 -6.60
CA VAL E 27 23.90 23.92 -6.41
C VAL E 27 24.42 25.22 -6.99
N GLU E 28 25.72 25.51 -6.79
CA GLU E 28 26.31 26.73 -7.33
C GLU E 28 26.21 26.81 -8.84
N ARG E 29 26.02 25.67 -9.53
CA ARG E 29 25.97 25.64 -10.98
C ARG E 29 24.63 25.13 -11.51
N GLN E 30 23.63 24.97 -10.65
CA GLN E 30 22.33 24.49 -11.11
C GLN E 30 21.71 25.51 -12.06
N ARG E 31 21.00 25.00 -13.05
CA ARG E 31 20.38 25.85 -14.05
C ARG E 31 19.09 26.47 -13.51
N PRO E 32 18.67 27.60 -14.08
CA PRO E 32 17.44 28.26 -13.59
C PRO E 32 16.20 27.39 -13.69
N ASN E 33 16.15 26.45 -14.63
CA ASN E 33 15.02 25.55 -14.75
C ASN E 33 15.11 24.36 -13.81
N GLY E 34 16.20 24.25 -13.04
CA GLY E 34 16.38 23.16 -12.10
C GLY E 34 17.37 22.10 -12.55
N ALA E 35 17.76 22.10 -13.83
CA ALA E 35 18.65 21.06 -14.34
C ALA E 35 20.04 21.21 -13.74
N LEU E 36 20.66 20.07 -13.45
CA LEU E 36 22.03 20.08 -12.95
C LEU E 36 23.01 20.36 -14.09
N PRO E 37 24.19 20.91 -13.79
CA PRO E 37 25.08 21.37 -14.86
C PRO E 37 25.68 20.23 -15.70
N SER E 38 24.86 19.64 -16.56
CA SER E 38 25.32 18.63 -17.51
C SER E 38 25.55 19.27 -18.86
N ARG E 39 26.59 18.81 -19.56
CA ARG E 39 26.87 19.32 -20.91
C ARG E 39 25.84 18.83 -21.92
N THR E 40 25.15 17.73 -21.62
CA THR E 40 24.04 17.26 -22.44
C THR E 40 22.79 17.20 -21.57
N ALA E 41 21.67 17.66 -22.13
CA ALA E 41 20.38 17.64 -21.43
C ALA E 41 19.77 16.25 -21.59
N VAL E 42 20.11 15.36 -20.66
CA VAL E 42 19.60 14.00 -20.65
C VAL E 42 19.19 13.65 -19.23
N ILE E 43 18.26 12.70 -19.11
CA ILE E 43 17.75 12.34 -17.79
C ILE E 43 18.80 11.58 -16.98
N GLU E 44 19.68 10.85 -17.66
CA GLU E 44 20.70 10.07 -16.96
C GLU E 44 21.78 10.93 -16.32
N SER E 45 21.72 12.24 -16.48
CA SER E 45 22.69 13.12 -15.85
C SER E 45 22.23 13.64 -14.49
N CYS E 46 20.95 13.51 -14.16
CA CYS E 46 20.43 14.14 -12.95
C CYS E 46 19.33 13.32 -12.28
N TYR E 47 19.23 12.02 -12.56
CA TYR E 47 18.18 11.22 -11.96
C TYR E 47 18.39 11.04 -10.46
N LYS E 48 19.63 11.12 -9.99
CA LYS E 48 19.93 11.05 -8.56
C LYS E 48 19.92 12.42 -7.89
N GLY E 49 19.60 13.48 -8.62
CA GLY E 49 19.74 14.82 -8.08
C GLY E 49 18.75 15.13 -6.97
N MET E 50 17.50 14.71 -7.14
CA MET E 50 16.48 15.00 -6.12
C MET E 50 16.84 14.35 -4.78
N TRP E 51 17.24 13.08 -4.82
CA TRP E 51 17.57 12.38 -3.58
C TRP E 51 18.85 12.93 -2.98
N ALA E 52 19.90 13.08 -3.80
CA ALA E 52 21.20 13.49 -3.28
C ALA E 52 21.13 14.87 -2.64
N LEU E 53 20.55 15.85 -3.34
CA LEU E 53 20.50 17.21 -2.80
C LEU E 53 19.62 17.30 -1.56
N HIS E 54 18.59 16.46 -1.46
CA HIS E 54 17.75 16.47 -0.27
C HIS E 54 18.52 15.97 0.95
N THR E 55 19.33 14.91 0.78
CA THR E 55 20.11 14.40 1.89
C THR E 55 21.20 15.37 2.33
N ALA E 56 21.58 16.30 1.47
CA ALA E 56 22.60 17.29 1.78
C ALA E 56 22.03 18.58 2.35
N GLY E 57 20.72 18.69 2.47
CA GLY E 57 20.08 19.88 2.98
C GLY E 57 19.74 20.92 1.94
N HIS E 58 20.15 20.72 0.68
CA HIS E 58 19.85 21.67 -0.40
C HIS E 58 18.44 21.40 -0.94
N THR E 59 17.45 21.68 -0.09
CA THR E 59 16.07 21.31 -0.41
C THR E 59 15.49 22.19 -1.51
N GLN E 60 15.91 23.46 -1.59
CA GLN E 60 15.43 24.30 -2.69
C GLN E 60 16.04 23.86 -4.01
N ALA E 61 17.29 23.41 -3.99
CA ALA E 61 17.90 22.86 -5.19
C ALA E 61 17.30 21.50 -5.55
N ALA E 62 16.92 20.71 -4.54
CA ALA E 62 16.25 19.44 -4.82
C ALA E 62 14.88 19.67 -5.42
N SER E 63 14.12 20.63 -4.88
CA SER E 63 12.80 20.93 -5.42
C SER E 63 12.90 21.50 -6.84
N ALA E 64 13.98 22.23 -7.14
CA ALA E 64 14.18 22.72 -8.49
C ALA E 64 14.37 21.57 -9.48
N VAL E 65 15.15 20.56 -9.08
CA VAL E 65 15.25 19.35 -9.89
C VAL E 65 13.90 18.69 -10.04
N ALA E 66 13.09 18.69 -8.98
CA ALA E 66 11.75 18.15 -9.06
C ALA E 66 10.90 18.90 -10.07
N ASP E 67 11.09 20.23 -10.15
CA ASP E 67 10.36 21.01 -11.14
C ASP E 67 10.79 20.66 -12.56
N TYR E 68 12.09 20.51 -12.78
CA TYR E 68 12.59 20.13 -14.09
C TYR E 68 12.16 18.71 -14.46
N VAL E 69 12.20 17.78 -13.50
CA VAL E 69 11.74 16.43 -13.76
C VAL E 69 10.25 16.40 -14.02
N THR E 70 9.47 17.15 -13.23
CA THR E 70 8.03 17.19 -13.40
C THR E 70 7.64 17.62 -14.82
N SER E 71 8.33 18.63 -15.36
CA SER E 71 8.03 19.10 -16.70
C SER E 71 8.40 18.09 -17.78
N LEU E 72 9.16 17.05 -17.45
CA LEU E 72 9.50 15.99 -18.39
C LEU E 72 8.56 14.80 -18.31
N LEU E 73 7.71 14.74 -17.29
CA LEU E 73 6.91 13.55 -17.05
C LEU E 73 5.85 13.38 -18.12
N GLN E 74 5.77 12.16 -18.67
CA GLN E 74 4.75 11.78 -19.63
C GLN E 74 3.49 11.31 -18.91
N PRO E 75 2.35 11.30 -19.60
CA PRO E 75 1.08 10.97 -18.91
C PRO E 75 1.03 9.58 -18.31
N ASP E 76 1.90 8.65 -18.71
CA ASP E 76 1.92 7.33 -18.12
C ASP E 76 2.92 7.19 -16.98
N GLY E 77 3.67 8.25 -16.67
CA GLY E 77 4.58 8.24 -15.55
C GLY E 77 6.04 7.99 -15.89
N ASP E 78 6.37 7.81 -17.16
CA ASP E 78 7.74 7.60 -17.58
C ASP E 78 8.36 8.91 -18.06
N ILE E 79 9.69 8.92 -18.12
CA ILE E 79 10.42 9.97 -18.81
C ILE E 79 11.27 9.30 -19.88
N PRO E 80 10.69 8.95 -21.04
CA PRO E 80 11.48 8.29 -22.09
C PRO E 80 12.46 9.22 -22.78
N GLN E 81 12.26 10.53 -22.68
CA GLN E 81 13.16 11.51 -23.27
C GLN E 81 13.34 12.66 -22.30
N PRO E 82 14.52 13.27 -22.26
CA PRO E 82 15.70 12.98 -23.09
C PRO E 82 16.55 11.82 -22.58
N ARG E 83 16.86 10.86 -23.45
CA ARG E 83 17.73 9.74 -23.13
C ARG E 83 18.71 9.52 -24.27
N GLU E 84 19.95 9.20 -23.92
CA GLU E 84 20.99 8.95 -24.91
C GLU E 84 21.82 7.72 -24.60
N GLU E 85 22.20 7.52 -23.33
CA GLU E 85 23.07 6.40 -22.98
C GLU E 85 22.34 5.07 -23.20
N ARG E 86 23.04 4.12 -23.82
CA ARG E 86 22.44 2.84 -24.14
C ARG E 86 22.05 2.07 -22.88
N TYR E 87 22.84 2.21 -21.81
CA TYR E 87 22.53 1.49 -20.58
C TYR E 87 21.20 1.95 -19.98
N PHE E 88 20.79 3.19 -20.25
CA PHE E 88 19.49 3.68 -19.85
C PHE E 88 18.44 3.50 -20.94
N LEU E 89 18.72 2.66 -21.93
CA LEU E 89 17.76 2.30 -22.97
C LEU E 89 17.36 0.84 -22.89
N ASP E 90 18.31 -0.09 -22.96
CA ASP E 90 17.99 -1.52 -22.97
C ASP E 90 18.81 -2.36 -22.01
N VAL E 91 19.66 -1.76 -21.18
CA VAL E 91 20.42 -2.52 -20.18
C VAL E 91 19.67 -2.48 -18.85
N HIS E 92 19.52 -1.28 -18.28
CA HIS E 92 18.63 -1.05 -17.13
C HIS E 92 17.94 0.29 -17.36
N TYR E 93 16.86 0.24 -18.14
CA TYR E 93 16.08 1.43 -18.45
C TYR E 93 15.53 2.08 -17.18
N LEU E 94 15.01 1.27 -16.26
CA LEU E 94 14.36 1.77 -15.05
C LEU E 94 15.34 2.27 -14.00
N TYR E 95 16.65 2.25 -14.28
CA TYR E 95 17.61 2.76 -13.31
C TYR E 95 17.39 4.24 -13.05
N ALA E 96 17.09 5.00 -14.11
CA ALA E 96 16.78 6.41 -13.94
C ALA E 96 15.47 6.62 -13.17
N ASN E 97 14.44 5.84 -13.53
CA ASN E 97 13.14 6.01 -12.89
C ASN E 97 13.19 5.69 -11.40
N GLY E 98 14.03 4.73 -11.00
CA GLY E 98 14.07 4.34 -9.60
C GLY E 98 14.51 5.46 -8.68
N TYR E 99 15.62 6.11 -9.03
CA TYR E 99 16.10 7.23 -8.22
C TYR E 99 15.16 8.43 -8.29
N LEU E 100 14.50 8.63 -9.43
CA LEU E 100 13.53 9.72 -9.53
C LEU E 100 12.35 9.50 -8.58
N THR E 101 11.85 8.27 -8.53
CA THR E 101 10.75 7.96 -7.62
C THR E 101 11.14 8.23 -6.17
N ILE E 102 12.30 7.71 -5.75
CA ILE E 102 12.73 7.88 -4.36
C ILE E 102 12.93 9.36 -4.05
N GLY E 103 13.66 10.07 -4.90
CA GLY E 103 13.90 11.49 -4.65
C GLY E 103 12.63 12.31 -4.59
N ALA E 104 11.68 12.01 -5.47
CA ALA E 104 10.41 12.72 -5.45
C ALA E 104 9.62 12.44 -4.19
N HIS E 105 9.76 11.24 -3.62
CA HIS E 105 8.92 10.85 -2.50
C HIS E 105 9.44 11.42 -1.18
N VAL E 106 10.75 11.32 -0.94
CA VAL E 106 11.32 11.90 0.27
C VAL E 106 11.16 13.41 0.31
N LEU E 107 10.94 14.02 -0.85
CA LEU E 107 10.77 15.45 -0.97
C LEU E 107 9.33 15.91 -0.77
N GLY E 108 8.38 14.97 -0.73
CA GLY E 108 6.98 15.31 -0.59
C GLY E 108 6.24 15.49 -1.89
N ARG E 109 6.91 15.31 -3.04
CA ARG E 109 6.26 15.40 -4.35
C ARG E 109 5.52 14.08 -4.63
N PHE E 110 4.43 13.88 -3.88
CA PHE E 110 3.73 12.61 -3.91
C PHE E 110 3.05 12.36 -5.26
N GLY E 111 2.61 13.42 -5.94
CA GLY E 111 2.10 13.24 -7.28
C GLY E 111 3.17 12.79 -8.25
N LEU E 112 4.36 13.37 -8.14
CA LEU E 112 5.47 12.96 -8.99
C LEU E 112 5.90 11.54 -8.69
N SER E 113 6.01 11.19 -7.39
CA SER E 113 6.48 9.86 -7.03
C SER E 113 5.44 8.78 -7.33
N ARG E 114 4.16 9.08 -7.13
CA ARG E 114 3.12 8.08 -7.40
C ARG E 114 3.05 7.75 -8.88
N LYS E 115 3.12 8.75 -9.75
CA LYS E 115 3.09 8.49 -11.18
C LYS E 115 4.34 7.75 -11.64
N LEU E 116 5.51 8.15 -11.13
CA LEU E 116 6.74 7.45 -11.46
C LEU E 116 6.68 5.99 -11.00
N MET E 117 6.21 5.75 -9.78
CA MET E 117 6.13 4.39 -9.27
C MET E 117 5.08 3.58 -10.02
N SER E 118 3.98 4.22 -10.43
CA SER E 118 2.95 3.54 -11.20
C SER E 118 3.52 2.96 -12.49
N PHE E 119 4.29 3.78 -13.24
CA PHE E 119 4.88 3.30 -14.47
C PHE E 119 5.89 2.18 -14.22
N VAL E 120 6.72 2.34 -13.17
CA VAL E 120 7.71 1.33 -12.85
C VAL E 120 7.04 -0.03 -12.65
N GLU E 121 5.89 -0.04 -11.98
CA GLU E 121 5.21 -1.31 -11.70
C GLU E 121 4.61 -1.92 -12.96
N THR E 122 4.28 -1.11 -13.96
CA THR E 122 3.82 -1.69 -15.22
C THR E 122 4.92 -2.48 -15.92
N MET E 123 6.17 -2.27 -15.54
CA MET E 123 7.30 -2.98 -16.12
C MET E 123 7.66 -4.25 -15.36
N ARG E 124 7.05 -4.49 -14.20
CA ARG E 124 7.35 -5.70 -13.45
C ARG E 124 6.84 -6.92 -14.21
N ASN E 125 7.65 -7.98 -14.19
CA ASN E 125 7.26 -9.26 -14.76
C ASN E 125 6.53 -10.05 -13.69
N PRO E 126 5.21 -10.24 -13.80
CA PRO E 126 4.48 -10.94 -12.73
C PRO E 126 4.84 -12.42 -12.62
N ALA E 127 5.43 -13.01 -13.66
CA ALA E 127 5.81 -14.42 -13.58
C ALA E 127 7.11 -14.60 -12.81
N THR E 128 7.98 -13.59 -12.79
CA THR E 128 9.29 -13.70 -12.16
C THR E 128 9.54 -12.68 -11.07
N GLY E 129 8.81 -11.56 -11.05
CA GLY E 129 9.10 -10.49 -10.13
C GLY E 129 10.16 -9.52 -10.58
N GLY E 130 10.86 -9.82 -11.67
CA GLY E 130 11.84 -8.90 -12.20
C GLY E 130 11.23 -7.78 -13.02
N PHE E 131 12.05 -6.78 -13.32
CA PHE E 131 11.61 -5.59 -14.04
C PHE E 131 12.32 -5.51 -15.39
N ARG E 132 11.56 -5.16 -16.42
CA ARG E 132 12.06 -5.26 -17.79
C ARG E 132 13.25 -4.33 -18.01
N SER E 133 14.28 -4.85 -18.68
CA SER E 133 15.51 -4.12 -18.86
C SER E 133 15.41 -3.03 -19.92
N HIS E 134 14.57 -3.23 -20.93
CA HIS E 134 14.43 -2.29 -22.03
C HIS E 134 13.10 -1.57 -21.93
N GLY E 135 13.11 -0.27 -22.24
CA GLY E 135 11.95 0.56 -22.12
C GLY E 135 10.91 0.28 -23.19
N PRO E 136 9.74 0.94 -23.09
CA PRO E 136 8.64 0.66 -24.01
C PRO E 136 9.01 0.79 -25.48
N ALA E 137 9.73 1.83 -25.87
CA ALA E 137 10.08 2.05 -27.27
C ALA E 137 11.28 1.21 -27.73
N ILE E 138 11.97 0.54 -26.81
CA ILE E 138 13.29 -0.01 -27.09
C ILE E 138 13.18 -1.48 -27.47
N PRO E 139 13.89 -1.94 -28.51
CA PRO E 139 13.90 -3.37 -28.83
C PRO E 139 14.39 -4.21 -27.66
N GLY E 140 13.84 -5.40 -27.55
CA GLY E 140 14.19 -6.30 -26.47
C GLY E 140 13.33 -7.55 -26.51
N ASP E 141 13.54 -8.39 -25.49
CA ASP E 141 12.85 -9.68 -25.41
C ASP E 141 12.23 -9.91 -24.05
N GLY E 142 11.93 -8.84 -23.30
CA GLY E 142 11.34 -9.00 -21.98
C GLY E 142 12.30 -9.45 -20.91
N ARG E 143 13.60 -9.29 -21.13
CA ARG E 143 14.58 -9.70 -20.14
C ARG E 143 14.59 -8.72 -18.96
N CYS E 144 14.89 -9.26 -17.78
CA CYS E 144 14.92 -8.49 -16.55
C CYS E 144 16.28 -8.65 -15.89
N ASP E 145 16.83 -7.53 -15.39
CA ASP E 145 18.15 -7.50 -14.81
C ASP E 145 18.09 -7.17 -13.32
N SER E 146 19.19 -7.48 -12.62
CA SER E 146 19.24 -7.31 -11.18
C SER E 146 19.24 -5.84 -10.78
N VAL E 147 19.71 -4.95 -11.65
CA VAL E 147 19.76 -3.53 -11.31
C VAL E 147 18.39 -2.89 -11.47
N SER E 148 17.71 -3.18 -12.58
CA SER E 148 16.33 -2.72 -12.75
C SER E 148 15.44 -3.24 -11.63
N THR E 149 15.69 -4.48 -11.18
CA THR E 149 14.86 -5.08 -10.15
C THR E 149 15.21 -4.56 -8.77
N SER E 150 16.50 -4.31 -8.51
CA SER E 150 16.90 -3.81 -7.19
C SER E 150 16.42 -2.37 -6.97
N ILE E 151 16.67 -1.50 -7.94
CA ILE E 151 16.29 -0.09 -7.77
C ILE E 151 14.78 0.06 -7.79
N SER E 152 14.07 -0.81 -8.52
CA SER E 152 12.61 -0.78 -8.47
C SER E 152 12.12 -1.22 -7.10
N GLY E 153 12.78 -2.23 -6.51
CA GLY E 153 12.39 -2.66 -5.18
C GLY E 153 12.66 -1.62 -4.12
N LEU E 154 13.78 -0.90 -4.25
CA LEU E 154 14.08 0.17 -3.30
C LEU E 154 13.10 1.33 -3.44
N ALA E 155 12.76 1.68 -4.68
CA ALA E 155 11.73 2.69 -4.89
C ALA E 155 10.40 2.24 -4.30
N ALA E 156 10.10 0.94 -4.39
CA ALA E 156 8.86 0.42 -3.81
C ALA E 156 8.86 0.54 -2.30
N LEU E 157 10.02 0.30 -1.66
CA LEU E 157 10.10 0.45 -0.21
C LEU E 157 9.85 1.89 0.21
N TYR E 158 10.43 2.85 -0.51
CA TYR E 158 10.27 4.26 -0.15
C TYR E 158 8.84 4.75 -0.37
N THR E 159 8.08 4.10 -1.26
CA THR E 159 6.70 4.49 -1.52
C THR E 159 5.69 3.57 -0.85
N GLY E 160 6.14 2.61 -0.04
CA GLY E 160 5.22 1.74 0.68
C GLY E 160 4.66 0.59 -0.13
N ARG E 161 5.26 0.26 -1.27
CA ARG E 161 4.84 -0.88 -2.07
C ARG E 161 5.66 -2.11 -1.66
N VAL E 162 5.41 -2.56 -0.42
CA VAL E 162 6.23 -3.61 0.16
C VAL E 162 6.05 -4.93 -0.58
N ASP E 163 4.83 -5.20 -1.05
CA ASP E 163 4.58 -6.42 -1.82
C ASP E 163 5.38 -6.42 -3.12
N THR E 164 5.48 -5.25 -3.77
CA THR E 164 6.32 -5.16 -4.96
C THR E 164 7.79 -5.36 -4.61
N ALA E 165 8.21 -4.87 -3.44
CA ALA E 165 9.59 -5.05 -3.00
C ALA E 165 9.87 -6.51 -2.71
N ARG E 166 8.96 -7.19 -2.00
CA ARG E 166 9.15 -8.62 -1.72
C ARG E 166 9.22 -9.42 -3.01
N SER E 167 8.40 -9.07 -4.00
CA SER E 167 8.45 -9.76 -5.28
C SER E 167 9.76 -9.53 -6.01
N ALA E 168 10.32 -8.33 -5.89
CA ALA E 168 11.62 -8.05 -6.50
C ALA E 168 12.73 -8.87 -5.84
N ALA E 169 12.65 -9.05 -4.52
CA ALA E 169 13.62 -9.88 -3.82
C ALA E 169 13.51 -11.34 -4.24
N ASP E 170 12.30 -11.81 -4.52
CA ASP E 170 12.12 -13.18 -5.00
C ASP E 170 12.83 -13.39 -6.33
N PHE E 171 12.79 -12.39 -7.21
CA PHE E 171 13.55 -12.48 -8.45
C PHE E 171 15.04 -12.52 -8.18
N LEU E 172 15.52 -11.69 -7.26
CA LEU E 172 16.94 -11.66 -6.93
C LEU E 172 17.38 -12.98 -6.31
N GLY E 173 16.57 -13.54 -5.42
CA GLY E 173 16.87 -14.85 -4.87
C GLY E 173 16.86 -15.94 -5.94
N SER E 174 15.87 -15.88 -6.85
CA SER E 174 15.84 -16.82 -7.96
C SER E 174 17.05 -16.64 -8.86
N LEU E 175 17.43 -15.39 -9.14
CA LEU E 175 18.61 -15.12 -9.94
C LEU E 175 19.87 -15.65 -9.27
N TRP E 176 19.94 -15.54 -7.95
CA TRP E 176 21.15 -15.93 -7.23
C TRP E 176 21.38 -17.43 -7.29
N VAL E 177 20.46 -18.21 -6.72
CA VAL E 177 20.61 -19.66 -6.68
C VAL E 177 20.62 -20.28 -8.06
N GLY E 178 20.20 -19.55 -9.09
CA GLY E 178 20.23 -20.02 -10.46
C GLY E 178 21.52 -19.79 -11.20
N GLN E 179 22.51 -19.17 -10.56
CA GLN E 179 23.78 -18.89 -11.21
C GLN E 179 24.46 -20.19 -11.64
N PRO E 180 24.70 -20.40 -12.93
CA PRO E 180 25.34 -21.63 -13.38
C PRO E 180 26.83 -21.71 -13.10
N ASP E 181 27.46 -20.59 -12.73
CA ASP E 181 28.91 -20.55 -12.57
C ASP E 181 29.32 -19.32 -11.78
N ARG E 182 28.98 -19.28 -10.50
CA ARG E 182 29.09 -18.02 -9.75
C ARG E 182 30.53 -17.65 -9.45
N LYS E 183 31.44 -18.63 -9.37
CA LYS E 183 32.82 -18.30 -9.07
C LYS E 183 33.57 -17.71 -10.26
N ASN E 184 32.96 -17.68 -11.44
CA ASN E 184 33.60 -17.15 -12.64
C ASN E 184 32.82 -16.02 -13.30
N VAL E 185 31.50 -15.99 -13.17
CA VAL E 185 30.69 -14.98 -13.85
C VAL E 185 29.37 -14.84 -13.08
N PHE E 186 28.90 -13.60 -12.98
CA PHE E 186 27.59 -13.29 -12.41
C PHE E 186 26.68 -12.86 -13.54
N HIS E 187 25.83 -13.77 -13.99
CA HIS E 187 24.82 -13.45 -15.00
C HIS E 187 23.68 -12.71 -14.32
N ALA E 188 23.59 -11.40 -14.57
CA ALA E 188 22.65 -10.54 -13.88
C ALA E 188 21.30 -10.42 -14.60
N VAL E 189 21.05 -11.24 -15.62
CA VAL E 189 19.84 -11.12 -16.44
C VAL E 189 19.15 -12.47 -16.49
N ALA E 190 17.81 -12.43 -16.49
CA ALA E 190 16.98 -13.59 -16.74
C ALA E 190 16.00 -13.25 -17.85
N ASP E 191 15.51 -14.27 -18.54
CA ASP E 191 14.53 -14.04 -19.59
C ASP E 191 13.16 -13.79 -18.97
N ALA E 192 12.16 -13.54 -19.82
CA ALA E 192 10.81 -13.30 -19.34
C ALA E 192 10.22 -14.49 -18.61
N SER E 193 10.76 -15.70 -18.85
CA SER E 193 10.27 -16.91 -18.22
C SER E 193 10.92 -17.18 -16.86
N GLY E 194 11.99 -16.49 -16.54
CA GLY E 194 12.63 -16.64 -15.23
C GLY E 194 13.92 -17.42 -15.22
N ALA E 195 14.37 -17.93 -16.37
CA ALA E 195 15.62 -18.67 -16.45
C ALA E 195 16.77 -17.69 -16.66
N VAL E 196 17.92 -18.00 -16.05
CA VAL E 196 19.08 -17.12 -16.15
C VAL E 196 19.53 -17.02 -17.60
N LEU E 197 19.71 -15.80 -18.08
CA LEU E 197 20.14 -15.55 -19.45
C LEU E 197 21.66 -15.60 -19.51
N THR E 198 22.20 -16.53 -20.32
CA THR E 198 23.63 -16.72 -20.44
C THR E 198 24.19 -16.30 -21.79
N SER E 199 23.36 -15.81 -22.70
CA SER E 199 23.84 -15.37 -23.99
C SER E 199 24.76 -14.16 -23.84
N ASP E 200 25.64 -13.97 -24.83
CA ASP E 200 26.64 -12.91 -24.75
C ASP E 200 26.03 -11.52 -24.73
N ASP E 201 24.82 -11.36 -25.25
CA ASP E 201 24.15 -10.07 -25.24
C ASP E 201 23.62 -9.69 -23.86
N ALA E 202 23.53 -10.65 -22.94
CA ALA E 202 23.07 -10.36 -21.58
C ALA E 202 24.20 -9.80 -20.74
N VAL E 203 23.83 -9.01 -19.73
CA VAL E 203 24.81 -8.46 -18.80
C VAL E 203 25.42 -9.60 -17.99
N ALA E 204 26.75 -9.64 -17.93
CA ALA E 204 27.45 -10.69 -17.20
C ALA E 204 28.70 -10.10 -16.58
N VAL E 205 28.77 -10.12 -15.24
CA VAL E 205 29.92 -9.60 -14.52
C VAL E 205 31.00 -10.67 -14.47
N GLN E 206 32.15 -10.39 -15.11
CA GLN E 206 33.31 -11.25 -15.04
C GLN E 206 33.97 -11.03 -13.67
N VAL E 207 33.55 -11.83 -12.69
CA VAL E 207 33.81 -11.55 -11.28
C VAL E 207 35.28 -11.76 -10.93
N ARG E 208 36.07 -12.23 -11.90
CA ARG E 208 37.50 -12.41 -11.69
C ARG E 208 38.30 -11.53 -12.65
N LYS E 209 37.72 -10.39 -13.05
CA LYS E 209 38.41 -9.41 -13.89
C LYS E 209 37.97 -8.02 -13.46
N ALA E 210 38.91 -7.07 -13.54
CA ALA E 210 38.65 -5.68 -13.13
C ALA E 210 38.01 -4.93 -14.30
N GLU E 211 36.78 -5.32 -14.62
CA GLU E 211 36.05 -4.74 -15.74
C GLU E 211 34.74 -4.08 -15.30
N GLY E 212 34.66 -3.67 -14.03
CA GLY E 212 33.53 -2.90 -13.55
C GLY E 212 32.23 -3.69 -13.49
N ASP E 213 31.12 -2.93 -13.52
CA ASP E 213 29.76 -3.45 -13.48
C ASP E 213 29.45 -4.20 -12.18
N TRP E 214 30.17 -3.88 -11.10
CA TRP E 214 29.95 -4.57 -9.83
C TRP E 214 28.63 -4.20 -9.19
N TYR E 215 28.04 -3.05 -9.53
CA TYR E 215 26.78 -2.64 -8.95
C TYR E 215 25.62 -3.53 -9.38
N PHE E 216 25.81 -4.40 -10.38
CA PHE E 216 24.82 -5.42 -10.66
C PHE E 216 24.76 -6.46 -9.54
N ILE E 217 25.75 -6.48 -8.66
CA ILE E 217 25.72 -7.30 -7.45
C ILE E 217 25.55 -6.44 -6.21
N GLY E 218 26.20 -5.27 -6.18
CA GLY E 218 26.17 -4.46 -4.97
C GLY E 218 24.83 -3.80 -4.71
N LEU E 219 24.14 -3.38 -5.77
CA LEU E 219 22.84 -2.75 -5.61
C LEU E 219 21.79 -3.77 -5.15
N PRO E 220 21.81 -5.01 -5.64
CA PRO E 220 20.98 -6.04 -4.98
C PRO E 220 21.27 -6.17 -3.48
N ALA E 221 22.54 -6.24 -3.10
CA ALA E 221 22.89 -6.37 -1.69
C ALA E 221 22.36 -5.20 -0.86
N PHE E 222 22.36 -4.00 -1.44
CA PHE E 222 21.83 -2.83 -0.74
C PHE E 222 20.31 -2.94 -0.58
N PHE E 223 19.60 -3.19 -1.68
CA PHE E 223 18.15 -3.29 -1.62
C PHE E 223 17.71 -4.39 -0.67
N LEU E 224 18.34 -5.56 -0.78
CA LEU E 224 17.95 -6.69 0.06
C LEU E 224 18.20 -6.43 1.53
N THR E 225 19.25 -5.66 1.86
CA THR E 225 19.48 -5.29 3.24
C THR E 225 18.39 -4.34 3.75
N ALA E 226 17.99 -3.38 2.91
CA ALA E 226 16.93 -2.45 3.31
C ALA E 226 15.60 -3.16 3.48
N LEU E 227 15.31 -4.13 2.60
CA LEU E 227 14.08 -4.91 2.75
C LEU E 227 14.10 -5.71 4.04
N TYR E 228 15.28 -6.19 4.45
CA TYR E 228 15.38 -6.90 5.71
C TYR E 228 15.05 -5.98 6.89
N GLU E 229 15.53 -4.74 6.85
CA GLU E 229 15.18 -3.80 7.91
C GLU E 229 13.69 -3.50 7.91
N ALA E 230 13.10 -3.41 6.72
CA ALA E 230 11.67 -3.13 6.62
C ALA E 230 10.80 -4.30 7.08
N THR E 231 11.32 -5.52 7.03
CA THR E 231 10.51 -6.71 7.26
C THR E 231 11.01 -7.59 8.41
N GLU E 232 12.30 -7.56 8.72
CA GLU E 232 12.91 -8.46 9.71
C GLU E 232 12.74 -9.92 9.33
N ASP E 233 12.62 -10.18 8.02
CA ASP E 233 12.65 -11.53 7.48
C ASP E 233 14.09 -11.85 7.14
N ARG E 234 14.71 -12.73 7.92
CA ARG E 234 16.15 -12.98 7.79
C ARG E 234 16.53 -13.62 6.47
N ALA E 235 15.56 -14.14 5.70
CA ALA E 235 15.87 -14.63 4.37
C ALA E 235 16.43 -13.54 3.48
N TYR E 236 15.97 -12.31 3.66
CA TYR E 236 16.54 -11.18 2.92
C TYR E 236 17.93 -10.82 3.44
N LEU E 237 18.12 -10.91 4.76
CA LEU E 237 19.43 -10.66 5.35
C LEU E 237 20.44 -11.70 4.90
N ASP E 238 20.03 -12.98 4.84
CA ASP E 238 20.93 -14.05 4.43
C ASP E 238 21.40 -13.86 2.99
N LEU E 239 20.46 -13.56 2.09
CA LEU E 239 20.81 -13.31 0.70
C LEU E 239 21.69 -12.09 0.56
N ALA E 240 21.42 -11.04 1.36
CA ALA E 240 22.32 -9.90 1.39
C ALA E 240 23.70 -10.30 1.90
N THR E 241 23.73 -11.17 2.91
CA THR E 241 25.00 -11.65 3.44
C THR E 241 25.78 -12.43 2.39
N ASP E 242 25.09 -13.34 1.68
CA ASP E 242 25.76 -14.14 0.66
C ASP E 242 26.36 -13.26 -0.44
N LEU E 243 25.65 -12.20 -0.84
CA LEU E 243 26.15 -11.33 -1.89
C LEU E 243 27.33 -10.48 -1.40
N MET E 244 27.37 -10.15 -0.10
CA MET E 244 28.50 -9.40 0.41
C MET E 244 29.72 -10.29 0.60
N THR E 245 29.51 -11.53 1.04
CA THR E 245 30.59 -12.50 1.06
C THR E 245 31.07 -12.83 -0.35
N TYR E 246 30.13 -12.90 -1.30
CA TYR E 246 30.47 -13.19 -2.68
C TYR E 246 31.37 -12.11 -3.26
N MET E 247 31.08 -10.84 -2.99
CA MET E 247 31.91 -9.76 -3.49
C MET E 247 33.22 -9.66 -2.73
N ASP E 248 33.22 -10.03 -1.44
CA ASP E 248 34.43 -9.88 -0.64
C ASP E 248 35.45 -10.97 -0.94
N GLU E 249 35.02 -12.24 -0.90
CA GLU E 249 35.97 -13.35 -0.96
C GLU E 249 36.15 -13.91 -2.37
N ASP E 250 35.10 -13.88 -3.22
CA ASP E 250 35.15 -14.54 -4.51
C ASP E 250 35.26 -13.58 -5.69
N CYS E 251 34.97 -12.30 -5.50
CA CYS E 251 35.10 -11.32 -6.56
C CYS E 251 36.45 -10.62 -6.48
N ASP E 252 36.91 -10.13 -7.63
CA ASP E 252 38.16 -9.36 -7.69
C ASP E 252 38.08 -8.18 -6.76
N GLU E 253 39.26 -7.71 -6.30
CA GLU E 253 39.31 -6.56 -5.41
C GLU E 253 38.73 -5.31 -6.07
N ASP E 254 38.64 -5.29 -7.39
CA ASP E 254 37.99 -4.18 -8.09
C ASP E 254 36.52 -4.05 -7.69
N ALA E 255 35.93 -5.09 -7.09
CA ALA E 255 34.55 -4.98 -6.61
C ALA E 255 34.40 -3.85 -5.60
N PHE E 256 35.44 -3.59 -4.81
CA PHE E 256 35.43 -2.50 -3.84
C PHE E 256 36.37 -1.37 -4.24
N VAL E 257 36.71 -1.29 -5.52
CA VAL E 257 37.67 -0.28 -6.01
C VAL E 257 37.09 0.44 -7.21
N ASP E 258 36.37 -0.29 -8.07
CA ASP E 258 35.73 0.31 -9.23
C ASP E 258 34.78 1.43 -8.80
N SER E 259 34.50 2.35 -9.72
CA SER E 259 33.65 3.49 -9.41
C SER E 259 32.26 3.05 -8.98
N SER E 260 31.81 1.88 -9.42
CA SER E 260 30.50 1.35 -9.06
C SER E 260 30.49 0.63 -7.72
N CYS E 261 31.53 0.81 -6.89
CA CYS E 261 31.59 0.13 -5.60
C CYS E 261 30.79 0.81 -4.51
N GLY E 262 30.26 2.00 -4.77
CA GLY E 262 29.53 2.72 -3.72
C GLY E 262 28.31 1.98 -3.23
N LYS E 263 27.69 1.16 -4.08
CA LYS E 263 26.52 0.39 -3.66
C LYS E 263 26.88 -0.64 -2.63
N ALA E 264 27.96 -1.41 -2.87
CA ALA E 264 28.42 -2.38 -1.89
C ALA E 264 28.87 -1.70 -0.60
N GLY E 265 29.44 -0.50 -0.71
CA GLY E 265 29.82 0.23 0.49
C GLY E 265 28.63 0.64 1.33
N VAL E 266 27.58 1.14 0.69
CA VAL E 266 26.36 1.47 1.42
C VAL E 266 25.72 0.22 1.99
N ALA E 267 25.74 -0.87 1.22
CA ALA E 267 25.23 -2.15 1.73
C ALA E 267 26.03 -2.61 2.94
N ALA E 268 27.35 -2.49 2.88
CA ALA E 268 28.19 -2.86 4.02
C ALA E 268 27.92 -1.96 5.22
N ALA E 269 27.82 -0.66 5.00
CA ALA E 269 27.52 0.26 6.10
C ALA E 269 26.17 -0.05 6.73
N LEU E 270 25.17 -0.35 5.90
CA LEU E 270 23.87 -0.73 6.45
C LEU E 270 23.94 -2.07 7.17
N LEU E 271 24.65 -3.05 6.58
CA LEU E 271 24.82 -4.34 7.24
C LEU E 271 25.56 -4.21 8.57
N TYR E 272 26.49 -3.26 8.66
CA TYR E 272 27.20 -3.06 9.92
C TYR E 272 26.26 -2.57 11.01
N ARG E 273 25.39 -1.62 10.69
CA ARG E 273 24.45 -1.10 11.68
C ARG E 273 23.50 -2.18 12.17
N LEU E 274 23.07 -3.07 11.28
CA LEU E 274 22.06 -4.05 11.63
C LEU E 274 22.66 -5.25 12.36
N THR E 275 23.85 -5.69 11.97
CA THR E 275 24.46 -6.89 12.54
C THR E 275 25.62 -6.60 13.48
N GLY E 276 26.43 -5.59 13.20
CA GLY E 276 27.55 -5.25 14.06
C GLY E 276 28.84 -5.95 13.75
N ARG E 277 28.85 -6.83 12.75
CA ARG E 277 30.06 -7.53 12.36
C ARG E 277 31.08 -6.51 11.83
N PRO E 278 32.27 -6.41 12.44
CA PRO E 278 33.18 -5.31 12.09
C PRO E 278 33.78 -5.41 10.69
N ARG E 279 33.66 -6.56 10.02
CA ARG E 279 34.13 -6.65 8.65
C ARG E 279 33.30 -5.75 7.72
N TYR E 280 31.99 -5.68 7.96
CA TYR E 280 31.16 -4.75 7.21
C TYR E 280 31.58 -3.31 7.43
N ARG E 281 32.05 -2.99 8.63
CA ARG E 281 32.57 -1.64 8.88
C ARG E 281 33.86 -1.40 8.11
N GLU E 282 34.70 -2.43 7.97
CA GLU E 282 35.93 -2.28 7.19
C GLU E 282 35.62 -2.03 5.73
N ILE E 283 34.64 -2.75 5.18
CA ILE E 283 34.29 -2.56 3.77
C ILE E 283 33.69 -1.18 3.55
N ALA E 284 32.85 -0.72 4.48
CA ALA E 284 32.20 0.58 4.32
C ALA E 284 33.21 1.72 4.44
N GLU E 285 34.08 1.67 5.45
CA GLU E 285 35.06 2.72 5.64
C GLU E 285 36.07 2.75 4.48
N GLY E 286 36.55 1.57 4.08
CA GLY E 286 37.50 1.51 2.99
C GLY E 286 36.96 2.09 1.70
N ILE E 287 35.73 1.73 1.35
CA ILE E 287 35.11 2.28 0.15
C ILE E 287 34.83 3.77 0.33
N GLY E 288 34.35 4.16 1.51
CA GLY E 288 34.04 5.58 1.74
C GLY E 288 35.26 6.46 1.63
N THR E 289 36.35 6.08 2.30
CA THR E 289 37.57 6.87 2.22
C THR E 289 38.15 6.85 0.81
N LEU E 290 38.02 5.72 0.11
CA LEU E 290 38.45 5.63 -1.28
C LEU E 290 37.72 6.67 -2.13
N LEU E 291 36.39 6.70 -2.04
CA LEU E 291 35.61 7.70 -2.76
C LEU E 291 36.01 9.11 -2.33
N CYS E 292 36.33 9.28 -1.05
CA CYS E 292 36.74 10.59 -0.56
C CYS E 292 38.04 11.04 -1.20
N GLU E 293 38.98 10.13 -1.40
CA GLU E 293 40.29 10.48 -1.95
C GLU E 293 40.24 10.77 -3.45
N ARG E 294 39.20 10.31 -4.15
CA ARG E 294 39.05 10.59 -5.57
C ARG E 294 38.38 11.93 -5.85
N GLN E 295 38.02 12.68 -4.81
CA GLN E 295 37.27 13.92 -4.98
C GLN E 295 38.19 15.06 -5.38
N SER E 296 37.85 15.74 -6.47
CA SER E 296 38.58 16.94 -6.86
C SER E 296 38.37 18.04 -5.81
N PRO E 297 39.29 18.99 -5.74
CA PRO E 297 39.18 20.03 -4.69
C PRO E 297 37.96 20.92 -4.85
N TYR E 298 37.41 21.05 -6.07
CA TYR E 298 36.26 21.90 -6.30
C TYR E 298 34.96 21.26 -5.84
N GLY E 299 34.94 19.94 -5.62
CA GLY E 299 33.80 19.23 -5.09
C GLY E 299 33.27 18.14 -5.99
N TYR E 300 33.40 18.31 -7.31
CA TYR E 300 32.89 17.31 -8.24
C TYR E 300 33.80 16.09 -8.28
N TRP E 301 33.25 15.01 -8.83
CA TRP E 301 34.01 13.80 -9.12
C TRP E 301 34.12 13.64 -10.63
N SER E 302 35.31 13.29 -11.10
CA SER E 302 35.54 13.13 -12.53
C SER E 302 36.69 12.16 -12.75
N GLU E 303 36.60 11.42 -13.85
CA GLU E 303 37.68 10.54 -14.27
C GLU E 303 38.69 11.22 -15.18
N GLU E 304 38.34 12.38 -15.74
CA GLU E 304 39.21 13.12 -16.64
C GLU E 304 39.45 14.55 -16.17
N GLU E 305 38.40 15.26 -15.77
CA GLU E 305 38.51 16.69 -15.51
C GLU E 305 39.25 16.97 -14.21
N THR E 306 40.06 18.04 -14.23
CA THR E 306 40.77 18.51 -13.05
C THR E 306 40.65 20.02 -12.83
N GLY E 307 40.11 20.77 -13.79
CA GLY E 307 40.02 22.21 -13.69
C GLY E 307 38.75 22.67 -13.00
N ASP E 308 38.59 23.99 -12.97
CA ASP E 308 37.42 24.63 -12.36
C ASP E 308 36.35 24.80 -13.43
N VAL E 309 35.61 23.73 -13.66
CA VAL E 309 34.64 23.66 -14.75
C VAL E 309 33.28 24.12 -14.26
N ALA E 310 32.50 24.67 -15.19
CA ALA E 310 31.13 25.09 -14.91
C ALA E 310 30.11 23.98 -15.16
N ASP E 311 30.50 22.92 -15.85
CA ASP E 311 29.62 21.79 -16.12
C ASP E 311 30.48 20.53 -16.21
N LEU E 312 29.82 19.39 -16.38
CA LEU E 312 30.51 18.11 -16.46
C LEU E 312 29.87 17.22 -17.51
N PHE E 313 30.67 16.29 -18.01
CA PHE E 313 30.15 15.17 -18.77
C PHE E 313 29.09 14.45 -17.96
N TRP E 314 28.03 14.00 -18.64
CA TRP E 314 26.85 13.51 -17.93
C TRP E 314 27.20 12.41 -16.93
N GLY E 315 28.14 11.53 -17.29
CA GLY E 315 28.55 10.47 -16.39
C GLY E 315 29.30 10.99 -15.18
N ASP E 316 30.07 12.06 -15.35
CA ASP E 316 30.74 12.68 -14.21
C ASP E 316 29.74 13.39 -13.31
N LEU E 317 28.74 14.05 -13.90
CA LEU E 317 27.74 14.73 -13.09
C LEU E 317 26.89 13.74 -12.31
N ASP E 318 26.56 12.59 -12.93
CA ASP E 318 25.79 11.58 -12.22
C ASP E 318 26.61 10.94 -11.11
N MET E 319 27.88 10.65 -11.37
CA MET E 319 28.77 10.12 -10.33
C MET E 319 28.93 11.11 -9.19
N THR E 320 28.95 12.41 -9.49
CA THR E 320 29.07 13.42 -8.45
C THR E 320 27.86 13.38 -7.52
N ALA E 321 26.65 13.39 -8.08
CA ALA E 321 25.45 13.29 -7.27
C ALA E 321 25.36 11.92 -6.58
N GLU E 322 25.84 10.87 -7.25
CA GLU E 322 25.80 9.54 -6.66
C GLU E 322 26.68 9.45 -5.42
N TYR E 323 27.84 10.12 -5.45
CA TYR E 323 28.75 10.07 -4.31
C TYR E 323 28.29 10.96 -3.17
N VAL E 324 27.52 12.01 -3.45
CA VAL E 324 26.84 12.75 -2.39
C VAL E 324 25.99 11.79 -1.57
N LEU E 325 25.21 10.96 -2.26
CA LEU E 325 24.28 10.06 -1.58
C LEU E 325 25.01 8.94 -0.86
N TRP E 326 25.93 8.26 -1.57
CA TRP E 326 26.57 7.09 -0.98
C TRP E 326 27.42 7.46 0.24
N LEU E 327 28.19 8.55 0.15
CA LEU E 327 28.99 8.96 1.28
C LEU E 327 28.12 9.38 2.47
N ASP E 328 26.96 9.97 2.18
CA ASP E 328 26.02 10.28 3.26
C ASP E 328 25.44 9.02 3.87
N LEU E 329 25.01 8.07 3.03
CA LEU E 329 24.44 6.83 3.54
C LEU E 329 25.50 6.02 4.29
N ILE E 330 26.70 5.89 3.71
CA ILE E 330 27.77 5.19 4.39
C ILE E 330 28.11 5.88 5.71
N GLY E 331 28.17 7.21 5.69
CA GLY E 331 28.54 7.93 6.90
C GLY E 331 27.48 7.84 7.99
N ARG E 332 26.20 7.94 7.62
CA ARG E 332 25.15 7.91 8.62
C ARG E 332 24.99 6.53 9.25
N ASN E 333 25.25 5.47 8.49
CA ASN E 333 25.10 4.11 9.03
C ASN E 333 26.31 3.68 9.83
N LEU E 334 27.49 4.23 9.54
CA LEU E 334 28.66 3.91 10.34
C LEU E 334 28.61 4.63 11.69
N ALA E 335 28.15 5.89 11.69
CA ALA E 335 28.01 6.62 12.95
C ALA E 335 26.94 5.97 13.83
N SER E 336 25.79 5.63 13.24
CA SER E 336 24.75 4.95 14.00
C SER E 336 25.15 3.52 14.35
N GLY E 337 25.91 2.86 13.46
CA GLY E 337 26.39 1.53 13.80
C GLY E 337 27.39 1.57 14.94
N GLU E 338 28.21 2.60 15.00
CA GLU E 338 29.15 2.75 16.11
C GLU E 338 28.42 2.95 17.43
N ARG E 339 27.32 3.70 17.40
CA ARG E 339 26.60 4.04 18.63
C ARG E 339 25.87 2.85 19.20
N VAL E 340 25.14 2.12 18.37
CA VAL E 340 24.32 1.02 18.89
C VAL E 340 25.18 -0.15 19.35
N TRP E 341 26.33 -0.37 18.71
CA TRP E 341 27.26 -1.41 19.11
C TRP E 341 28.42 -0.85 19.95
N ALA E 342 28.15 0.18 20.75
CA ALA E 342 29.18 0.80 21.57
C ALA E 342 29.55 -0.10 22.76
N GLY F 9 -28.18 31.15 -55.30
CA GLY F 9 -27.54 30.31 -54.31
C GLY F 9 -26.13 29.89 -54.69
N ASN F 10 -25.23 29.89 -53.72
CA ASN F 10 -23.85 29.53 -53.99
C ASN F 10 -23.72 28.04 -54.31
N SER F 11 -22.78 27.74 -55.21
CA SER F 11 -22.54 26.38 -55.66
C SER F 11 -21.67 25.64 -54.66
N PRO F 12 -21.58 24.31 -54.78
CA PRO F 12 -20.64 23.55 -53.93
C PRO F 12 -19.22 24.09 -53.92
N HIS F 13 -18.71 24.51 -55.08
CA HIS F 13 -17.33 24.98 -55.17
C HIS F 13 -17.12 26.23 -54.33
N GLU F 14 -18.02 27.20 -54.44
CA GLU F 14 -17.87 28.46 -53.70
C GLU F 14 -18.04 28.24 -52.20
N LEU F 15 -18.92 27.32 -51.81
CA LEU F 15 -19.04 26.97 -50.39
C LEU F 15 -17.73 26.43 -49.85
N LYS F 16 -17.09 25.52 -50.60
CA LYS F 16 -15.84 24.93 -50.16
C LYS F 16 -14.72 25.96 -50.09
N ASN F 17 -14.73 26.96 -50.98
CA ASN F 17 -13.70 27.98 -50.96
C ASN F 17 -13.80 28.86 -49.71
N ALA F 18 -15.03 29.25 -49.36
CA ALA F 18 -15.21 30.04 -48.13
C ALA F 18 -14.75 29.26 -46.91
N ALA F 19 -15.01 27.96 -46.88
CA ALA F 19 -14.53 27.12 -45.78
C ALA F 19 -13.01 27.09 -45.74
N GLN F 20 -12.37 27.01 -46.92
CA GLN F 20 -10.92 26.95 -46.96
C GLN F 20 -10.28 28.27 -46.56
N ARG F 21 -10.85 29.39 -47.02
CA ARG F 21 -10.32 30.70 -46.65
C ARG F 21 -10.39 30.92 -45.15
N ALA F 22 -11.43 30.40 -44.50
CA ALA F 22 -11.49 30.46 -43.04
C ALA F 22 -10.56 29.45 -42.39
N ALA F 23 -10.38 28.28 -43.02
CA ALA F 23 -9.41 27.32 -42.51
C ALA F 23 -7.99 27.86 -42.63
N ASP F 24 -7.66 28.47 -43.77
CA ASP F 24 -6.36 29.11 -43.92
C ASP F 24 -6.16 30.20 -42.88
N TRP F 25 -7.20 31.00 -42.64
CA TRP F 25 -7.11 32.07 -41.64
C TRP F 25 -6.80 31.51 -40.26
N LEU F 26 -7.41 30.38 -39.91
CA LEU F 26 -7.16 29.77 -38.61
C LEU F 26 -5.73 29.25 -38.50
N VAL F 27 -5.24 28.57 -39.55
CA VAL F 27 -3.92 27.96 -39.48
C VAL F 27 -2.81 29.01 -39.46
N GLU F 28 -3.03 30.15 -40.13
CA GLU F 28 -2.04 31.22 -40.11
C GLU F 28 -1.81 31.74 -38.70
N ARG F 29 -2.88 31.79 -37.90
CA ARG F 29 -2.82 32.35 -36.55
C ARG F 29 -2.77 31.27 -35.47
N GLN F 30 -2.48 30.03 -35.83
CA GLN F 30 -2.40 28.98 -34.83
C GLN F 30 -1.17 29.17 -33.95
N ARG F 31 -1.35 28.95 -32.66
CA ARG F 31 -0.28 29.11 -31.69
C ARG F 31 0.67 27.91 -31.76
N PRO F 32 1.91 28.07 -31.29
CA PRO F 32 2.88 26.97 -31.42
C PRO F 32 2.49 25.70 -30.66
N ASN F 33 1.69 25.80 -29.61
CA ASN F 33 1.24 24.61 -28.89
C ASN F 33 0.05 23.92 -29.53
N GLY F 34 -0.45 24.45 -30.64
CA GLY F 34 -1.60 23.88 -31.31
C GLY F 34 -2.91 24.60 -31.04
N ALA F 35 -2.91 25.62 -30.19
CA ALA F 35 -4.13 26.32 -29.85
C ALA F 35 -4.55 27.27 -30.97
N LEU F 36 -5.86 27.41 -31.15
CA LEU F 36 -6.38 28.36 -32.10
C LEU F 36 -6.37 29.77 -31.50
N PRO F 37 -6.32 30.81 -32.33
CA PRO F 37 -6.18 32.17 -31.80
C PRO F 37 -7.41 32.66 -31.04
N SER F 38 -7.58 32.17 -29.82
CA SER F 38 -8.67 32.60 -28.95
C SER F 38 -8.16 33.67 -27.98
N ARG F 39 -8.98 34.69 -27.74
CA ARG F 39 -8.60 35.72 -26.78
C ARG F 39 -8.70 35.21 -25.34
N THR F 40 -9.49 34.17 -25.09
CA THR F 40 -9.52 33.48 -23.80
C THR F 40 -9.24 32.01 -24.03
N ALA F 41 -8.31 31.46 -23.26
CA ALA F 41 -7.89 30.06 -23.41
C ALA F 41 -8.94 29.16 -22.76
N VAL F 42 -9.98 28.84 -23.54
CA VAL F 42 -11.06 27.98 -23.09
C VAL F 42 -11.32 26.92 -24.15
N ILE F 43 -11.77 25.75 -23.70
CA ILE F 43 -11.97 24.62 -24.61
C ILE F 43 -13.17 24.85 -25.52
N GLU F 44 -14.12 25.71 -25.13
CA GLU F 44 -15.25 26.00 -25.99
C GLU F 44 -14.87 26.86 -27.19
N SER F 45 -13.60 27.26 -27.32
CA SER F 45 -13.15 28.07 -28.44
C SER F 45 -12.51 27.24 -29.55
N CYS F 46 -12.21 25.96 -29.30
CA CYS F 46 -11.47 25.17 -30.28
C CYS F 46 -11.94 23.72 -30.33
N TYR F 47 -13.08 23.37 -29.72
CA TYR F 47 -13.49 21.98 -29.68
C TYR F 47 -13.88 21.44 -31.05
N LYS F 48 -14.24 22.31 -31.99
CA LYS F 48 -14.47 21.90 -33.37
C LYS F 48 -13.21 21.98 -34.23
N GLY F 49 -12.08 22.35 -33.64
CA GLY F 49 -10.90 22.65 -34.44
C GLY F 49 -10.28 21.44 -35.11
N MET F 50 -10.23 20.31 -34.40
CA MET F 50 -9.64 19.10 -34.98
C MET F 50 -10.42 18.66 -36.22
N TRP F 51 -11.73 18.53 -36.08
CA TRP F 51 -12.57 18.07 -37.19
C TRP F 51 -12.57 19.07 -38.33
N ALA F 52 -12.74 20.36 -38.01
CA ALA F 52 -12.87 21.37 -39.06
C ALA F 52 -11.58 21.51 -39.87
N LEU F 53 -10.43 21.52 -39.21
CA LEU F 53 -9.18 21.64 -39.94
C LEU F 53 -8.85 20.38 -40.72
N HIS F 54 -9.36 19.22 -40.28
CA HIS F 54 -9.09 17.99 -41.01
C HIS F 54 -9.87 17.94 -42.32
N THR F 55 -11.13 18.39 -42.31
CA THR F 55 -11.89 18.45 -43.55
C THR F 55 -11.31 19.44 -44.53
N ALA F 56 -10.54 20.42 -44.05
CA ALA F 56 -9.85 21.36 -44.92
C ALA F 56 -8.53 20.82 -45.44
N GLY F 57 -8.12 19.62 -45.02
CA GLY F 57 -6.82 19.13 -45.40
C GLY F 57 -5.66 19.79 -44.68
N HIS F 58 -5.93 20.54 -43.62
CA HIS F 58 -4.87 21.07 -42.77
C HIS F 58 -4.59 20.07 -41.65
N THR F 59 -4.00 18.93 -42.06
CA THR F 59 -3.86 17.80 -41.15
C THR F 59 -2.81 18.06 -40.07
N GLN F 60 -1.73 18.76 -40.42
CA GLN F 60 -0.74 19.09 -39.40
C GLN F 60 -1.29 20.09 -38.40
N ALA F 61 -2.06 21.08 -38.89
CA ALA F 61 -2.70 22.02 -37.97
C ALA F 61 -3.73 21.31 -37.10
N ALA F 62 -4.51 20.39 -37.69
CA ALA F 62 -5.50 19.65 -36.91
C ALA F 62 -4.83 18.76 -35.86
N SER F 63 -3.75 18.08 -36.24
CA SER F 63 -3.01 17.28 -35.28
C SER F 63 -2.39 18.14 -34.17
N ALA F 64 -1.99 19.37 -34.51
CA ALA F 64 -1.49 20.29 -33.50
C ALA F 64 -2.58 20.62 -32.48
N VAL F 65 -3.81 20.81 -32.94
CA VAL F 65 -4.94 20.97 -32.03
C VAL F 65 -5.12 19.70 -31.20
N ALA F 66 -4.91 18.54 -31.83
CA ALA F 66 -5.00 17.28 -31.10
C ALA F 66 -3.93 17.18 -30.02
N ASP F 67 -2.74 17.74 -30.27
CA ASP F 67 -1.71 17.76 -29.25
C ASP F 67 -2.12 18.66 -28.08
N TYR F 68 -2.61 19.86 -28.40
CA TYR F 68 -3.09 20.78 -27.36
C TYR F 68 -4.22 20.16 -26.56
N VAL F 69 -5.22 19.60 -27.25
CA VAL F 69 -6.35 18.96 -26.57
C VAL F 69 -5.85 17.80 -25.71
N THR F 70 -4.86 17.05 -26.20
CA THR F 70 -4.35 15.91 -25.45
C THR F 70 -3.71 16.35 -24.14
N SER F 71 -2.95 17.45 -24.16
CA SER F 71 -2.28 17.90 -22.95
C SER F 71 -3.27 18.35 -21.88
N LEU F 72 -4.53 18.58 -22.24
CA LEU F 72 -5.57 18.94 -21.29
C LEU F 72 -6.43 17.75 -20.87
N LEU F 73 -6.18 16.57 -21.43
CA LEU F 73 -7.03 15.42 -21.15
C LEU F 73 -6.77 14.90 -19.73
N GLN F 74 -7.85 14.48 -19.07
CA GLN F 74 -7.83 13.98 -17.70
C GLN F 74 -7.97 12.46 -17.69
N PRO F 75 -7.56 11.82 -16.59
CA PRO F 75 -7.61 10.34 -16.54
C PRO F 75 -8.98 9.74 -16.82
N ASP F 76 -10.06 10.47 -16.58
CA ASP F 76 -11.39 9.96 -16.87
C ASP F 76 -11.80 10.19 -18.33
N GLY F 77 -10.97 10.87 -19.11
CA GLY F 77 -11.30 11.16 -20.50
C GLY F 77 -12.03 12.46 -20.72
N ASP F 78 -12.22 13.27 -19.68
CA ASP F 78 -12.92 14.54 -19.78
C ASP F 78 -11.92 15.70 -19.87
N ILE F 79 -12.42 16.83 -20.35
CA ILE F 79 -11.71 18.10 -20.25
C ILE F 79 -12.62 19.06 -19.48
N PRO F 80 -12.62 19.01 -18.16
CA PRO F 80 -13.54 19.85 -17.38
C PRO F 80 -13.12 21.30 -17.33
N GLN F 81 -11.83 21.55 -17.49
CA GLN F 81 -11.27 22.89 -17.47
C GLN F 81 -10.22 23.00 -18.57
N PRO F 82 -10.05 24.19 -19.16
CA PRO F 82 -10.75 25.45 -18.86
C PRO F 82 -12.12 25.59 -19.55
N ARG F 83 -13.17 25.84 -18.76
CA ARG F 83 -14.49 26.16 -19.27
C ARG F 83 -15.01 27.39 -18.55
N GLU F 84 -15.65 28.29 -19.29
CA GLU F 84 -16.19 29.50 -18.69
C GLU F 84 -17.62 29.80 -19.12
N GLU F 85 -17.96 29.53 -20.37
CA GLU F 85 -19.33 29.74 -20.83
C GLU F 85 -20.28 28.76 -20.14
N ARG F 86 -21.38 29.29 -19.60
CA ARG F 86 -22.28 28.46 -18.80
C ARG F 86 -22.95 27.37 -19.64
N TYR F 87 -23.14 27.61 -20.94
CA TYR F 87 -23.74 26.59 -21.79
C TYR F 87 -22.88 25.34 -21.90
N PHE F 88 -21.58 25.47 -21.67
CA PHE F 88 -20.67 24.33 -21.63
C PHE F 88 -20.48 23.80 -20.23
N LEU F 89 -21.25 24.27 -19.25
CA LEU F 89 -21.19 23.80 -17.88
C LEU F 89 -22.41 22.99 -17.47
N ASP F 90 -23.63 23.53 -17.66
CA ASP F 90 -24.83 22.84 -17.25
C ASP F 90 -25.96 22.85 -18.28
N VAL F 91 -25.75 23.44 -19.45
CA VAL F 91 -26.78 23.43 -20.49
C VAL F 91 -26.53 22.26 -21.42
N HIS F 92 -25.38 22.25 -22.10
CA HIS F 92 -24.93 21.09 -22.89
C HIS F 92 -23.41 20.97 -22.67
N TYR F 93 -23.05 20.41 -21.51
CA TYR F 93 -21.65 20.25 -21.13
C TYR F 93 -20.89 19.39 -22.16
N LEU F 94 -21.52 18.33 -22.64
CA LEU F 94 -20.88 17.40 -23.56
C LEU F 94 -20.74 17.94 -24.97
N TYR F 95 -21.24 19.14 -25.26
CA TYR F 95 -21.12 19.68 -26.61
C TYR F 95 -19.66 19.80 -27.03
N ALA F 96 -18.78 20.15 -26.08
CA ALA F 96 -17.35 20.18 -26.38
C ALA F 96 -16.82 18.77 -26.62
N ASN F 97 -17.14 17.84 -25.73
CA ASN F 97 -16.58 16.49 -25.83
C ASN F 97 -16.97 15.80 -27.12
N GLY F 98 -18.16 16.09 -27.64
CA GLY F 98 -18.62 15.41 -28.85
C GLY F 98 -17.77 15.73 -30.06
N TYR F 99 -17.57 17.02 -30.33
CA TYR F 99 -16.73 17.41 -31.46
C TYR F 99 -15.29 16.98 -31.27
N LEU F 100 -14.80 16.98 -30.03
CA LEU F 100 -13.45 16.49 -29.75
C LEU F 100 -13.34 15.00 -30.07
N THR F 101 -14.38 14.23 -29.74
CA THR F 101 -14.37 12.80 -30.03
C THR F 101 -14.34 12.56 -31.54
N ILE F 102 -15.16 13.28 -32.28
CA ILE F 102 -15.23 13.11 -33.73
C ILE F 102 -13.93 13.56 -34.38
N GLY F 103 -13.43 14.74 -33.99
CA GLY F 103 -12.19 15.23 -34.55
C GLY F 103 -11.01 14.31 -34.26
N ALA F 104 -10.97 13.75 -33.05
CA ALA F 104 -9.89 12.84 -32.70
C ALA F 104 -9.97 11.53 -33.50
N HIS F 105 -11.18 10.99 -33.66
CA HIS F 105 -11.32 9.68 -34.29
C HIS F 105 -10.98 9.74 -35.77
N VAL F 106 -11.51 10.75 -36.48
CA VAL F 106 -11.21 10.85 -37.91
C VAL F 106 -9.76 11.19 -38.16
N LEU F 107 -9.07 11.78 -37.17
CA LEU F 107 -7.67 12.14 -37.29
C LEU F 107 -6.75 10.95 -37.02
N GLY F 108 -7.29 9.81 -36.61
CA GLY F 108 -6.47 8.66 -36.28
C GLY F 108 -5.98 8.62 -34.85
N ARG F 109 -6.37 9.58 -34.01
CA ARG F 109 -6.00 9.60 -32.60
C ARG F 109 -6.97 8.69 -31.84
N PHE F 110 -6.76 7.38 -32.01
CA PHE F 110 -7.71 6.39 -31.51
C PHE F 110 -7.72 6.31 -29.99
N GLY F 111 -6.57 6.53 -29.34
CA GLY F 111 -6.56 6.60 -27.90
C GLY F 111 -7.32 7.81 -27.37
N LEU F 112 -7.07 8.97 -27.98
CA LEU F 112 -7.79 10.18 -27.60
C LEU F 112 -9.29 10.03 -27.85
N SER F 113 -9.66 9.41 -28.96
CA SER F 113 -11.08 9.25 -29.28
C SER F 113 -11.73 8.22 -28.37
N ARG F 114 -11.03 7.12 -28.06
CA ARG F 114 -11.58 6.12 -27.15
C ARG F 114 -11.82 6.71 -25.77
N LYS F 115 -10.86 7.47 -25.25
CA LYS F 115 -11.00 8.02 -23.91
C LYS F 115 -12.06 9.12 -23.85
N LEU F 116 -12.13 9.96 -24.89
CA LEU F 116 -13.18 10.98 -24.94
C LEU F 116 -14.56 10.35 -25.05
N MET F 117 -14.70 9.34 -25.91
CA MET F 117 -15.99 8.68 -26.06
C MET F 117 -16.37 7.87 -24.83
N SER F 118 -15.37 7.29 -24.14
CA SER F 118 -15.67 6.51 -22.94
C SER F 118 -16.21 7.39 -21.83
N PHE F 119 -15.69 8.62 -21.71
CA PHE F 119 -16.24 9.54 -20.71
C PHE F 119 -17.66 9.95 -21.08
N VAL F 120 -17.91 10.19 -22.37
CA VAL F 120 -19.24 10.60 -22.81
C VAL F 120 -20.29 9.56 -22.43
N GLU F 121 -19.94 8.28 -22.56
CA GLU F 121 -20.91 7.23 -22.28
C GLU F 121 -21.16 7.02 -20.79
N THR F 122 -20.29 7.54 -19.92
CA THR F 122 -20.61 7.53 -18.50
C THR F 122 -21.69 8.55 -18.17
N MET F 123 -21.94 9.51 -19.06
CA MET F 123 -22.96 10.53 -18.88
C MET F 123 -24.29 10.15 -19.51
N ARG F 124 -24.38 8.99 -20.15
CA ARG F 124 -25.65 8.55 -20.73
C ARG F 124 -26.60 8.10 -19.64
N ASN F 125 -27.85 8.54 -19.73
CA ASN F 125 -28.90 8.01 -18.88
C ASN F 125 -29.31 6.66 -19.41
N PRO F 126 -28.95 5.55 -18.74
CA PRO F 126 -29.27 4.23 -19.30
C PRO F 126 -30.74 3.93 -19.36
N ALA F 127 -31.56 4.65 -18.58
CA ALA F 127 -33.01 4.44 -18.63
C ALA F 127 -33.65 5.15 -19.81
N THR F 128 -33.11 6.31 -20.22
CA THR F 128 -33.73 7.13 -21.23
C THR F 128 -32.93 7.25 -22.52
N GLY F 129 -31.65 6.89 -22.51
CA GLY F 129 -30.82 7.07 -23.69
C GLY F 129 -30.36 8.48 -23.94
N GLY F 130 -30.82 9.45 -23.15
CA GLY F 130 -30.31 10.79 -23.24
C GLY F 130 -29.01 10.94 -22.48
N PHE F 131 -28.33 12.06 -22.73
CA PHE F 131 -27.05 12.35 -22.10
C PHE F 131 -27.20 13.56 -21.18
N ARG F 132 -26.65 13.45 -19.98
CA ARG F 132 -26.85 14.44 -18.94
C ARG F 132 -26.31 15.81 -19.39
N SER F 133 -27.00 16.86 -18.95
CA SER F 133 -26.69 18.21 -19.42
C SER F 133 -25.53 18.85 -18.68
N HIS F 134 -25.31 18.47 -17.42
CA HIS F 134 -24.28 19.09 -16.59
C HIS F 134 -23.16 18.08 -16.33
N GLY F 135 -21.92 18.58 -16.29
CA GLY F 135 -20.77 17.74 -16.12
C GLY F 135 -20.61 17.24 -14.71
N PRO F 136 -19.60 16.38 -14.51
CA PRO F 136 -19.42 15.76 -13.19
C PRO F 136 -19.16 16.75 -12.07
N ALA F 137 -18.50 17.87 -12.35
CA ALA F 137 -18.22 18.88 -11.35
C ALA F 137 -19.28 19.98 -11.29
N ILE F 138 -20.43 19.77 -11.93
CA ILE F 138 -21.50 20.75 -11.98
C ILE F 138 -22.72 20.13 -11.31
N PRO F 139 -23.25 20.70 -10.23
CA PRO F 139 -24.46 20.15 -9.61
C PRO F 139 -25.67 20.36 -10.50
N GLY F 140 -26.55 19.36 -10.53
CA GLY F 140 -27.75 19.43 -11.34
C GLY F 140 -28.69 18.29 -11.01
N ASP F 141 -29.83 18.30 -11.69
CA ASP F 141 -30.88 17.31 -11.45
C ASP F 141 -30.87 16.18 -12.47
N GLY F 142 -29.73 15.93 -13.11
CA GLY F 142 -29.63 14.84 -14.05
C GLY F 142 -30.47 14.99 -15.31
N ARG F 143 -30.82 16.23 -15.67
CA ARG F 143 -31.60 16.45 -16.87
C ARG F 143 -30.78 16.13 -18.12
N CYS F 144 -31.48 15.77 -19.19
CA CYS F 144 -30.85 15.43 -20.47
C CYS F 144 -31.52 16.24 -21.56
N ASP F 145 -30.71 16.89 -22.39
CA ASP F 145 -31.20 17.79 -23.42
C ASP F 145 -31.04 17.17 -24.81
N SER F 146 -31.50 17.90 -25.83
CA SER F 146 -31.46 17.40 -27.19
C SER F 146 -30.09 17.58 -27.84
N VAL F 147 -29.35 18.61 -27.45
CA VAL F 147 -28.05 18.86 -28.08
C VAL F 147 -27.00 17.88 -27.57
N SER F 148 -26.89 17.74 -26.24
CA SER F 148 -25.93 16.80 -25.68
C SER F 148 -26.17 15.39 -26.18
N THR F 149 -27.44 15.00 -26.33
CA THR F 149 -27.76 13.65 -26.79
C THR F 149 -27.42 13.49 -28.27
N SER F 150 -27.74 14.49 -29.09
CA SER F 150 -27.53 14.36 -30.53
C SER F 150 -26.05 14.42 -30.87
N ILE F 151 -25.27 15.23 -30.15
CA ILE F 151 -23.84 15.32 -30.45
C ILE F 151 -23.11 14.08 -29.95
N SER F 152 -23.58 13.49 -28.84
CA SER F 152 -22.99 12.25 -28.36
C SER F 152 -23.34 11.08 -29.27
N GLY F 153 -24.57 11.09 -29.81
CA GLY F 153 -24.95 10.06 -30.76
C GLY F 153 -24.17 10.14 -32.06
N LEU F 154 -23.93 11.36 -32.54
CA LEU F 154 -23.08 11.52 -33.72
C LEU F 154 -21.66 11.07 -33.43
N ALA F 155 -21.15 11.42 -32.24
CA ALA F 155 -19.84 10.91 -31.82
C ALA F 155 -19.86 9.40 -31.71
N ALA F 156 -20.96 8.84 -31.20
CA ALA F 156 -21.10 7.38 -31.15
C ALA F 156 -21.04 6.79 -32.55
N LEU F 157 -21.65 7.45 -33.53
CA LEU F 157 -21.65 6.94 -34.89
C LEU F 157 -20.25 6.89 -35.47
N TYR F 158 -19.47 7.96 -35.27
CA TYR F 158 -18.12 7.98 -35.82
C TYR F 158 -17.21 6.96 -35.16
N THR F 159 -17.44 6.66 -33.88
CA THR F 159 -16.59 5.73 -33.15
C THR F 159 -17.12 4.31 -33.14
N GLY F 160 -18.22 4.04 -33.84
CA GLY F 160 -18.74 2.69 -33.96
C GLY F 160 -19.65 2.22 -32.84
N ARG F 161 -20.02 3.11 -31.92
CA ARG F 161 -20.95 2.75 -30.84
C ARG F 161 -22.39 2.92 -31.35
N VAL F 162 -22.76 2.07 -32.30
CA VAL F 162 -24.06 2.19 -32.94
C VAL F 162 -25.20 1.97 -31.96
N ASP F 163 -24.98 1.08 -30.97
CA ASP F 163 -25.98 0.90 -29.91
C ASP F 163 -26.23 2.20 -29.17
N THR F 164 -25.15 2.91 -28.81
CA THR F 164 -25.30 4.20 -28.14
C THR F 164 -26.05 5.19 -29.03
N ALA F 165 -25.73 5.21 -30.32
CA ALA F 165 -26.40 6.12 -31.25
C ALA F 165 -27.89 5.80 -31.36
N ARG F 166 -28.22 4.51 -31.58
CA ARG F 166 -29.61 4.09 -31.63
C ARG F 166 -30.34 4.49 -30.34
N SER F 167 -29.68 4.33 -29.20
CA SER F 167 -30.29 4.72 -27.93
C SER F 167 -30.53 6.22 -27.88
N ALA F 168 -29.61 7.01 -28.46
CA ALA F 168 -29.80 8.46 -28.48
C ALA F 168 -31.01 8.85 -29.30
N ALA F 169 -31.22 8.17 -30.44
CA ALA F 169 -32.40 8.44 -31.25
C ALA F 169 -33.68 8.08 -30.52
N ASP F 170 -33.64 7.05 -29.67
CA ASP F 170 -34.80 6.73 -28.84
C ASP F 170 -35.17 7.89 -27.93
N PHE F 171 -34.16 8.54 -27.33
CA PHE F 171 -34.42 9.70 -26.48
C PHE F 171 -35.04 10.84 -27.29
N LEU F 172 -34.52 11.08 -28.49
CA LEU F 172 -35.04 12.17 -29.32
C LEU F 172 -36.44 11.86 -29.82
N GLY F 173 -36.75 10.59 -30.09
CA GLY F 173 -38.10 10.23 -30.47
C GLY F 173 -39.11 10.45 -29.36
N SER F 174 -38.75 10.03 -28.14
CA SER F 174 -39.62 10.27 -27.00
C SER F 174 -39.75 11.76 -26.70
N LEU F 175 -38.67 12.51 -26.87
CA LEU F 175 -38.75 13.96 -26.67
C LEU F 175 -39.66 14.62 -27.70
N TRP F 176 -39.65 14.11 -28.93
CA TRP F 176 -40.50 14.66 -29.98
C TRP F 176 -41.96 14.27 -29.77
N VAL F 177 -42.21 13.04 -29.33
CA VAL F 177 -43.57 12.59 -29.12
C VAL F 177 -44.16 13.24 -27.87
N GLY F 178 -43.34 13.51 -26.86
CA GLY F 178 -43.84 14.03 -25.60
C GLY F 178 -43.92 15.54 -25.50
N GLN F 179 -43.87 16.22 -26.65
CA GLN F 179 -43.93 17.68 -26.65
C GLN F 179 -45.32 18.15 -26.23
N PRO F 180 -45.43 19.00 -25.21
CA PRO F 180 -46.76 19.48 -24.78
C PRO F 180 -47.49 20.27 -25.85
N ASP F 181 -46.80 21.17 -26.53
CA ASP F 181 -47.41 21.97 -27.59
C ASP F 181 -46.35 22.39 -28.60
N ARG F 182 -46.04 21.52 -29.56
CA ARG F 182 -44.89 21.77 -30.44
C ARG F 182 -45.11 22.96 -31.36
N LYS F 183 -46.36 23.36 -31.60
CA LYS F 183 -46.61 24.49 -32.50
C LYS F 183 -46.20 25.82 -31.89
N ASN F 184 -46.08 25.90 -30.57
CA ASN F 184 -45.73 27.12 -29.88
C ASN F 184 -44.39 27.09 -29.18
N VAL F 185 -43.91 25.91 -28.79
CA VAL F 185 -42.68 25.81 -28.01
C VAL F 185 -42.11 24.40 -28.19
N PHE F 186 -40.79 24.34 -28.31
CA PHE F 186 -40.06 23.07 -28.34
C PHE F 186 -39.24 22.97 -27.05
N HIS F 187 -39.61 22.04 -26.18
CA HIS F 187 -38.87 21.78 -24.96
C HIS F 187 -37.79 20.74 -25.27
N ALA F 188 -36.54 21.18 -25.25
CA ALA F 188 -35.42 20.36 -25.67
C ALA F 188 -34.83 19.51 -24.55
N VAL F 189 -35.36 19.62 -23.33
CA VAL F 189 -34.78 18.96 -22.18
C VAL F 189 -35.79 17.97 -21.60
N ALA F 190 -35.27 16.88 -21.04
CA ALA F 190 -36.05 15.91 -20.29
C ALA F 190 -35.38 15.67 -18.94
N ASP F 191 -36.14 15.13 -17.99
CA ASP F 191 -35.58 14.85 -16.68
C ASP F 191 -34.94 13.46 -16.66
N ALA F 192 -34.48 13.05 -15.48
CA ALA F 192 -33.77 11.78 -15.36
C ALA F 192 -34.66 10.58 -15.62
N SER F 193 -35.97 10.71 -15.46
CA SER F 193 -36.90 9.62 -15.72
C SER F 193 -37.37 9.57 -17.17
N GLY F 194 -36.96 10.52 -18.00
CA GLY F 194 -37.39 10.57 -19.38
C GLY F 194 -38.62 11.42 -19.64
N ALA F 195 -39.12 12.13 -18.63
CA ALA F 195 -40.27 13.01 -18.83
C ALA F 195 -39.81 14.36 -19.34
N VAL F 196 -40.58 14.92 -20.27
CA VAL F 196 -40.25 16.21 -20.86
C VAL F 196 -40.24 17.27 -19.78
N LEU F 197 -39.16 18.04 -19.72
CA LEU F 197 -38.99 19.07 -18.71
C LEU F 197 -39.55 20.38 -19.23
N THR F 198 -40.62 20.87 -18.59
CA THR F 198 -41.27 22.11 -19.00
C THR F 198 -40.99 23.25 -18.03
N SER F 199 -40.17 23.04 -17.02
CA SER F 199 -39.86 24.09 -16.07
C SER F 199 -39.09 25.22 -16.77
N ASP F 200 -39.15 26.41 -16.16
CA ASP F 200 -38.57 27.59 -16.78
C ASP F 200 -37.05 27.57 -16.81
N ASP F 201 -36.41 26.75 -15.96
CA ASP F 201 -34.95 26.67 -15.94
C ASP F 201 -34.40 25.72 -17.01
N ALA F 202 -35.26 25.21 -17.89
CA ALA F 202 -34.85 24.28 -18.93
C ALA F 202 -35.02 24.94 -20.30
N VAL F 203 -34.18 24.52 -21.25
CA VAL F 203 -34.16 25.13 -22.57
C VAL F 203 -35.48 24.87 -23.28
N ALA F 204 -36.09 25.94 -23.78
CA ALA F 204 -37.36 25.85 -24.51
C ALA F 204 -37.32 26.85 -25.65
N VAL F 205 -37.39 26.34 -26.88
CA VAL F 205 -37.32 27.19 -28.06
C VAL F 205 -38.71 27.78 -28.34
N GLN F 206 -38.79 29.11 -28.39
CA GLN F 206 -40.00 29.79 -28.82
C GLN F 206 -40.00 29.79 -30.34
N VAL F 207 -40.65 28.77 -30.92
CA VAL F 207 -40.56 28.54 -32.36
C VAL F 207 -41.24 29.63 -33.17
N ARG F 208 -42.17 30.37 -32.58
CA ARG F 208 -42.83 31.47 -33.26
C ARG F 208 -42.17 32.80 -32.99
N LYS F 209 -41.04 32.81 -32.29
CA LYS F 209 -40.25 34.00 -32.07
C LYS F 209 -38.86 33.83 -32.69
N ALA F 210 -38.28 34.94 -33.13
CA ALA F 210 -36.94 34.92 -33.72
C ALA F 210 -35.87 35.09 -32.64
N GLU F 211 -35.82 34.10 -31.73
CA GLU F 211 -34.94 34.16 -30.57
C GLU F 211 -33.92 33.03 -30.55
N GLY F 212 -33.52 32.55 -31.72
CA GLY F 212 -32.38 31.65 -31.83
C GLY F 212 -32.60 30.33 -31.11
N ASP F 213 -31.48 29.74 -30.67
CA ASP F 213 -31.44 28.41 -30.04
C ASP F 213 -32.02 27.34 -30.94
N TRP F 214 -32.07 27.59 -32.25
CA TRP F 214 -32.67 26.64 -33.18
C TRP F 214 -31.89 25.35 -33.30
N TYR F 215 -30.61 25.35 -32.92
CA TYR F 215 -29.79 24.15 -33.07
C TYR F 215 -30.18 23.05 -32.09
N PHE F 216 -31.00 23.34 -31.09
CA PHE F 216 -31.60 22.27 -30.28
C PHE F 216 -32.58 21.43 -31.08
N ILE F 217 -32.96 21.89 -32.27
CA ILE F 217 -33.79 21.11 -33.18
C ILE F 217 -33.00 20.67 -34.41
N GLY F 218 -32.10 21.53 -34.89
CA GLY F 218 -31.37 21.21 -36.11
C GLY F 218 -30.32 20.14 -35.93
N LEU F 219 -29.60 20.19 -34.80
CA LEU F 219 -28.61 19.15 -34.54
C LEU F 219 -29.23 17.76 -34.38
N PRO F 220 -30.37 17.59 -33.70
CA PRO F 220 -31.05 16.29 -33.78
C PRO F 220 -31.37 15.84 -35.20
N ALA F 221 -31.83 16.77 -36.05
CA ALA F 221 -32.14 16.42 -37.43
C ALA F 221 -30.89 15.95 -38.18
N PHE F 222 -29.76 16.59 -37.92
CA PHE F 222 -28.50 16.17 -38.53
C PHE F 222 -28.11 14.78 -38.05
N PHE F 223 -28.05 14.58 -36.73
CA PHE F 223 -27.67 13.29 -36.18
C PHE F 223 -28.60 12.18 -36.67
N LEU F 224 -29.91 12.41 -36.57
CA LEU F 224 -30.88 11.40 -37.00
C LEU F 224 -30.73 11.08 -38.49
N THR F 225 -30.35 12.06 -39.29
CA THR F 225 -30.11 11.79 -40.71
C THR F 225 -28.88 10.93 -40.90
N ALA F 226 -27.80 11.23 -40.18
CA ALA F 226 -26.61 10.38 -40.23
C ALA F 226 -26.91 8.98 -39.70
N LEU F 227 -27.70 8.89 -38.64
CA LEU F 227 -28.08 7.57 -38.11
C LEU F 227 -28.94 6.81 -39.11
N TYR F 228 -29.84 7.51 -39.80
CA TYR F 228 -30.59 6.86 -40.86
C TYR F 228 -29.66 6.34 -41.95
N GLU F 229 -28.63 7.11 -42.31
CA GLU F 229 -27.68 6.66 -43.30
C GLU F 229 -26.94 5.41 -42.83
N ALA F 230 -26.61 5.35 -41.54
CA ALA F 230 -25.85 4.21 -41.03
C ALA F 230 -26.71 2.95 -40.97
N THR F 231 -28.02 3.09 -40.73
CA THR F 231 -28.89 1.96 -40.49
C THR F 231 -29.93 1.72 -41.57
N GLU F 232 -30.31 2.76 -42.32
CA GLU F 232 -31.41 2.68 -43.29
C GLU F 232 -32.71 2.26 -42.62
N ASP F 233 -32.83 2.55 -41.32
CA ASP F 233 -34.08 2.40 -40.59
C ASP F 233 -34.91 3.65 -40.83
N ARG F 234 -36.05 3.51 -41.51
CA ARG F 234 -36.84 4.66 -41.91
C ARG F 234 -37.36 5.46 -40.72
N ALA F 235 -37.48 4.83 -39.55
CA ALA F 235 -37.95 5.56 -38.37
C ALA F 235 -37.08 6.78 -38.09
N TYR F 236 -35.77 6.67 -38.30
CA TYR F 236 -34.89 7.81 -38.10
C TYR F 236 -35.09 8.86 -39.19
N LEU F 237 -35.29 8.43 -40.43
CA LEU F 237 -35.56 9.37 -41.52
C LEU F 237 -36.88 10.10 -41.30
N ASP F 238 -37.89 9.38 -40.80
CA ASP F 238 -39.17 10.01 -40.54
C ASP F 238 -39.06 11.08 -39.46
N LEU F 239 -38.29 10.80 -38.41
CA LEU F 239 -38.09 11.79 -37.36
C LEU F 239 -37.26 12.96 -37.86
N ALA F 240 -36.23 12.68 -38.67
CA ALA F 240 -35.41 13.75 -39.24
C ALA F 240 -36.24 14.64 -40.17
N THR F 241 -37.05 14.03 -41.03
CA THR F 241 -37.91 14.81 -41.91
C THR F 241 -39.02 15.50 -41.15
N ASP F 242 -39.48 14.91 -40.04
CA ASP F 242 -40.43 15.61 -39.17
C ASP F 242 -39.82 16.89 -38.63
N LEU F 243 -38.57 16.82 -38.15
CA LEU F 243 -37.92 17.99 -37.58
C LEU F 243 -37.65 19.05 -38.65
N MET F 244 -37.26 18.62 -39.86
CA MET F 244 -36.99 19.59 -40.91
C MET F 244 -38.27 20.30 -41.35
N THR F 245 -39.33 19.53 -41.59
CA THR F 245 -40.64 20.13 -41.87
C THR F 245 -41.06 21.04 -40.73
N TYR F 246 -40.74 20.64 -39.50
CA TYR F 246 -41.08 21.44 -38.32
C TYR F 246 -40.42 22.81 -38.38
N MET F 247 -39.11 22.85 -38.64
CA MET F 247 -38.41 24.12 -38.73
C MET F 247 -38.82 24.91 -39.97
N ASP F 248 -39.18 24.21 -41.05
CA ASP F 248 -39.50 24.90 -42.30
C ASP F 248 -40.88 25.56 -42.23
N GLU F 249 -41.90 24.80 -41.82
CA GLU F 249 -43.28 25.28 -41.84
C GLU F 249 -43.67 26.01 -40.57
N ASP F 250 -43.45 25.39 -39.41
CA ASP F 250 -44.03 25.87 -38.16
C ASP F 250 -43.12 26.81 -37.39
N CYS F 251 -41.81 26.79 -37.65
CA CYS F 251 -40.89 27.65 -36.92
C CYS F 251 -40.73 28.99 -37.62
N ASP F 252 -40.31 29.99 -36.84
CA ASP F 252 -40.01 31.30 -37.39
C ASP F 252 -38.95 31.19 -38.48
N GLU F 253 -38.97 32.14 -39.41
CA GLU F 253 -37.96 32.15 -40.47
C GLU F 253 -36.55 32.28 -39.91
N ASP F 254 -36.41 32.73 -38.66
CA ASP F 254 -35.11 32.79 -38.01
C ASP F 254 -34.50 31.41 -37.82
N ALA F 255 -35.30 30.34 -37.95
CA ALA F 255 -34.76 29.00 -37.87
C ALA F 255 -33.76 28.70 -38.97
N PHE F 256 -33.82 29.44 -40.09
CA PHE F 256 -32.87 29.29 -41.19
C PHE F 256 -32.07 30.57 -41.41
N VAL F 257 -32.02 31.47 -40.42
CA VAL F 257 -31.32 32.74 -40.56
C VAL F 257 -30.38 32.96 -39.38
N ASP F 258 -30.78 32.46 -38.20
CA ASP F 258 -29.96 32.62 -37.00
C ASP F 258 -28.60 31.95 -37.20
N SER F 259 -27.63 32.36 -36.38
CA SER F 259 -26.27 31.86 -36.50
C SER F 259 -26.18 30.34 -36.27
N SER F 260 -27.16 29.76 -35.60
CA SER F 260 -27.17 28.33 -35.34
C SER F 260 -27.90 27.54 -36.43
N CYS F 261 -28.37 28.20 -37.49
CA CYS F 261 -29.10 27.51 -38.54
C CYS F 261 -28.23 26.56 -39.35
N GLY F 262 -26.91 26.62 -39.20
CA GLY F 262 -26.00 25.78 -39.94
C GLY F 262 -26.22 24.29 -39.77
N A1EJ1 F 263 -26.55 23.88 -38.56
CA A1EJ1 F 263 -26.78 22.44 -38.26
C A1EJ1 F 263 -28.01 21.95 -39.04
CB A1EJ1 F 263 -26.98 22.21 -36.76
O A1EJ1 F 263 -27.81 21.02 -39.87
C13 A1EJ1 F 263 -23.89 27.05 -32.07
C14 A1EJ1 F 263 -23.13 26.97 -30.74
C15 A1EJ1 F 263 -23.06 28.30 -29.97
C16 A1EJ1 F 263 -24.24 25.69 -32.59
C17 A1EJ1 F 263 -22.44 28.14 -28.57
C18 A1EJ1 F 263 -23.46 28.36 -27.47
C19 A1EJ1 F 263 -23.53 28.95 -33.58
C20 A1EJ1 F 263 -22.63 29.58 -34.60
CG A1EJ1 F 263 -25.78 22.54 -35.89
CD A1EJ1 F 263 -25.79 23.97 -35.36
CE A1EJ1 F 263 -24.73 24.23 -34.31
N12 A1EJ1 F 263 -23.12 27.79 -33.07
NZ A1EJ1 F 263 -24.92 25.53 -33.67
O10 A1EJ1 F 263 -23.98 29.68 -27.51
O11 A1EJ1 F 263 -24.58 29.48 -33.23
O7 A1EJ1 F 263 -21.88 26.84 -28.44
O8 A1EJ1 F 263 -21.80 26.52 -30.98
O9 A1EJ1 F 263 -22.30 29.24 -30.72
N ALA F 264 -28.93 22.85 -39.34
CA ALA F 264 -30.12 22.52 -40.13
C ALA F 264 -29.78 22.43 -41.60
N GLY F 265 -28.89 23.32 -42.06
CA GLY F 265 -28.46 23.26 -43.44
C GLY F 265 -27.65 22.01 -43.75
N VAL F 266 -26.82 21.57 -42.80
CA VAL F 266 -26.08 20.32 -42.98
C VAL F 266 -27.05 19.14 -43.00
N ALA F 267 -28.08 19.18 -42.16
CA ALA F 267 -29.10 18.15 -42.20
C ALA F 267 -29.84 18.15 -43.53
N ALA F 268 -30.15 19.35 -44.05
CA ALA F 268 -30.85 19.43 -45.33
C ALA F 268 -29.97 18.93 -46.47
N ALA F 269 -28.69 19.28 -46.46
CA ALA F 269 -27.77 18.79 -47.49
C ALA F 269 -27.67 17.29 -47.47
N LEU F 270 -27.53 16.70 -46.28
CA LEU F 270 -27.43 15.25 -46.16
C LEU F 270 -28.74 14.57 -46.59
N LEU F 271 -29.88 15.19 -46.25
CA LEU F 271 -31.16 14.64 -46.66
C LEU F 271 -31.36 14.72 -48.17
N TYR F 272 -30.76 15.71 -48.82
CA TYR F 272 -30.91 15.81 -50.27
C TYR F 272 -30.18 14.68 -50.99
N ARG F 273 -28.99 14.32 -50.51
CA ARG F 273 -28.25 13.23 -51.14
C ARG F 273 -28.98 11.90 -50.96
N LEU F 274 -29.63 11.71 -49.81
CA LEU F 274 -30.27 10.43 -49.52
C LEU F 274 -31.65 10.33 -50.14
N THR F 275 -32.41 11.42 -50.15
CA THR F 275 -33.79 11.40 -50.62
C THR F 275 -34.00 12.08 -51.96
N GLY F 276 -33.15 13.03 -52.33
CA GLY F 276 -33.34 13.75 -53.58
C GLY F 276 -34.43 14.79 -53.55
N ARG F 277 -35.02 15.06 -52.40
CA ARG F 277 -36.09 16.04 -52.31
C ARG F 277 -35.55 17.43 -52.60
N PRO F 278 -36.08 18.14 -53.60
CA PRO F 278 -35.50 19.43 -53.97
C PRO F 278 -35.59 20.48 -52.88
N ARG F 279 -36.59 20.38 -51.99
CA ARG F 279 -36.70 21.36 -50.91
C ARG F 279 -35.49 21.33 -49.99
N TYR F 280 -34.91 20.14 -49.78
CA TYR F 280 -33.71 20.06 -48.94
C TYR F 280 -32.50 20.67 -49.65
N ARG F 281 -32.43 20.56 -50.97
CA ARG F 281 -31.37 21.25 -51.71
C ARG F 281 -31.50 22.75 -51.58
N GLU F 282 -32.73 23.27 -51.62
CA GLU F 282 -32.94 24.71 -51.54
C GLU F 282 -32.62 25.24 -50.13
N ILE F 283 -33.02 24.51 -49.10
CA ILE F 283 -32.72 24.92 -47.73
C ILE F 283 -31.21 24.91 -47.51
N ALA F 284 -30.54 23.84 -47.95
CA ALA F 284 -29.10 23.75 -47.79
C ALA F 284 -28.39 24.84 -48.57
N GLU F 285 -28.79 25.06 -49.83
CA GLU F 285 -28.20 26.13 -50.62
C GLU F 285 -28.45 27.49 -49.98
N GLY F 286 -29.70 27.77 -49.60
CA GLY F 286 -30.01 29.06 -49.01
C GLY F 286 -29.27 29.31 -47.72
N ILE F 287 -29.13 28.28 -46.88
CA ILE F 287 -28.38 28.42 -45.64
C ILE F 287 -26.89 28.57 -45.94
N GLY F 288 -26.35 27.71 -46.80
CA GLY F 288 -24.94 27.79 -47.14
C GLY F 288 -24.58 29.11 -47.80
N THR F 289 -25.45 29.62 -48.67
CA THR F 289 -25.22 30.92 -49.28
C THR F 289 -25.23 32.02 -48.22
N LEU F 290 -26.18 31.97 -47.29
CA LEU F 290 -26.28 32.99 -46.26
C LEU F 290 -25.01 33.05 -45.42
N LEU F 291 -24.47 31.89 -45.04
CA LEU F 291 -23.24 31.88 -44.25
C LEU F 291 -22.06 32.47 -45.01
N CYS F 292 -22.04 32.31 -46.34
CA CYS F 292 -20.95 32.87 -47.13
C CYS F 292 -20.99 34.38 -47.13
N GLU F 293 -22.17 34.97 -47.33
CA GLU F 293 -22.29 36.43 -47.33
C GLU F 293 -22.00 37.04 -45.96
N ARG F 294 -22.14 36.27 -44.89
CA ARG F 294 -21.78 36.76 -43.56
C ARG F 294 -20.29 36.68 -43.28
N GLN F 295 -19.53 35.94 -44.09
CA GLN F 295 -18.11 35.78 -43.86
C GLN F 295 -17.38 37.11 -44.04
N SER F 296 -16.41 37.37 -43.17
CA SER F 296 -15.56 38.53 -43.35
C SER F 296 -14.70 38.35 -44.60
N PRO F 297 -14.46 39.44 -45.35
CA PRO F 297 -13.50 39.37 -46.46
C PRO F 297 -12.14 38.82 -46.05
N TYR F 298 -11.79 38.89 -44.76
CA TYR F 298 -10.52 38.38 -44.27
C TYR F 298 -10.53 36.89 -43.98
N GLY F 299 -11.69 36.25 -43.99
CA GLY F 299 -11.77 34.81 -43.83
C GLY F 299 -12.56 34.36 -42.62
N TYR F 300 -12.40 35.04 -41.49
CA TYR F 300 -13.06 34.63 -40.26
C TYR F 300 -14.54 34.99 -40.30
N TRP F 301 -15.26 34.49 -39.29
CA TRP F 301 -16.63 34.90 -39.00
C TRP F 301 -16.66 35.55 -37.63
N SER F 302 -17.37 36.67 -37.52
CA SER F 302 -17.46 37.36 -36.24
C SER F 302 -18.82 38.03 -36.11
N GLU F 303 -19.31 38.09 -34.87
CA GLU F 303 -20.52 38.82 -34.58
C GLU F 303 -20.38 40.29 -34.97
N GLU F 304 -19.27 40.92 -34.58
CA GLU F 304 -19.13 42.36 -34.71
C GLU F 304 -17.75 42.83 -35.15
N GLU F 305 -16.81 41.93 -35.44
CA GLU F 305 -15.45 42.34 -35.81
C GLU F 305 -15.34 42.54 -37.32
N THR F 306 -14.59 43.57 -37.71
CA THR F 306 -14.40 43.90 -39.11
C THR F 306 -12.94 44.09 -39.50
N GLY F 307 -12.00 44.02 -38.56
CA GLY F 307 -10.62 44.34 -38.86
C GLY F 307 -9.79 43.12 -39.25
N ASP F 308 -8.56 43.41 -39.68
CA ASP F 308 -7.56 42.38 -39.97
C ASP F 308 -6.95 41.91 -38.64
N VAL F 309 -7.75 41.14 -37.90
CA VAL F 309 -7.46 40.84 -36.52
C VAL F 309 -6.60 39.58 -36.41
N ALA F 310 -5.77 39.55 -35.37
CA ALA F 310 -4.90 38.40 -35.11
C ALA F 310 -5.61 37.29 -34.35
N ASP F 311 -6.67 37.62 -33.60
CA ASP F 311 -7.40 36.61 -32.84
C ASP F 311 -8.86 37.04 -32.75
N LEU F 312 -9.67 36.20 -32.12
CA LEU F 312 -11.11 36.42 -32.03
C LEU F 312 -11.59 36.07 -30.63
N PHE F 313 -12.73 36.65 -30.27
CA PHE F 313 -13.46 36.22 -29.08
C PHE F 313 -13.93 34.78 -29.29
N TRP F 314 -13.96 34.01 -28.19
CA TRP F 314 -14.07 32.56 -28.28
C TRP F 314 -15.30 32.14 -29.09
N GLY F 315 -16.39 32.89 -28.99
CA GLY F 315 -17.58 32.53 -29.75
C GLY F 315 -17.41 32.73 -31.24
N ASP F 316 -16.67 33.76 -31.65
CA ASP F 316 -16.39 33.96 -33.06
C ASP F 316 -15.44 32.90 -33.59
N LEU F 317 -14.39 32.58 -32.82
CA LEU F 317 -13.46 31.54 -33.22
C LEU F 317 -14.18 30.21 -33.40
N ASP F 318 -15.05 29.87 -32.43
CA ASP F 318 -15.86 28.66 -32.56
C ASP F 318 -16.76 28.72 -33.79
N MET F 319 -17.40 29.88 -34.00
CA MET F 319 -18.25 30.05 -35.18
C MET F 319 -17.43 29.93 -36.46
N THR F 320 -16.21 30.45 -36.47
CA THR F 320 -15.35 30.33 -37.65
C THR F 320 -15.07 28.86 -37.97
N ALA F 321 -14.58 28.10 -36.99
CA ALA F 321 -14.31 26.69 -37.21
C ALA F 321 -15.59 25.91 -37.47
N GLU F 322 -16.71 26.33 -36.87
CA GLU F 322 -17.97 25.64 -37.09
C GLU F 322 -18.45 25.78 -38.53
N TYR F 323 -18.25 26.96 -39.13
CA TYR F 323 -18.70 27.17 -40.50
C TYR F 323 -17.76 26.57 -41.53
N VAL F 324 -16.48 26.40 -41.20
CA VAL F 324 -15.62 25.58 -42.05
C VAL F 324 -16.19 24.18 -42.17
N LEU F 325 -16.69 23.64 -41.05
CA LEU F 325 -17.28 22.31 -41.05
C LEU F 325 -18.58 22.29 -41.85
N TRP F 326 -19.53 23.14 -41.48
CA TRP F 326 -20.86 23.09 -42.09
C TRP F 326 -20.79 23.37 -43.59
N LEU F 327 -20.04 24.40 -43.99
CA LEU F 327 -19.95 24.72 -45.42
C LEU F 327 -19.30 23.58 -46.19
N ASP F 328 -18.33 22.89 -45.59
CA ASP F 328 -17.74 21.72 -46.23
C ASP F 328 -18.73 20.58 -46.32
N LEU F 329 -19.44 20.29 -45.22
CA LEU F 329 -20.41 19.21 -45.22
C LEU F 329 -21.58 19.51 -46.15
N ILE F 330 -22.04 20.78 -46.17
CA ILE F 330 -23.10 21.16 -47.08
C ILE F 330 -22.62 21.06 -48.53
N GLY F 331 -21.38 21.49 -48.79
CA GLY F 331 -20.88 21.49 -50.15
C GLY F 331 -20.75 20.10 -50.74
N ARG F 332 -20.20 19.15 -49.97
CA ARG F 332 -19.98 17.81 -50.49
C ARG F 332 -21.27 17.01 -50.61
N ASN F 333 -22.27 17.27 -49.76
CA ASN F 333 -23.53 16.57 -49.88
C ASN F 333 -24.39 17.14 -50.99
N LEU F 334 -24.30 18.44 -51.25
CA LEU F 334 -24.98 19.02 -52.40
C LEU F 334 -24.38 18.52 -53.70
N ALA F 335 -23.05 18.49 -53.79
CA ALA F 335 -22.39 18.04 -55.00
C ALA F 335 -22.68 16.58 -55.27
N SER F 336 -22.53 15.73 -54.25
CA SER F 336 -22.84 14.31 -54.42
C SER F 336 -24.33 14.11 -54.70
N GLY F 337 -25.19 14.91 -54.07
CA GLY F 337 -26.62 14.81 -54.35
C GLY F 337 -26.95 15.12 -55.79
N GLU F 338 -26.30 16.14 -56.37
CA GLU F 338 -26.52 16.46 -57.77
C GLU F 338 -26.09 15.32 -58.69
N ARG F 339 -25.07 14.56 -58.28
CA ARG F 339 -24.56 13.49 -59.13
C ARG F 339 -25.45 12.25 -59.10
N VAL F 340 -25.93 11.87 -57.91
CA VAL F 340 -26.79 10.69 -57.81
C VAL F 340 -28.17 10.96 -58.41
N TRP F 341 -28.68 12.18 -58.25
CA TRP F 341 -29.96 12.58 -58.84
C TRP F 341 -29.76 13.40 -60.11
N ALA F 342 -28.88 12.92 -60.99
CA ALA F 342 -28.43 13.72 -62.13
C ALA F 342 -29.51 13.92 -63.18
N GLY F 343 -30.56 13.12 -63.16
CA GLY F 343 -31.56 13.18 -64.22
C GLY F 343 -32.97 13.50 -63.77
N LYS F 344 -33.60 14.47 -64.42
CA LYS F 344 -34.98 14.84 -64.13
C LYS F 344 -35.95 13.72 -64.47
C4 A1EJ3 G . 2.46 24.02 18.07
C5 A1EJ3 G . 4.07 25.85 18.19
C6 A1EJ3 G . 5.52 26.24 18.09
C7 A1EJ3 G . 2.35 22.61 17.56
N3 A1EJ3 G . 3.81 24.54 18.00
O1 A1EJ3 G . 3.18 26.65 18.41
O2 A1EJ3 G . 2.92 22.17 16.61
C3 A1EJ2 H . 2.90 22.04 22.27
C2 A1EJ2 H . 4.18 22.27 21.45
C4 A1EJ2 H . 2.91 22.80 23.59
C1 A1EJ2 H . 4.56 23.72 21.41
O3 A1EJ2 H . 1.75 22.43 21.51
O2 A1EJ2 H . 3.95 21.79 20.12
O4 A1EJ2 H . 2.38 24.12 23.43
O1 A1EJ2 H . 5.66 24.13 21.26
C1 PEG I . 13.38 -1.98 16.02
O1 PEG I . 12.40 -1.85 17.03
C2 PEG I . 13.02 -1.07 14.88
O2 PEG I . 13.22 -1.73 13.64
C3 PEG I . 14.52 -1.55 13.15
C4 PEG I . 15.17 -2.89 12.88
O4 PEG I . 14.41 -3.60 11.92
C1 PEG J . 25.16 19.27 7.15
O1 PEG J . 26.40 19.30 7.81
C2 PEG J . 24.64 20.68 6.96
O2 PEG J . 24.86 21.10 5.64
C3 PEG J . 23.89 22.04 5.22
C4 PEG J . 24.28 22.64 3.89
O4 PEG J . 23.18 23.31 3.34
C3 A1EJ2 K . -18.64 -19.24 25.94
C2 A1EJ2 K . -18.25 -20.61 26.51
C4 A1EJ2 K . -18.42 -19.15 24.44
C1 A1EJ2 K . -18.87 -20.83 27.86
O3 A1EJ2 K . -20.02 -18.98 26.22
O2 A1EJ2 K . -16.82 -20.69 26.60
O4 A1EJ2 K . -18.90 -17.92 23.92
O1 A1EJ2 K . -18.43 -20.40 28.88
C1 NAG L . -12.91 -10.90 54.14
C2 NAG L . -13.65 -9.63 54.55
C3 NAG L . -15.10 -9.74 54.08
C4 NAG L . -15.16 -10.03 52.59
C5 NAG L . -14.26 -11.22 52.24
C6 NAG L . -14.17 -11.48 50.76
C7 NAG L . -12.80 -8.50 56.58
C8 NAG L . -11.95 -7.64 55.67
N2 NAG L . -13.57 -9.42 55.98
O1 NAG L . -11.59 -10.78 54.53
O3 NAG L . -15.76 -8.53 54.39
O4 NAG L . -16.49 -10.28 52.26
O5 NAG L . -12.96 -11.03 52.75
O6 NAG L . -12.82 -11.44 50.35
O7 NAG L . -12.76 -8.36 57.80
C1 PEG M . 12.68 5.83 29.97
O1 PEG M . 13.94 6.44 29.79
C2 PEG M . 12.46 4.78 28.91
O2 PEG M . 11.15 4.28 28.97
C3 PEG M . 10.83 3.47 27.86
C4 PEG M . 11.79 2.30 27.78
O4 PEG M . 11.53 1.57 26.59
C4 A1EJ3 N . -14.70 -10.78 -30.63
C5 A1EJ3 N . -16.19 -11.45 -28.86
C6 A1EJ3 N . -16.88 -12.61 -28.17
C7 A1EJ3 N . -15.26 -10.49 -31.93
N3 A1EJ3 N . -15.50 -11.77 -29.95
O1 A1EJ3 N . -16.29 -10.27 -28.50
O2 A1EJ3 N . -14.78 -10.84 -32.95
C3 A1EJ2 O . -0.26 -2.40 -55.74
C2 A1EJ2 O . 1.17 -2.16 -56.28
C4 A1EJ2 O . -0.29 -3.49 -54.68
C1 A1EJ2 O . 1.35 -0.73 -56.68
O3 A1EJ2 O . -0.78 -1.19 -55.20
O2 A1EJ2 O . 1.39 -3.01 -57.41
O4 A1EJ2 O . 0.08 -4.74 -55.22
O1 A1EJ2 O . 2.35 -0.27 -57.16
C3 A1EJ2 P . 21.55 -8.45 -45.97
C2 A1EJ2 P . 21.31 -9.10 -47.34
C4 A1EJ2 P . 20.30 -7.76 -45.45
C1 A1EJ2 P . 22.59 -9.67 -47.90
O3 A1EJ2 P . 21.95 -9.45 -45.04
O2 A1EJ2 P . 20.77 -8.11 -48.24
O4 A1EJ2 P . 20.54 -7.19 -44.17
O1 A1EJ2 P . 23.38 -9.05 -48.54
C3 A1EJ2 Q . -1.39 7.76 -26.31
C2 A1EJ2 Q . -2.81 7.51 -26.84
C4 A1EJ2 Q . -0.72 6.47 -25.87
C1 A1EJ2 Q . -3.84 8.17 -25.97
O3 A1EJ2 Q . -0.61 8.37 -27.34
O2 A1EJ2 Q . -3.05 6.10 -26.90
O4 A1EJ2 Q . -0.71 5.51 -26.92
O1 A1EJ2 Q . -3.87 9.33 -25.70
C4 A1EJ3 R . 18.27 -32.90 30.96
C5 A1EJ3 R . 19.46 -33.30 33.05
C6 A1EJ3 R . 19.70 -32.85 34.47
C7 A1EJ3 R . 17.26 -31.98 30.36
N3 A1EJ3 R . 18.59 -32.58 32.35
O1 A1EJ3 R . 20.04 -34.27 32.58
O2 A1EJ3 R . 16.35 -31.47 30.94
C1 PEG S . -7.27 -32.15 18.27
O1 PEG S . -8.18 -31.92 17.22
C2 PEG S . -6.96 -30.84 18.96
O2 PEG S . -6.17 -30.01 18.14
C3 PEG S . -5.46 -29.06 18.88
C4 PEG S . -4.62 -28.20 17.96
O4 PEG S . -5.03 -26.86 18.09
C4 A1EJ0 T . 26.56 4.95 -13.75
C1 A1EJ0 T . 25.87 3.03 -11.46
C5 A1EJ0 T . 27.12 5.66 -14.99
C6 A1EJ0 T . 27.06 4.78 -16.23
C7 A1EJ0 T . 29.19 4.55 -11.05
C8 A1EJ0 T . 29.65 5.68 -10.18
C2 A1EJ0 T . 27.27 3.29 -11.92
C3 A1EJ0 T . 27.31 3.66 -13.41
N2 A1EJ0 T . 27.87 4.34 -11.11
O5 A1EJ0 T . 26.38 6.86 -15.22
O3 A1EJ0 T . 26.75 2.58 -14.15
O4 A1EJ0 T . 25.19 4.67 -13.96
O1 A1EJ0 T . 25.29 3.69 -10.64
O6 A1EJ0 T . 25.78 4.18 -16.37
O7 A1EJ0 T . 30.00 3.86 -11.68
C3 A1EJ2 U . 30.64 6.24 -15.90
C2 A1EJ2 U . 30.82 7.32 -14.82
C4 A1EJ2 U . 29.99 6.80 -17.15
C1 A1EJ2 U . 31.89 8.30 -15.21
O3 A1EJ2 U . 31.92 5.70 -16.25
O2 A1EJ2 U . 31.15 6.69 -13.58
O4 A1EJ2 U . 29.77 5.78 -18.11
O1 A1EJ2 U . 31.74 9.21 -15.96
C1 PEG V . -22.27 12.38 -44.03
O1 PEG V . -22.92 11.37 -44.78
C2 PEG V . -22.38 13.69 -44.74
O2 PEG V . -21.15 14.09 -45.31
C3 PEG V . -20.50 13.06 -46.00
C4 PEG V . -20.86 13.05 -47.47
O4 PEG V . -19.87 12.33 -48.17
#